data_7NYS
#
_entry.id   7NYS
#
_cell.length_a   70.276
_cell.length_b   99.200
_cell.length_c   238.584
_cell.angle_alpha   90.000
_cell.angle_beta   90.000
_cell.angle_gamma   90.000
#
_symmetry.space_group_name_H-M   'P 21 21 21'
#
loop_
_entity.id
_entity.type
_entity.pdbx_description
1 polymer 'CO-methylating acetyl-CoA synthase'
2 non-polymer 'IRON/SULFUR CLUSTER'
3 non-polymer $l^{3}-oxidanylidynemethylnickel
4 non-polymer 'NICKEL (II) ION'
5 non-polymer 'CHLORIDE ION'
6 non-polymer '2-[3,8,8,12,12-pentakis(2-hydroxy-2-oxoethyl)-2,7,11-tris(oxidanylidene)-1,4,6,9,10,13-hexaoxa-5$l^{6}-titanaspiro[4.4^{5}.4^{5}]tridecan-3-yl]ethanoic acid'
7 non-polymer 'MALONATE ION'
8 non-polymer DI(HYDROXYETHYL)ETHER
9 water water
#
_entity_poly.entity_id   1
_entity_poly.type   'polypeptide(L)'
_entity_poly.pdbx_seq_one_letter_code
;NMSEVINFDQIFEGAIEPGKEPKRLFKEVYEGAITATSYAEILLSRAIEKYGPDHPVGYPDTAYFLPVIRAFSGEEVRTL
KDMVPILNRMRAQIKSELTFENARLAGEATWYAAEIIEALRYLKHTPENPIVVPPWTGFIGDPVVRQYGIKMVDWTIPGE
AIIIGRAKDSKAAKKIVDDLMGKGLMLFLCDEIIEQLLEENVKLGVDYIAYPLGNFTQVVHAANYALRAGLMFGGIAPGL
RDAHRDYQRRRVLAFVLYLGEHDMVKTAAAMGAIFTGFPVITDQPLPEDKQIKDWFISEPDYDKIVQTALEVRGIKITSI
DIDLPINFGPAFEGESIRKGDMHVEFGGGKTPSFELVRMVGPDEIEDGKVEVIGPDIDSVEPGGRLPIGIVVDIYGRKMQ
EDFEPVLERRIHYFTNYGEGFWHTAQRDLTWVRISKEAFAKGARLKHLGQLLYAKFKQEFPSIVDRVQVTIYTDEQKVLE
LREIARKKYAERDARLRELSDEAVDTYYSCLLCQSFAPTHVCIVSPERVGLCGAISWLDAKAAYEINPNGPNQPIPKEGL
IDPVKGQWESFNEYIYKNSQRTIERMNLYTIMEYPMTSCGCFEAIMAYLPELNGFMIVNREHSGMTPIGMTFSTLAGMVG
GGTQTPGFMGIGKSYIGSRKFVKADGGLARVVWMPKDLKEQLRSIIEERAEEEGLGRDFIDKIADETVGTTVDEVLPFLE
EKGHPALSMEPLL
;
_entity_poly.pdbx_strand_id   A,B
#
loop_
_chem_comp.id
_chem_comp.type
_chem_comp.name
_chem_comp.formula
CL non-polymer 'CHLORIDE ION' 'Cl -1'
MLI non-polymer 'MALONATE ION' 'C3 H2 O4 -2'
NI non-polymer 'NICKEL (II) ION' 'Ni 2'
PEG non-polymer DI(HYDROXYETHYL)ETHER 'C4 H10 O3'
SF4 non-polymer 'IRON/SULFUR CLUSTER' 'Fe4 S4'
UW8 non-polymer '2-[3,8,8,12,12-pentakis(2-hydroxy-2-oxoethyl)-2,7,11-tris(oxidanylidene)-1,4,6,9,10,13-hexaoxa-5$l^{6}-titanaspiro[4.4^{5}.4^{5}]tridecan-3-yl]ethanoic acid' 'C18 H18 O21 Ti'
UWE non-polymer $l^{3}-oxidanylidynemethylnickel 'C Ni O 1'
#
# COMPACT_ATOMS: atom_id res chain seq x y z
N ILE A 6 -10.53 -38.46 -8.58
CA ILE A 6 -10.41 -37.69 -7.35
C ILE A 6 -11.30 -36.46 -7.44
N ASN A 7 -12.34 -36.42 -6.61
CA ASN A 7 -13.29 -35.32 -6.54
C ASN A 7 -13.30 -34.75 -5.11
N PHE A 8 -12.31 -33.91 -4.81
CA PHE A 8 -12.19 -33.42 -3.43
C PHE A 8 -13.44 -32.65 -3.01
N ASP A 9 -14.05 -31.92 -3.95
CA ASP A 9 -15.20 -31.09 -3.61
C ASP A 9 -16.36 -31.91 -3.07
N GLN A 10 -16.34 -33.22 -3.29
CA GLN A 10 -17.39 -34.09 -2.78
C GLN A 10 -17.51 -33.98 -1.26
N ILE A 11 -16.43 -33.58 -0.57
CA ILE A 11 -16.50 -33.46 0.88
C ILE A 11 -17.51 -32.38 1.31
N PHE A 12 -17.81 -31.42 0.44
CA PHE A 12 -18.71 -30.33 0.79
C PHE A 12 -20.17 -30.60 0.46
N GLU A 13 -20.50 -31.80 -0.03
CA GLU A 13 -21.74 -31.96 -0.80
C GLU A 13 -22.98 -31.57 0.00
N GLY A 14 -23.04 -31.93 1.27
CA GLY A 14 -24.23 -31.71 2.05
C GLY A 14 -24.29 -30.46 2.91
N ALA A 15 -23.28 -29.59 2.83
CA ALA A 15 -23.20 -28.51 3.80
C ALA A 15 -24.35 -27.51 3.63
N ILE A 16 -24.73 -27.21 2.40
CA ILE A 16 -25.75 -26.20 2.13
C ILE A 16 -26.67 -26.74 1.03
N GLU A 17 -27.98 -26.87 1.35
CA GLU A 17 -29.03 -27.29 0.41
C GLU A 17 -29.44 -26.01 -0.34
N PRO A 18 -29.76 -26.06 -1.64
CA PRO A 18 -29.97 -24.83 -2.39
C PRO A 18 -31.16 -23.99 -1.93
N GLY A 19 -31.06 -22.67 -2.04
CA GLY A 19 -32.07 -21.68 -1.63
C GLY A 19 -31.84 -21.13 -0.23
N LYS A 20 -30.92 -21.73 0.53
CA LYS A 20 -30.59 -21.36 1.91
C LYS A 20 -29.08 -21.12 2.00
N GLU A 21 -28.49 -20.48 1.00
CA GLU A 21 -27.06 -20.18 1.04
C GLU A 21 -26.86 -19.08 2.07
N PRO A 22 -25.79 -19.15 2.87
CA PRO A 22 -25.55 -18.03 3.81
C PRO A 22 -25.01 -16.80 3.09
N LYS A 23 -25.91 -16.02 2.50
CA LYS A 23 -25.48 -14.95 1.59
C LYS A 23 -24.69 -13.87 2.31
N ARG A 24 -24.92 -13.66 3.61
CA ARG A 24 -24.11 -12.68 4.34
C ARG A 24 -22.65 -13.13 4.39
N LEU A 25 -22.44 -14.41 4.70
CA LEU A 25 -21.08 -14.94 4.74
C LEU A 25 -20.44 -14.89 3.36
N PHE A 26 -21.17 -15.33 2.33
CA PHE A 26 -20.58 -15.37 0.99
C PHE A 26 -20.27 -13.98 0.47
N LYS A 27 -21.12 -13.00 0.78
CA LYS A 27 -20.84 -11.65 0.30
C LYS A 27 -19.68 -11.03 1.06
N GLU A 28 -19.56 -11.29 2.36
CA GLU A 28 -18.40 -10.81 3.09
C GLU A 28 -17.13 -11.47 2.55
N VAL A 29 -17.22 -12.75 2.19
CA VAL A 29 -16.06 -13.43 1.63
C VAL A 29 -15.69 -12.82 0.29
N TYR A 30 -16.69 -12.47 -0.53
CA TYR A 30 -16.42 -11.88 -1.83
C TYR A 30 -15.75 -10.52 -1.69
N GLU A 31 -16.28 -9.68 -0.78
CA GLU A 31 -15.68 -8.38 -0.57
C GLU A 31 -14.26 -8.51 -0.03
N GLY A 32 -14.03 -9.47 0.87
CA GLY A 32 -12.70 -9.63 1.43
C GLY A 32 -11.69 -10.15 0.41
N ALA A 33 -12.13 -11.04 -0.47
CA ALA A 33 -11.23 -11.55 -1.50
C ALA A 33 -10.90 -10.46 -2.51
N ILE A 34 -11.89 -9.67 -2.92
CA ILE A 34 -11.61 -8.56 -3.83
C ILE A 34 -10.63 -7.60 -3.16
N THR A 35 -10.82 -7.35 -1.86
CA THR A 35 -9.96 -6.42 -1.15
C THR A 35 -8.53 -6.94 -1.07
N ALA A 36 -8.37 -8.22 -0.74
CA ALA A 36 -7.03 -8.78 -0.60
C ALA A 36 -6.30 -8.81 -1.94
N THR A 37 -6.99 -9.23 -3.01
CA THR A 37 -6.34 -9.23 -4.31
C THR A 37 -6.01 -7.81 -4.78
N SER A 38 -6.84 -6.82 -4.42
CA SER A 38 -6.51 -5.44 -4.77
C SER A 38 -5.29 -4.95 -4.00
N TYR A 39 -5.22 -5.26 -2.69
CA TYR A 39 -4.03 -4.93 -1.92
C TYR A 39 -2.79 -5.48 -2.62
N ALA A 40 -2.85 -6.77 -2.98
CA ALA A 40 -1.69 -7.42 -3.57
C ALA A 40 -1.35 -6.83 -4.93
N GLU A 41 -2.38 -6.46 -5.71
CA GLU A 41 -2.12 -5.89 -7.03
C GLU A 41 -1.36 -4.59 -6.91
N ILE A 42 -1.82 -3.70 -6.03
CA ILE A 42 -1.16 -2.40 -5.95
C ILE A 42 0.24 -2.55 -5.37
N LEU A 43 0.41 -3.42 -4.37
CA LEU A 43 1.74 -3.59 -3.80
C LEU A 43 2.70 -4.21 -4.82
N LEU A 44 2.20 -5.14 -5.64
CA LEU A 44 3.05 -5.76 -6.65
C LEU A 44 3.43 -4.78 -7.74
N SER A 45 2.49 -3.94 -8.17
CA SER A 45 2.81 -2.95 -9.19
C SER A 45 3.82 -1.94 -8.67
N ARG A 46 3.66 -1.50 -7.42
CA ARG A 46 4.63 -0.56 -6.87
C ARG A 46 6.01 -1.21 -6.75
N ALA A 47 6.06 -2.48 -6.32
CA ALA A 47 7.34 -3.15 -6.18
C ALA A 47 8.00 -3.38 -7.53
N ILE A 48 7.22 -3.69 -8.57
CA ILE A 48 7.81 -3.89 -9.88
C ILE A 48 8.32 -2.58 -10.45
N GLU A 49 7.60 -1.48 -10.19
CA GLU A 49 8.08 -0.18 -10.63
C GLU A 49 9.38 0.20 -9.92
N LYS A 50 9.51 -0.19 -8.65
CA LYS A 50 10.69 0.23 -7.89
C LYS A 50 11.90 -0.64 -8.19
N TYR A 51 11.73 -1.97 -8.15
CA TYR A 51 12.85 -2.89 -8.25
C TYR A 51 13.05 -3.43 -9.66
N GLY A 52 12.02 -3.42 -10.50
CA GLY A 52 12.07 -4.00 -11.82
C GLY A 52 11.48 -5.39 -11.85
N PRO A 53 10.93 -5.79 -13.00
CA PRO A 53 10.22 -7.08 -13.05
C PRO A 53 11.07 -8.27 -12.68
N ASP A 54 12.37 -8.24 -12.97
CA ASP A 54 13.24 -9.40 -12.79
C ASP A 54 13.79 -9.52 -11.36
N HIS A 55 13.47 -8.59 -10.48
CA HIS A 55 14.04 -8.61 -9.15
C HIS A 55 13.60 -9.88 -8.42
N PRO A 56 14.52 -10.62 -7.78
CA PRO A 56 14.13 -11.84 -7.08
C PRO A 56 13.18 -11.56 -5.92
N VAL A 57 12.28 -12.52 -5.67
CA VAL A 57 11.33 -12.46 -4.56
C VAL A 57 11.21 -13.87 -3.99
N GLY A 58 11.06 -13.96 -2.67
CA GLY A 58 10.93 -15.26 -2.03
C GLY A 58 11.05 -15.16 -0.53
N TYR A 59 11.02 -16.36 0.09
CA TYR A 59 11.01 -16.55 1.54
C TYR A 59 12.35 -17.11 2.00
N PRO A 60 12.74 -16.87 3.24
CA PRO A 60 14.02 -17.44 3.73
C PRO A 60 13.93 -18.93 4.00
N ASP A 61 14.92 -19.67 3.51
CA ASP A 61 15.18 -21.05 3.90
C ASP A 61 14.01 -21.98 3.58
N THR A 62 13.61 -22.00 2.31
CA THR A 62 12.63 -22.97 1.86
C THR A 62 12.98 -23.47 0.47
N ALA A 63 12.69 -24.75 0.23
CA ALA A 63 12.86 -25.37 -1.07
C ALA A 63 11.64 -25.20 -1.96
N TYR A 64 10.59 -24.54 -1.49
CA TYR A 64 9.29 -24.54 -2.16
C TYR A 64 8.81 -23.15 -2.52
N PHE A 65 9.74 -22.23 -2.74
CA PHE A 65 9.41 -20.95 -3.37
C PHE A 65 8.29 -20.27 -2.61
N LEU A 66 7.13 -20.08 -3.24
CA LEU A 66 5.96 -19.64 -2.49
C LEU A 66 5.09 -20.86 -2.28
N PRO A 67 5.15 -21.52 -1.11
CA PRO A 67 4.62 -22.88 -1.02
C PRO A 67 3.13 -23.01 -1.33
N VAL A 68 2.31 -22.00 -1.01
CA VAL A 68 0.89 -22.12 -1.32
C VAL A 68 0.68 -22.25 -2.82
N ILE A 69 1.33 -21.35 -3.58
CA ILE A 69 1.24 -21.40 -5.03
C ILE A 69 1.92 -22.65 -5.57
N ARG A 70 3.07 -23.02 -4.99
CA ARG A 70 3.79 -24.18 -5.46
C ARG A 70 2.97 -25.45 -5.30
N ALA A 71 2.16 -25.53 -4.25
CA ALA A 71 1.34 -26.71 -4.04
C ALA A 71 0.09 -26.69 -4.92
N PHE A 72 -0.66 -25.59 -4.90
CA PHE A 72 -1.97 -25.62 -5.53
C PHE A 72 -1.92 -25.41 -7.04
N SER A 73 -0.94 -24.65 -7.54
CA SER A 73 -0.81 -24.45 -8.99
C SER A 73 0.58 -24.73 -9.54
N GLY A 74 1.59 -24.90 -8.69
CA GLY A 74 2.87 -25.46 -9.09
C GLY A 74 3.89 -24.50 -9.64
N GLU A 75 3.57 -23.21 -9.77
CA GLU A 75 4.51 -22.26 -10.36
C GLU A 75 5.75 -22.11 -9.48
N GLU A 76 6.90 -21.96 -10.14
CA GLU A 76 8.17 -21.72 -9.45
C GLU A 76 8.40 -20.20 -9.40
N VAL A 77 7.72 -19.55 -8.46
CA VAL A 77 7.85 -18.10 -8.35
C VAL A 77 9.26 -17.76 -7.88
N ARG A 78 9.96 -16.94 -8.67
CA ARG A 78 11.33 -16.58 -8.36
C ARG A 78 11.52 -15.06 -8.41
N THR A 79 10.70 -14.39 -9.21
CA THR A 79 10.85 -12.95 -9.40
C THR A 79 9.48 -12.29 -9.41
N LEU A 80 9.47 -10.97 -9.26
CA LEU A 80 8.22 -10.24 -9.15
C LEU A 80 7.35 -10.48 -10.39
N LYS A 81 7.98 -10.54 -11.55
CA LYS A 81 7.27 -10.78 -12.81
C LYS A 81 6.44 -12.05 -12.74
N ASP A 82 7.01 -13.10 -12.14
CA ASP A 82 6.30 -14.37 -12.09
C ASP A 82 4.96 -14.22 -11.38
N MET A 83 4.88 -13.31 -10.42
CA MET A 83 3.65 -13.18 -9.65
C MET A 83 2.51 -12.59 -10.47
N VAL A 84 2.83 -11.79 -11.49
CA VAL A 84 1.78 -11.01 -12.14
C VAL A 84 0.70 -11.88 -12.77
N PRO A 85 1.03 -12.84 -13.64
CA PRO A 85 -0.06 -13.67 -14.20
C PRO A 85 -0.86 -14.41 -13.14
N ILE A 86 -0.19 -14.92 -12.11
CA ILE A 86 -0.87 -15.73 -11.11
C ILE A 86 -1.96 -14.90 -10.44
N LEU A 87 -1.59 -13.70 -9.96
CA LEU A 87 -2.57 -12.85 -9.32
C LEU A 87 -3.71 -12.55 -10.27
N ASN A 88 -3.40 -12.31 -11.55
CA ASN A 88 -4.47 -12.01 -12.49
C ASN A 88 -5.45 -13.16 -12.52
N ARG A 89 -4.93 -14.39 -12.60
CA ARG A 89 -5.81 -15.56 -12.63
C ARG A 89 -6.66 -15.58 -11.37
N MET A 90 -6.04 -15.36 -10.21
CA MET A 90 -6.80 -15.45 -8.97
C MET A 90 -7.86 -14.36 -8.93
N ARG A 91 -7.56 -13.17 -9.46
CA ARG A 91 -8.57 -12.13 -9.48
C ARG A 91 -9.72 -12.51 -10.40
N ALA A 92 -9.43 -13.26 -11.46
CA ALA A 92 -10.46 -13.61 -12.43
C ALA A 92 -11.46 -14.61 -11.88
N GLN A 93 -11.06 -15.42 -10.89
CA GLN A 93 -11.92 -16.49 -10.40
C GLN A 93 -12.78 -16.05 -9.22
N ILE A 94 -12.72 -14.78 -8.82
CA ILE A 94 -13.63 -14.23 -7.81
C ILE A 94 -14.89 -13.79 -8.53
N LYS A 95 -16.01 -14.44 -8.22
CA LYS A 95 -17.26 -14.26 -8.94
C LYS A 95 -18.34 -13.70 -8.04
N SER A 96 -19.21 -12.86 -8.63
CA SER A 96 -20.26 -12.20 -7.87
C SER A 96 -21.27 -13.19 -7.31
N GLU A 97 -21.56 -14.26 -8.03
CA GLU A 97 -22.65 -15.14 -7.65
C GLU A 97 -22.35 -15.82 -6.31
N LEU A 98 -23.34 -15.84 -5.42
CA LEU A 98 -23.13 -16.22 -4.03
C LEU A 98 -23.41 -17.71 -3.84
N THR A 99 -22.46 -18.52 -4.30
CA THR A 99 -22.46 -19.96 -4.10
C THR A 99 -21.27 -20.38 -3.25
N PHE A 100 -21.40 -21.53 -2.60
CA PHE A 100 -20.33 -22.05 -1.77
C PHE A 100 -19.08 -22.32 -2.59
N GLU A 101 -19.24 -22.76 -3.85
CA GLU A 101 -18.09 -23.01 -4.70
C GLU A 101 -17.33 -21.72 -5.01
N ASN A 102 -18.08 -20.65 -5.32
CA ASN A 102 -17.42 -19.37 -5.56
C ASN A 102 -16.78 -18.82 -4.30
N ALA A 103 -17.36 -19.10 -3.14
CA ALA A 103 -16.74 -18.66 -1.89
C ALA A 103 -15.43 -19.39 -1.64
N ARG A 104 -15.38 -20.70 -1.94
CA ARG A 104 -14.13 -21.43 -1.78
C ARG A 104 -13.08 -20.93 -2.77
N LEU A 105 -13.49 -20.60 -3.99
CA LEU A 105 -12.54 -20.04 -4.94
C LEU A 105 -12.04 -18.68 -4.48
N ALA A 106 -12.92 -17.87 -3.88
CA ALA A 106 -12.49 -16.60 -3.32
C ALA A 106 -11.51 -16.79 -2.17
N GLY A 107 -11.71 -17.85 -1.37
CA GLY A 107 -10.77 -18.10 -0.29
C GLY A 107 -9.41 -18.55 -0.80
N GLU A 108 -9.41 -19.35 -1.87
CA GLU A 108 -8.13 -19.70 -2.48
C GLU A 108 -7.43 -18.47 -3.04
N ALA A 109 -8.18 -17.57 -3.69
CA ALA A 109 -7.58 -16.34 -4.19
C ALA A 109 -7.07 -15.47 -3.05
N THR A 110 -7.77 -15.47 -1.91
CA THR A 110 -7.28 -14.70 -0.77
C THR A 110 -5.99 -15.26 -0.22
N TRP A 111 -5.87 -16.60 -0.20
CA TRP A 111 -4.61 -17.20 0.23
C TRP A 111 -3.48 -16.85 -0.73
N TYR A 112 -3.76 -16.88 -2.04
CA TYR A 112 -2.73 -16.51 -3.01
C TYR A 112 -2.32 -15.05 -2.83
N ALA A 113 -3.29 -14.18 -2.58
CA ALA A 113 -2.97 -12.76 -2.40
C ALA A 113 -2.15 -12.53 -1.15
N ALA A 114 -2.50 -13.21 -0.06
CA ALA A 114 -1.71 -13.04 1.17
C ALA A 114 -0.30 -13.58 0.99
N GLU A 115 -0.14 -14.69 0.26
CA GLU A 115 1.20 -15.21 0.01
C GLU A 115 2.04 -14.24 -0.79
N ILE A 116 1.42 -13.63 -1.81
CA ILE A 116 2.13 -12.64 -2.62
C ILE A 116 2.52 -11.44 -1.78
N ILE A 117 1.59 -10.96 -0.95
CA ILE A 117 1.86 -9.78 -0.14
C ILE A 117 2.99 -10.06 0.84
N GLU A 118 3.03 -11.28 1.39
CA GLU A 118 4.08 -11.59 2.37
C GLU A 118 5.44 -11.74 1.70
N ALA A 119 5.50 -12.35 0.51
CA ALA A 119 6.78 -12.41 -0.19
C ALA A 119 7.29 -11.01 -0.52
N LEU A 120 6.37 -10.12 -0.91
CA LEU A 120 6.76 -8.73 -1.16
C LEU A 120 7.26 -8.09 0.14
N ARG A 121 6.64 -8.44 1.27
CA ARG A 121 7.12 -7.92 2.55
C ARG A 121 8.55 -8.39 2.82
N TYR A 122 8.85 -9.62 2.45
CA TYR A 122 10.17 -10.19 2.72
C TYR A 122 11.22 -9.72 1.73
N LEU A 123 10.80 -9.03 0.67
CA LEU A 123 11.80 -8.41 -0.19
C LEU A 123 12.77 -7.54 0.61
N LYS A 124 12.30 -6.93 1.69
CA LYS A 124 13.13 -6.12 2.57
C LYS A 124 13.85 -6.93 3.63
N HIS A 125 13.62 -8.24 3.67
CA HIS A 125 14.16 -9.07 4.73
C HIS A 125 15.55 -9.56 4.35
N THR A 126 16.48 -9.42 5.29
CA THR A 126 17.78 -10.06 5.30
C THR A 126 17.94 -10.64 6.69
N PRO A 127 18.73 -11.70 6.84
CA PRO A 127 18.92 -12.25 8.20
C PRO A 127 19.53 -11.29 9.17
N GLU A 128 20.18 -10.25 8.66
CA GLU A 128 20.87 -9.21 9.41
C GLU A 128 20.20 -7.84 9.33
N ASN A 129 19.06 -7.75 8.65
CA ASN A 129 18.11 -6.65 8.78
C ASN A 129 16.77 -7.36 8.78
N PRO A 130 16.51 -8.17 9.80
CA PRO A 130 15.29 -8.97 9.80
C PRO A 130 14.06 -8.10 9.92
N ILE A 131 12.98 -8.53 9.26
CA ILE A 131 11.68 -7.88 9.44
C ILE A 131 10.85 -8.52 10.56
N VAL A 132 11.37 -9.56 11.20
CA VAL A 132 10.67 -10.22 12.30
C VAL A 132 11.72 -10.68 13.29
N VAL A 133 11.34 -10.71 14.57
CA VAL A 133 12.27 -11.13 15.62
C VAL A 133 11.56 -12.11 16.56
N PRO A 134 12.29 -13.01 17.22
CA PRO A 134 11.65 -13.93 18.13
C PRO A 134 11.00 -13.19 19.29
N PRO A 135 9.91 -13.73 19.85
CA PRO A 135 9.36 -15.05 19.54
C PRO A 135 8.54 -15.14 18.25
N TRP A 136 8.25 -14.00 17.62
CA TRP A 136 7.53 -14.02 16.35
C TRP A 136 8.33 -14.78 15.30
N THR A 137 7.62 -15.47 14.42
CA THR A 137 8.26 -16.27 13.38
C THR A 137 8.14 -15.66 11.98
N GLY A 138 7.00 -15.06 11.66
CA GLY A 138 6.73 -14.78 10.26
C GLY A 138 6.72 -16.08 9.49
N PHE A 139 7.31 -16.07 8.29
CA PHE A 139 7.44 -17.30 7.53
C PHE A 139 8.34 -18.27 8.30
N ILE A 140 7.90 -19.52 8.40
CA ILE A 140 8.62 -20.55 9.14
C ILE A 140 9.41 -21.38 8.14
N GLY A 141 10.69 -21.59 8.43
CA GLY A 141 11.55 -22.29 7.50
C GLY A 141 11.27 -23.78 7.44
N ASP A 142 11.74 -24.39 6.36
CA ASP A 142 11.59 -25.82 6.17
C ASP A 142 12.12 -26.62 7.36
N PRO A 143 13.28 -26.31 7.94
CA PRO A 143 13.80 -27.16 9.02
C PRO A 143 12.84 -27.31 10.20
N VAL A 144 12.04 -26.30 10.52
CA VAL A 144 11.10 -26.43 11.64
C VAL A 144 9.99 -27.41 11.29
N VAL A 145 9.45 -27.31 10.08
CA VAL A 145 8.44 -28.26 9.63
C VAL A 145 8.98 -29.68 9.75
N ARG A 146 10.19 -29.89 9.24
CA ARG A 146 10.79 -31.22 9.29
C ARG A 146 11.09 -31.65 10.73
N GLN A 147 11.45 -30.71 11.59
CA GLN A 147 11.82 -31.04 12.96
C GLN A 147 10.61 -31.54 13.75
N TYR A 148 9.41 -31.05 13.42
CA TYR A 148 8.21 -31.53 14.10
C TYR A 148 7.42 -32.58 13.31
N GLY A 149 7.88 -32.94 12.12
CA GLY A 149 7.19 -34.00 11.39
C GLY A 149 7.08 -35.29 12.18
N ILE A 150 8.14 -35.64 12.92
CA ILE A 150 8.12 -36.93 13.63
C ILE A 150 7.07 -36.92 14.73
N LYS A 151 6.83 -35.78 15.37
CA LYS A 151 5.74 -35.70 16.33
C LYS A 151 4.40 -35.73 15.63
N MET A 152 4.35 -35.27 14.38
CA MET A 152 3.08 -35.32 13.66
C MET A 152 2.70 -36.74 13.24
N VAL A 153 3.69 -37.55 12.82
CA VAL A 153 3.34 -38.82 12.18
C VAL A 153 2.72 -39.80 13.17
N ASP A 154 3.08 -39.72 14.45
CA ASP A 154 2.49 -40.57 15.48
C ASP A 154 1.47 -39.84 16.32
N TRP A 155 1.10 -38.63 15.91
CA TRP A 155 0.04 -37.85 16.56
C TRP A 155 0.37 -37.54 18.02
N THR A 156 1.67 -37.47 18.34
CA THR A 156 2.07 -36.77 19.56
C THR A 156 1.62 -35.32 19.48
N ILE A 157 1.60 -34.76 18.28
CA ILE A 157 0.84 -33.55 17.97
C ILE A 157 -0.49 -34.02 17.34
N PRO A 158 -1.61 -33.96 18.06
CA PRO A 158 -2.86 -34.52 17.51
C PRO A 158 -3.42 -33.71 16.35
N GLY A 159 -3.03 -32.45 16.22
CA GLY A 159 -3.64 -31.58 15.24
C GLY A 159 -3.09 -30.17 15.38
N GLU A 160 -3.70 -29.25 14.64
CA GLU A 160 -3.23 -27.88 14.57
C GLU A 160 -4.39 -26.91 14.75
N ALA A 161 -4.12 -25.83 15.47
CA ALA A 161 -5.09 -24.77 15.70
C ALA A 161 -4.54 -23.48 15.13
N ILE A 162 -5.25 -22.93 14.14
CA ILE A 162 -4.91 -21.64 13.56
C ILE A 162 -5.83 -20.61 14.22
N ILE A 163 -5.26 -19.79 15.08
CA ILE A 163 -6.03 -18.84 15.88
C ILE A 163 -5.78 -17.44 15.34
N ILE A 164 -6.82 -16.80 14.84
CA ILE A 164 -6.71 -15.45 14.29
C ILE A 164 -7.66 -14.54 15.06
N GLY A 165 -7.26 -13.28 15.19
CA GLY A 165 -8.12 -12.30 15.82
C GLY A 165 -7.76 -12.05 17.28
N ARG A 166 -8.79 -11.87 18.10
CA ARG A 166 -8.61 -11.45 19.49
C ARG A 166 -9.57 -12.21 20.38
N ALA A 167 -9.05 -12.82 21.44
CA ALA A 167 -9.88 -13.42 22.45
C ALA A 167 -10.62 -12.34 23.22
N LYS A 168 -11.76 -12.71 23.81
CA LYS A 168 -12.60 -11.71 24.45
C LYS A 168 -11.81 -10.94 25.51
N ASP A 169 -10.84 -11.58 26.13
CA ASP A 169 -9.84 -10.88 26.93
C ASP A 169 -8.64 -11.81 27.10
N SER A 170 -7.55 -11.24 27.62
CA SER A 170 -6.29 -11.98 27.69
C SER A 170 -6.42 -13.24 28.53
N LYS A 171 -7.27 -13.20 29.56
CA LYS A 171 -7.42 -14.36 30.44
C LYS A 171 -8.08 -15.52 29.71
N ALA A 172 -9.10 -15.23 28.89
CA ALA A 172 -9.71 -16.28 28.09
C ALA A 172 -8.73 -16.84 27.07
N ALA A 173 -7.88 -15.97 26.52
CA ALA A 173 -6.85 -16.43 25.60
C ALA A 173 -5.90 -17.40 26.30
N LYS A 174 -5.44 -17.03 27.50
CA LYS A 174 -4.55 -17.92 28.24
C LYS A 174 -5.24 -19.23 28.55
N LYS A 175 -6.53 -19.19 28.87
CA LYS A 175 -7.21 -20.45 29.22
C LYS A 175 -7.26 -21.38 28.01
N ILE A 176 -7.76 -20.89 26.88
CA ILE A 176 -7.91 -21.80 25.75
C ILE A 176 -6.54 -22.24 25.24
N VAL A 177 -5.53 -21.38 25.31
CA VAL A 177 -4.23 -21.75 24.77
C VAL A 177 -3.50 -22.72 25.68
N ASP A 178 -3.61 -22.55 27.01
CA ASP A 178 -3.05 -23.54 27.91
C ASP A 178 -3.74 -24.88 27.72
N ASP A 179 -5.05 -24.87 27.49
CA ASP A 179 -5.77 -26.11 27.22
C ASP A 179 -5.25 -26.78 25.97
N LEU A 180 -5.09 -26.00 24.89
CA LEU A 180 -4.62 -26.58 23.63
C LEU A 180 -3.19 -27.09 23.75
N MET A 181 -2.37 -26.35 24.45
CA MET A 181 -0.96 -26.73 24.62
C MET A 181 -0.92 -28.02 25.40
N GLY A 182 -1.77 -28.25 26.46
CA GLY A 182 -1.81 -29.49 27.21
C GLY A 182 -2.32 -30.67 26.42
N LYS A 183 -3.12 -30.42 25.38
CA LYS A 183 -3.54 -31.45 24.45
C LYS A 183 -2.51 -31.70 23.35
N GLY A 184 -1.45 -30.91 23.28
CA GLY A 184 -0.38 -31.14 22.33
C GLY A 184 -0.60 -30.63 20.93
N LEU A 185 -1.64 -29.85 20.69
CA LEU A 185 -1.87 -29.30 19.36
C LEU A 185 -0.80 -28.26 19.03
N MET A 186 -0.36 -28.23 17.77
CA MET A 186 0.58 -27.22 17.23
C MET A 186 -0.28 -25.97 17.00
N LEU A 187 0.17 -24.80 17.40
CA LEU A 187 -0.58 -23.56 17.32
C LEU A 187 0.04 -22.59 16.32
N PHE A 188 -0.81 -21.97 15.52
CA PHE A 188 -0.46 -20.82 14.70
C PHE A 188 -1.29 -19.64 15.17
N LEU A 189 -0.62 -18.58 15.65
CA LEU A 189 -1.28 -17.44 16.24
C LEU A 189 -1.10 -16.21 15.36
N CYS A 190 -2.18 -15.43 15.20
CA CYS A 190 -2.15 -14.25 14.35
C CYS A 190 -3.00 -13.16 14.98
N ASP A 191 -2.51 -11.92 14.89
CA ASP A 191 -3.22 -10.73 15.37
C ASP A 191 -3.14 -10.59 16.89
N GLU A 192 -4.11 -9.90 17.49
CA GLU A 192 -3.97 -9.40 18.85
C GLU A 192 -3.96 -10.50 19.90
N ILE A 193 -4.32 -11.72 19.53
CA ILE A 193 -4.21 -12.83 20.46
C ILE A 193 -2.78 -13.00 20.96
N ILE A 194 -1.80 -12.66 20.12
CA ILE A 194 -0.40 -12.86 20.50
C ILE A 194 -0.03 -11.96 21.67
N GLU A 195 -0.31 -10.67 21.56
CA GLU A 195 0.02 -9.75 22.65
C GLU A 195 -0.79 -10.08 23.90
N GLN A 196 -2.02 -10.57 23.72
CA GLN A 196 -2.81 -11.00 24.87
C GLN A 196 -2.11 -12.13 25.60
N LEU A 197 -1.60 -13.12 24.86
CA LEU A 197 -0.94 -14.24 25.48
C LEU A 197 0.37 -13.81 26.15
N LEU A 198 1.10 -12.89 25.51
CA LEU A 198 2.35 -12.44 26.10
C LEU A 198 2.12 -11.65 27.38
N GLU A 199 1.01 -10.92 27.46
CA GLU A 199 0.69 -10.21 28.70
C GLU A 199 0.42 -11.18 29.84
N GLU A 200 -0.08 -12.38 29.52
CA GLU A 200 -0.37 -13.40 30.52
C GLU A 200 0.80 -14.33 30.76
N ASN A 201 1.95 -14.05 30.14
CA ASN A 201 3.16 -14.85 30.30
C ASN A 201 2.96 -16.31 29.88
N VAL A 202 2.13 -16.53 28.87
CA VAL A 202 2.13 -17.82 28.19
C VAL A 202 3.41 -17.96 27.38
N LYS A 203 4.01 -19.15 27.41
CA LYS A 203 5.24 -19.38 26.66
C LYS A 203 4.92 -19.59 25.18
N LEU A 204 5.56 -18.80 24.32
CA LEU A 204 5.32 -18.87 22.89
C LEU A 204 6.65 -18.93 22.15
N GLY A 205 6.61 -19.47 20.93
CA GLY A 205 7.78 -19.60 20.09
C GLY A 205 7.93 -21.00 19.53
N VAL A 206 8.88 -21.12 18.61
CA VAL A 206 9.07 -22.38 17.90
C VAL A 206 9.45 -23.50 18.86
N ASP A 207 10.15 -23.18 19.94
CA ASP A 207 10.51 -24.21 20.91
C ASP A 207 9.29 -24.78 21.62
N TYR A 208 8.20 -24.03 21.66
CA TYR A 208 6.96 -24.44 22.31
C TYR A 208 5.89 -24.88 21.32
N ILE A 209 6.25 -25.03 20.04
CA ILE A 209 5.34 -25.47 19.00
C ILE A 209 4.11 -24.57 18.99
N ALA A 210 4.32 -23.27 19.26
CA ALA A 210 3.26 -22.28 19.28
C ALA A 210 3.82 -21.04 18.60
N TYR A 211 3.50 -20.86 17.31
CA TYR A 211 4.17 -19.87 16.48
C TYR A 211 3.39 -18.57 16.45
N PRO A 212 3.93 -17.45 16.96
CA PRO A 212 3.30 -16.15 16.70
C PRO A 212 3.67 -15.63 15.32
N LEU A 213 2.82 -15.88 14.33
CA LEU A 213 3.15 -15.53 12.95
C LEU A 213 3.27 -14.02 12.76
N GLY A 214 2.49 -13.24 13.49
CA GLY A 214 2.38 -11.81 13.21
C GLY A 214 0.93 -11.39 13.16
N ASN A 215 0.58 -10.49 12.26
CA ASN A 215 -0.80 -10.02 12.11
C ASN A 215 -1.19 -10.07 10.64
N PHE A 216 -2.50 -9.97 10.37
CA PHE A 216 -2.98 -9.64 9.03
C PHE A 216 -2.52 -10.73 8.06
N THR A 217 -1.85 -10.39 6.96
CA THR A 217 -1.52 -11.39 5.95
C THR A 217 -0.53 -12.43 6.45
N GLN A 218 0.13 -12.18 7.58
CA GLN A 218 1.00 -13.19 8.15
C GLN A 218 0.23 -14.47 8.48
N VAL A 219 -1.10 -14.43 8.50
CA VAL A 219 -1.87 -15.66 8.71
C VAL A 219 -1.51 -16.70 7.66
N VAL A 220 -1.12 -16.25 6.46
CA VAL A 220 -0.84 -17.19 5.38
C VAL A 220 0.34 -18.09 5.73
N HIS A 221 1.16 -17.70 6.71
CA HIS A 221 2.30 -18.53 7.08
C HIS A 221 1.88 -19.78 7.83
N ALA A 222 0.63 -19.87 8.29
CA ALA A 222 0.08 -21.17 8.64
C ALA A 222 -0.13 -22.01 7.38
N ALA A 223 -0.76 -21.41 6.36
CA ALA A 223 -1.11 -22.18 5.17
C ALA A 223 0.13 -22.73 4.48
N ASN A 224 1.12 -21.86 4.20
CA ASN A 224 2.31 -22.35 3.50
C ASN A 224 3.09 -23.33 4.37
N TYR A 225 2.89 -23.32 5.69
CA TYR A 225 3.43 -24.38 6.53
C TYR A 225 2.72 -25.69 6.24
N ALA A 226 1.38 -25.69 6.34
CA ALA A 226 0.65 -26.94 6.21
C ALA A 226 0.85 -27.57 4.85
N LEU A 227 0.80 -26.77 3.79
CA LEU A 227 0.93 -27.32 2.45
C LEU A 227 2.29 -27.95 2.25
N ARG A 228 3.32 -27.45 2.93
CA ARG A 228 4.64 -28.04 2.74
C ARG A 228 4.66 -29.49 3.19
N ALA A 229 3.77 -29.85 4.13
CA ALA A 229 3.73 -31.23 4.59
C ALA A 229 3.44 -32.17 3.43
N GLY A 230 2.59 -31.74 2.49
CA GLY A 230 2.35 -32.57 1.32
C GLY A 230 3.48 -32.49 0.31
N LEU A 231 4.12 -31.33 0.19
CA LEU A 231 5.23 -31.18 -0.74
C LEU A 231 6.47 -31.94 -0.27
N MET A 232 6.62 -32.09 1.04
CA MET A 232 7.78 -32.78 1.61
C MET A 232 7.49 -34.26 1.79
N PHE A 233 6.93 -34.63 2.95
CA PHE A 233 6.80 -36.03 3.29
C PHE A 233 5.90 -36.77 2.30
N GLY A 234 4.86 -36.11 1.82
CA GLY A 234 3.92 -36.78 0.93
C GLY A 234 4.41 -36.95 -0.48
N GLY A 235 5.44 -36.21 -0.87
CA GLY A 235 5.99 -36.34 -2.20
C GLY A 235 5.04 -35.97 -3.30
N ILE A 236 3.96 -35.25 -2.97
CA ILE A 236 2.99 -34.87 -3.99
C ILE A 236 3.62 -33.83 -4.92
N ALA A 237 3.40 -33.99 -6.21
CA ALA A 237 4.03 -33.12 -7.19
C ALA A 237 3.46 -31.72 -7.05
N PRO A 238 4.28 -30.68 -7.29
CA PRO A 238 3.74 -29.33 -7.28
C PRO A 238 2.65 -29.20 -8.34
N GLY A 239 1.59 -28.47 -8.00
CA GLY A 239 0.50 -28.22 -8.92
C GLY A 239 -0.62 -29.24 -8.94
N LEU A 240 -0.51 -30.34 -8.20
CA LEU A 240 -1.59 -31.31 -8.11
C LEU A 240 -2.56 -30.83 -7.04
N ARG A 241 -3.49 -29.96 -7.45
CA ARG A 241 -4.28 -29.17 -6.51
C ARG A 241 -5.17 -30.04 -5.64
N ASP A 242 -5.98 -30.89 -6.26
CA ASP A 242 -6.89 -31.73 -5.48
C ASP A 242 -6.12 -32.76 -4.67
N ALA A 243 -4.98 -33.23 -5.17
CA ALA A 243 -4.19 -34.16 -4.37
C ALA A 243 -3.64 -33.50 -3.12
N HIS A 244 -3.20 -32.24 -3.23
CA HIS A 244 -2.72 -31.53 -2.06
C HIS A 244 -3.86 -31.25 -1.09
N ARG A 245 -5.02 -30.85 -1.60
CA ARG A 245 -6.15 -30.60 -0.71
C ARG A 245 -6.58 -31.89 0.01
N ASP A 246 -6.54 -33.01 -0.70
CA ASP A 246 -6.89 -34.29 -0.09
C ASP A 246 -5.87 -34.70 0.97
N TYR A 247 -4.58 -34.44 0.71
CA TYR A 247 -3.56 -34.72 1.71
C TYR A 247 -3.80 -33.87 2.95
N GLN A 248 -4.13 -32.60 2.76
CA GLN A 248 -4.39 -31.72 3.89
C GLN A 248 -5.58 -32.21 4.69
N ARG A 249 -6.68 -32.52 4.02
CA ARG A 249 -7.88 -32.93 4.73
C ARG A 249 -7.66 -34.23 5.48
N ARG A 250 -6.98 -35.19 4.87
CA ARG A 250 -6.85 -36.50 5.49
C ARG A 250 -5.80 -36.52 6.60
N ARG A 251 -4.76 -35.69 6.50
CA ARG A 251 -3.60 -35.86 7.37
C ARG A 251 -3.26 -34.64 8.21
N VAL A 252 -3.54 -33.43 7.73
CA VAL A 252 -3.25 -32.21 8.48
C VAL A 252 -4.55 -31.84 9.21
N LEU A 253 -4.67 -32.27 10.46
CA LEU A 253 -5.90 -32.10 11.23
C LEU A 253 -5.94 -30.69 11.82
N ALA A 254 -6.04 -29.70 10.93
CA ALA A 254 -6.03 -28.30 11.30
C ALA A 254 -7.45 -27.74 11.32
N PHE A 255 -7.64 -26.71 12.13
CA PHE A 255 -8.89 -25.95 12.17
C PHE A 255 -8.56 -24.51 12.53
N VAL A 256 -9.47 -23.60 12.19
CA VAL A 256 -9.32 -22.19 12.49
C VAL A 256 -10.21 -21.82 13.67
N LEU A 257 -9.65 -21.05 14.60
CA LEU A 257 -10.43 -20.37 15.65
C LEU A 257 -10.45 -18.88 15.32
N TYR A 258 -11.61 -18.39 14.92
CA TYR A 258 -11.83 -17.02 14.46
C TYR A 258 -12.43 -16.23 15.62
N LEU A 259 -11.56 -15.57 16.38
CA LEU A 259 -11.96 -14.91 17.62
C LEU A 259 -12.09 -13.41 17.42
N GLY A 260 -13.08 -12.82 18.08
CA GLY A 260 -13.26 -11.38 18.05
C GLY A 260 -14.08 -10.89 16.88
N GLU A 261 -14.10 -9.57 16.74
CA GLU A 261 -14.92 -8.93 15.72
C GLU A 261 -14.47 -9.38 14.34
N HIS A 262 -15.45 -9.73 13.51
CA HIS A 262 -15.16 -10.15 12.14
C HIS A 262 -14.81 -8.94 11.27
N ASP A 263 -13.96 -9.20 10.27
CA ASP A 263 -13.73 -8.26 9.18
C ASP A 263 -13.53 -9.08 7.91
N MET A 264 -13.73 -8.43 6.76
CA MET A 264 -13.93 -9.18 5.52
C MET A 264 -12.69 -9.97 5.12
N VAL A 265 -11.50 -9.38 5.29
CA VAL A 265 -10.29 -10.08 4.86
C VAL A 265 -10.03 -11.31 5.73
N LYS A 266 -10.32 -11.20 7.04
N LYS A 266 -10.31 -11.20 7.04
CA LYS A 266 -10.15 -12.36 7.90
CA LYS A 266 -10.17 -12.34 7.91
C LYS A 266 -11.13 -13.46 7.53
C LYS A 266 -11.13 -13.45 7.51
N THR A 267 -12.37 -13.08 7.18
CA THR A 267 -13.36 -14.08 6.77
C THR A 267 -12.97 -14.75 5.46
N ALA A 268 -12.37 -14.00 4.53
CA ALA A 268 -11.94 -14.62 3.28
C ALA A 268 -10.77 -15.57 3.52
N ALA A 269 -9.87 -15.21 4.43
CA ALA A 269 -8.77 -16.13 4.76
C ALA A 269 -9.31 -17.41 5.41
N ALA A 270 -10.31 -17.26 6.29
CA ALA A 270 -10.93 -18.44 6.88
C ALA A 270 -11.61 -19.28 5.81
N MET A 271 -12.20 -18.63 4.81
CA MET A 271 -12.81 -19.37 3.71
C MET A 271 -11.77 -20.11 2.89
N GLY A 272 -10.55 -19.57 2.78
CA GLY A 272 -9.49 -20.33 2.14
C GLY A 272 -9.12 -21.57 2.94
N ALA A 273 -9.14 -21.43 4.27
CA ALA A 273 -8.93 -22.60 5.11
C ALA A 273 -10.01 -23.65 4.83
N ILE A 274 -11.26 -23.22 4.71
CA ILE A 274 -12.33 -24.16 4.37
C ILE A 274 -12.09 -24.73 2.98
N PHE A 275 -11.54 -23.94 2.07
CA PHE A 275 -11.30 -24.38 0.71
C PHE A 275 -10.36 -25.57 0.68
N THR A 276 -9.41 -25.63 1.62
CA THR A 276 -8.53 -26.77 1.69
C THR A 276 -8.94 -27.80 2.75
N GLY A 277 -10.15 -27.68 3.31
CA GLY A 277 -10.69 -28.69 4.20
C GLY A 277 -10.56 -28.46 5.68
N PHE A 278 -10.21 -27.25 6.11
CA PHE A 278 -10.12 -26.95 7.55
C PHE A 278 -11.38 -26.23 8.01
N PRO A 279 -12.15 -26.77 8.96
CA PRO A 279 -13.32 -26.04 9.47
C PRO A 279 -12.93 -24.82 10.28
N VAL A 280 -13.86 -23.87 10.34
CA VAL A 280 -13.69 -22.62 11.07
C VAL A 280 -14.69 -22.56 12.21
N ILE A 281 -14.22 -22.23 13.41
CA ILE A 281 -15.06 -22.07 14.59
C ILE A 281 -14.79 -20.67 15.15
N THR A 282 -15.85 -19.89 15.29
CA THR A 282 -15.74 -18.52 15.79
C THR A 282 -16.46 -18.39 17.13
N ASP A 283 -15.97 -17.46 17.96
CA ASP A 283 -16.63 -17.14 19.22
C ASP A 283 -17.75 -16.11 19.05
N GLN A 284 -17.92 -15.55 17.85
CA GLN A 284 -18.99 -14.61 17.59
C GLN A 284 -20.34 -15.34 17.43
N PRO A 285 -21.43 -14.72 17.88
CA PRO A 285 -22.76 -15.23 17.50
C PRO A 285 -22.94 -15.10 15.99
N LEU A 286 -23.63 -16.07 15.40
CA LEU A 286 -23.83 -16.09 13.95
C LEU A 286 -25.30 -16.20 13.58
N PRO A 287 -25.85 -15.25 12.82
CA PRO A 287 -27.16 -15.47 12.21
C PRO A 287 -27.10 -16.59 11.18
N GLU A 288 -28.27 -17.21 10.96
CA GLU A 288 -28.32 -18.41 10.13
C GLU A 288 -27.75 -18.18 8.73
N ASP A 289 -27.81 -16.95 8.24
CA ASP A 289 -27.30 -16.63 6.91
C ASP A 289 -25.83 -16.27 6.92
N LYS A 290 -25.11 -16.51 8.02
CA LYS A 290 -23.66 -16.36 8.07
C LYS A 290 -23.04 -17.56 8.77
N GLN A 291 -23.49 -18.76 8.43
CA GLN A 291 -22.93 -19.98 9.00
C GLN A 291 -23.05 -21.09 7.97
N ILE A 292 -22.16 -22.07 8.09
CA ILE A 292 -22.22 -23.30 7.31
C ILE A 292 -22.03 -24.45 8.28
N LYS A 293 -22.93 -25.43 8.22
CA LYS A 293 -22.82 -26.56 9.13
C LYS A 293 -21.50 -27.27 8.90
N ASP A 294 -20.79 -27.56 9.99
CA ASP A 294 -19.52 -28.27 10.01
C ASP A 294 -18.39 -27.53 9.30
N TRP A 295 -18.56 -26.25 8.95
CA TRP A 295 -17.51 -25.56 8.22
C TRP A 295 -17.27 -24.13 8.72
N PHE A 296 -18.32 -23.44 9.10
CA PHE A 296 -18.23 -22.05 9.58
C PHE A 296 -19.29 -21.92 10.68
N ILE A 297 -18.87 -22.17 11.93
CA ILE A 297 -19.82 -22.37 13.02
C ILE A 297 -19.41 -21.52 14.22
N SER A 298 -20.41 -21.22 15.05
CA SER A 298 -20.24 -20.37 16.22
C SER A 298 -20.29 -21.20 17.49
N GLU A 299 -19.32 -20.97 18.38
CA GLU A 299 -19.33 -21.52 19.74
C GLU A 299 -19.00 -20.36 20.68
N PRO A 300 -19.99 -19.54 21.03
CA PRO A 300 -19.68 -18.36 21.87
C PRO A 300 -19.10 -18.73 23.22
N ASP A 301 -19.46 -19.88 23.79
CA ASP A 301 -19.02 -20.23 25.14
C ASP A 301 -17.57 -20.69 25.10
N TYR A 302 -16.69 -19.95 25.77
CA TYR A 302 -15.27 -20.28 25.76
C TYR A 302 -14.98 -21.58 26.49
N ASP A 303 -15.89 -22.03 27.36
CA ASP A 303 -15.71 -23.32 28.02
C ASP A 303 -15.88 -24.48 27.06
N LYS A 304 -16.49 -24.26 25.89
CA LYS A 304 -16.78 -25.31 24.94
C LYS A 304 -15.99 -25.23 23.64
N ILE A 305 -15.40 -24.07 23.33
CA ILE A 305 -14.94 -23.82 21.96
C ILE A 305 -13.87 -24.82 21.55
N VAL A 306 -13.00 -25.20 22.48
CA VAL A 306 -11.90 -26.10 22.13
C VAL A 306 -12.43 -27.49 21.78
N GLN A 307 -13.28 -28.04 22.64
CA GLN A 307 -13.83 -29.37 22.36
C GLN A 307 -14.75 -29.33 21.15
N THR A 308 -15.43 -28.20 20.93
CA THR A 308 -16.25 -28.08 19.73
C THR A 308 -15.40 -28.19 18.47
N ALA A 309 -14.28 -27.44 18.43
CA ALA A 309 -13.41 -27.51 17.26
C ALA A 309 -12.79 -28.90 17.12
N LEU A 310 -12.39 -29.50 18.24
CA LEU A 310 -11.77 -30.82 18.16
C LEU A 310 -12.74 -31.87 17.65
N GLU A 311 -14.02 -31.76 18.04
CA GLU A 311 -15.01 -32.74 17.59
C GLU A 311 -15.35 -32.52 16.13
N VAL A 312 -15.55 -31.26 15.72
CA VAL A 312 -15.89 -31.02 14.32
C VAL A 312 -14.73 -31.41 13.41
N ARG A 313 -13.49 -31.23 13.85
CA ARG A 313 -12.36 -31.63 13.03
C ARG A 313 -12.11 -33.14 13.05
N GLY A 314 -12.56 -33.83 14.08
CA GLY A 314 -12.26 -35.25 14.20
C GLY A 314 -11.02 -35.59 15.00
N ILE A 315 -10.51 -34.67 15.81
CA ILE A 315 -9.31 -34.92 16.61
C ILE A 315 -9.72 -35.57 17.92
N LYS A 316 -9.09 -36.71 18.28
CA LYS A 316 -9.36 -37.49 19.50
C LYS A 316 -8.15 -37.34 20.44
N ILE A 317 -8.33 -36.83 21.64
CA ILE A 317 -7.24 -36.60 22.58
C ILE A 317 -7.22 -37.71 23.61
N THR A 318 -6.04 -38.25 23.95
CA THR A 318 -5.85 -39.23 25.04
C THR A 318 -5.06 -38.56 26.16
N SER A 319 -5.65 -38.22 27.29
CA SER A 319 -4.95 -37.54 28.40
C SER A 319 -4.86 -38.50 29.58
N ILE A 320 -3.82 -38.36 30.42
CA ILE A 320 -3.57 -39.26 31.58
C ILE A 320 -4.57 -38.99 32.71
N ASP A 321 -5.16 -37.82 32.81
CA ASP A 321 -6.25 -37.57 33.80
C ASP A 321 -5.76 -37.83 35.23
N ILE A 322 -4.56 -37.39 35.52
CA ILE A 322 -4.04 -37.30 36.91
C ILE A 322 -4.03 -35.80 37.14
N ASP A 323 -4.45 -35.35 38.30
CA ASP A 323 -4.52 -33.90 38.56
C ASP A 323 -3.10 -33.43 38.87
N LEU A 324 -2.32 -33.12 37.85
CA LEU A 324 -1.01 -32.52 38.01
C LEU A 324 -1.17 -31.02 38.25
N PRO A 325 -0.40 -30.44 39.16
CA PRO A 325 -0.48 -28.99 39.38
C PRO A 325 0.19 -28.15 38.31
N ILE A 326 0.82 -28.77 37.31
CA ILE A 326 1.45 -28.04 36.23
C ILE A 326 0.91 -28.56 34.90
N ASN A 327 0.97 -27.70 33.89
CA ASN A 327 0.61 -28.11 32.54
C ASN A 327 1.61 -29.14 32.01
N PHE A 328 1.14 -29.97 31.09
CA PHE A 328 1.92 -31.09 30.57
C PHE A 328 1.62 -31.27 29.10
N GLY A 329 2.67 -31.39 28.28
CA GLY A 329 2.50 -31.66 26.87
C GLY A 329 3.74 -31.43 26.04
N PRO A 330 3.64 -31.74 24.74
CA PRO A 330 4.82 -31.62 23.87
C PRO A 330 5.43 -30.23 23.84
N ALA A 331 4.62 -29.19 24.00
CA ALA A 331 5.13 -27.83 23.86
C ALA A 331 6.25 -27.55 24.84
N PHE A 332 6.22 -28.19 26.02
CA PHE A 332 7.19 -27.90 27.07
C PHE A 332 8.42 -28.78 27.02
N GLU A 333 8.49 -29.73 26.08
CA GLU A 333 9.66 -30.59 26.02
C GLU A 333 10.91 -29.78 25.74
N GLY A 334 10.80 -28.75 24.90
CA GLY A 334 11.93 -27.97 24.46
C GLY A 334 12.31 -26.80 25.34
N GLU A 335 11.60 -26.60 26.44
CA GLU A 335 11.85 -25.45 27.30
C GLU A 335 13.21 -25.55 27.98
N SER A 336 13.66 -24.42 28.45
CA SER A 336 14.87 -24.34 29.16
C SER A 336 14.62 -23.59 30.45
N ILE A 337 15.15 -24.07 31.56
CA ILE A 337 14.96 -23.40 32.81
C ILE A 337 16.26 -22.69 33.18
N ARG A 338 16.26 -21.38 33.14
CA ARG A 338 17.44 -20.64 33.45
C ARG A 338 17.72 -20.70 34.94
N LYS A 339 18.94 -20.39 35.30
CA LYS A 339 19.39 -20.41 36.68
C LYS A 339 18.54 -19.53 37.56
N GLY A 340 18.20 -18.36 37.10
CA GLY A 340 17.34 -17.48 37.82
C GLY A 340 15.95 -17.97 38.03
N ASP A 341 15.42 -18.83 37.17
CA ASP A 341 14.10 -19.36 37.31
C ASP A 341 14.03 -20.76 37.91
N MET A 342 15.17 -21.35 38.27
CA MET A 342 15.22 -22.71 38.78
C MET A 342 15.00 -22.68 40.29
N HIS A 343 14.07 -23.49 40.76
CA HIS A 343 13.88 -23.66 42.20
C HIS A 343 14.82 -24.71 42.76
N VAL A 344 14.99 -25.83 42.05
CA VAL A 344 15.84 -26.91 42.53
C VAL A 344 16.35 -27.73 41.35
N GLU A 345 17.48 -28.39 41.56
CA GLU A 345 18.06 -29.25 40.55
C GLU A 345 18.69 -30.48 41.22
N PHE A 346 18.89 -31.50 40.41
CA PHE A 346 19.42 -32.79 40.85
C PHE A 346 20.36 -33.31 39.77
N GLY A 347 21.48 -33.87 40.11
CA GLY A 347 22.39 -34.44 39.11
C GLY A 347 23.16 -33.42 38.39
N GLY A 348 23.57 -33.76 37.16
CA GLY A 348 24.33 -32.89 36.27
C GLY A 348 25.67 -32.49 36.87
N GLY A 349 26.29 -33.35 37.67
CA GLY A 349 27.54 -33.09 38.37
C GLY A 349 27.39 -32.15 39.57
N LYS A 350 26.21 -31.85 40.08
CA LYS A 350 26.06 -30.99 41.28
C LYS A 350 25.75 -31.87 42.50
N THR A 351 24.79 -32.75 42.36
CA THR A 351 24.43 -33.74 43.36
C THR A 351 24.51 -35.09 42.66
N PRO A 352 24.64 -36.40 43.36
CA PRO A 352 24.57 -37.74 42.78
C PRO A 352 23.17 -38.01 42.26
N SER A 353 23.07 -38.74 41.14
CA SER A 353 21.78 -38.94 40.49
C SER A 353 21.80 -40.21 39.66
N PHE A 354 20.62 -40.84 39.54
CA PHE A 354 20.43 -41.94 38.61
C PHE A 354 18.94 -42.17 38.40
N GLU A 355 18.63 -42.88 37.32
CA GLU A 355 17.28 -43.34 37.05
C GLU A 355 17.38 -44.78 36.56
N LEU A 356 16.40 -45.60 36.92
CA LEU A 356 16.44 -47.01 36.57
C LEU A 356 15.04 -47.58 36.48
N VAL A 357 14.77 -48.29 35.39
CA VAL A 357 13.63 -49.18 35.27
C VAL A 357 14.10 -50.59 35.57
N ARG A 358 13.26 -51.36 36.27
CA ARG A 358 13.66 -52.70 36.71
C ARG A 358 12.44 -53.61 36.72
N MET A 359 12.52 -54.68 35.95
CA MET A 359 11.50 -55.72 35.98
C MET A 359 11.54 -56.45 37.32
N VAL A 360 10.36 -56.75 37.85
CA VAL A 360 10.25 -57.39 39.15
C VAL A 360 9.15 -58.44 39.12
N GLY A 361 9.19 -59.31 40.12
CA GLY A 361 8.24 -60.39 40.25
C GLY A 361 6.91 -59.94 40.82
N PRO A 362 5.91 -60.82 40.72
CA PRO A 362 4.59 -60.47 41.26
C PRO A 362 4.61 -60.17 42.74
N ASP A 363 5.48 -60.83 43.50
CA ASP A 363 5.55 -60.70 44.95
C ASP A 363 5.87 -59.27 45.40
N GLU A 364 6.56 -58.52 44.57
CA GLU A 364 7.40 -57.44 45.09
C GLU A 364 6.67 -56.10 45.25
N ILE A 365 5.58 -55.87 44.53
CA ILE A 365 5.18 -54.51 44.20
C ILE A 365 3.70 -54.26 44.41
N GLU A 366 3.39 -53.03 44.81
CA GLU A 366 2.03 -52.51 44.97
C GLU A 366 1.80 -51.52 43.84
N ASP A 367 0.90 -51.84 42.90
CA ASP A 367 0.67 -50.95 41.77
C ASP A 367 0.20 -49.58 42.23
N GLY A 368 0.75 -48.54 41.61
CA GLY A 368 0.35 -47.18 41.90
C GLY A 368 0.99 -46.56 43.11
N LYS A 369 1.85 -47.30 43.81
CA LYS A 369 2.54 -46.76 44.97
C LYS A 369 3.63 -45.81 44.52
N VAL A 370 3.57 -44.57 44.99
CA VAL A 370 4.57 -43.55 44.68
C VAL A 370 5.11 -43.04 46.01
N GLU A 371 6.40 -43.20 46.23
CA GLU A 371 6.99 -42.83 47.51
C GLU A 371 8.21 -41.94 47.32
N VAL A 372 8.28 -40.87 48.11
CA VAL A 372 9.46 -40.00 48.20
C VAL A 372 10.14 -40.32 49.52
N ILE A 373 11.35 -40.87 49.45
CA ILE A 373 12.13 -41.25 50.62
C ILE A 373 13.27 -40.24 50.75
N GLY A 374 13.17 -39.36 51.74
CA GLY A 374 14.11 -38.28 51.92
C GLY A 374 13.43 -36.94 51.82
N PRO A 375 14.17 -35.86 52.02
CA PRO A 375 13.57 -34.52 51.95
C PRO A 375 13.03 -34.21 50.57
N ASP A 376 11.91 -33.48 50.54
CA ASP A 376 11.28 -33.01 49.32
C ASP A 376 11.81 -31.61 48.95
N ILE A 377 11.39 -31.12 47.78
CA ILE A 377 12.01 -29.91 47.23
C ILE A 377 11.64 -28.64 47.99
N ASP A 378 10.66 -28.69 48.89
CA ASP A 378 10.49 -27.60 49.84
C ASP A 378 11.59 -27.61 50.89
N SER A 379 12.41 -28.68 50.92
CA SER A 379 13.59 -28.78 51.78
C SER A 379 14.52 -27.57 51.61
N VAL A 380 14.70 -27.12 50.38
CA VAL A 380 15.78 -26.18 50.03
C VAL A 380 15.31 -24.76 49.72
N GLU A 381 16.24 -23.82 49.75
CA GLU A 381 15.95 -22.43 49.31
C GLU A 381 15.93 -22.44 47.78
N PRO A 382 15.23 -21.52 47.07
CA PRO A 382 15.27 -21.47 45.62
C PRO A 382 16.73 -21.42 45.11
N GLY A 383 17.02 -22.16 44.03
CA GLY A 383 18.37 -22.30 43.52
C GLY A 383 19.17 -23.43 44.15
N GLY A 384 18.57 -24.20 45.05
CA GLY A 384 19.27 -25.25 45.75
C GLY A 384 19.31 -26.55 44.96
N ARG A 385 19.79 -27.59 45.64
CA ARG A 385 20.04 -28.86 44.98
C ARG A 385 19.79 -30.01 45.96
N LEU A 386 19.43 -31.16 45.42
CA LEU A 386 19.26 -32.38 46.18
C LEU A 386 19.76 -33.57 45.36
N PRO A 387 20.19 -34.64 46.02
CA PRO A 387 20.37 -35.91 45.30
C PRO A 387 19.02 -36.45 44.85
N ILE A 388 19.04 -37.23 43.77
CA ILE A 388 17.82 -37.89 43.30
C ILE A 388 18.18 -39.24 42.72
N GLY A 389 17.49 -40.28 43.20
CA GLY A 389 17.55 -41.59 42.60
C GLY A 389 16.14 -42.08 42.32
N ILE A 390 15.83 -42.36 41.05
CA ILE A 390 14.49 -42.72 40.62
C ILE A 390 14.50 -44.20 40.25
N VAL A 391 13.68 -44.99 40.95
CA VAL A 391 13.55 -46.42 40.71
C VAL A 391 12.12 -46.71 40.32
N VAL A 392 11.92 -47.19 39.10
CA VAL A 392 10.62 -47.58 38.59
C VAL A 392 10.61 -49.09 38.52
N ASP A 393 9.96 -49.73 39.50
CA ASP A 393 9.78 -51.17 39.46
C ASP A 393 8.55 -51.50 38.64
N ILE A 394 8.68 -52.50 37.77
CA ILE A 394 7.62 -52.91 36.87
C ILE A 394 7.46 -54.42 36.99
N TYR A 395 6.26 -54.88 37.30
CA TYR A 395 5.89 -56.27 37.08
C TYR A 395 4.90 -56.30 35.93
N GLY A 396 5.04 -57.29 35.02
CA GLY A 396 4.05 -57.58 34.02
C GLY A 396 4.14 -59.04 33.57
N ARG A 397 3.02 -59.63 33.17
CA ARG A 397 2.95 -61.01 32.69
C ARG A 397 3.75 -61.17 31.41
N LYS A 398 3.68 -60.19 30.55
CA LYS A 398 4.45 -60.21 29.32
C LYS A 398 5.65 -59.27 29.39
N MET A 399 6.11 -58.93 30.56
CA MET A 399 7.24 -58.06 30.72
C MET A 399 8.48 -58.89 30.47
N GLN A 400 9.51 -58.27 29.95
CA GLN A 400 10.80 -58.90 29.70
C GLN A 400 11.90 -57.98 30.20
N GLU A 401 13.03 -58.58 30.59
CA GLU A 401 14.19 -57.77 30.95
C GLU A 401 14.62 -56.93 29.75
N ASP A 402 14.53 -57.41 28.51
N ASP A 402 14.51 -57.38 28.51
CA ASP A 402 14.83 -56.65 27.29
CA ASP A 402 15.04 -56.50 27.43
C ASP A 402 14.14 -55.29 27.35
C ASP A 402 14.10 -55.30 27.23
N PHE A 403 12.92 -55.21 27.86
CA PHE A 403 12.18 -53.95 27.81
C PHE A 403 12.71 -52.92 28.78
N GLU A 404 13.54 -53.31 29.75
CA GLU A 404 13.95 -52.34 30.77
C GLU A 404 14.62 -51.11 30.17
N PRO A 405 15.65 -51.22 29.32
CA PRO A 405 16.23 -50.00 28.76
C PRO A 405 15.23 -49.17 27.96
N VAL A 406 14.40 -49.75 27.12
CA VAL A 406 13.40 -49.00 26.34
C VAL A 406 12.47 -48.00 27.15
N LEU A 407 11.85 -48.59 28.16
CA LEU A 407 11.00 -47.90 29.06
C LEU A 407 11.80 -46.82 29.85
N GLU A 408 13.02 -47.17 30.21
CA GLU A 408 13.88 -46.26 30.89
C GLU A 408 14.15 -45.03 30.07
N ARG A 409 14.31 -45.21 28.77
CA ARG A 409 14.55 -44.13 27.79
C ARG A 409 13.34 -43.18 27.86
N ARG A 410 12.13 -43.72 27.94
CA ARG A 410 10.95 -42.86 28.04
C ARG A 410 11.01 -41.89 29.21
N ILE A 411 11.53 -42.28 30.38
CA ILE A 411 11.64 -41.25 31.48
C ILE A 411 12.02 -39.74 31.15
N HIS A 412 13.07 -39.55 30.38
CA HIS A 412 13.49 -38.26 29.83
C HIS A 412 12.30 -37.52 29.26
N TYR A 413 11.66 -38.11 28.26
CA TYR A 413 10.55 -37.43 27.61
C TYR A 413 9.41 -37.19 28.59
N PHE A 414 9.09 -38.19 29.42
CA PHE A 414 7.97 -38.01 30.33
C PHE A 414 8.22 -36.81 31.22
N THR A 415 9.48 -36.58 31.59
CA THR A 415 9.79 -35.47 32.50
C THR A 415 9.74 -34.14 31.76
N ASN A 416 10.24 -34.09 30.53
CA ASN A 416 10.35 -32.81 29.84
C ASN A 416 9.00 -32.25 29.42
N TYR A 417 7.98 -33.11 29.26
CA TYR A 417 6.66 -32.63 28.87
C TYR A 417 6.01 -31.79 29.96
N GLY A 418 6.39 -31.98 31.21
CA GLY A 418 5.86 -31.14 32.27
C GLY A 418 6.36 -29.71 32.11
N GLU A 419 5.45 -28.75 32.26
CA GLU A 419 5.86 -27.35 32.23
C GLU A 419 6.58 -27.02 33.53
N GLY A 420 7.85 -26.64 33.42
CA GLY A 420 8.70 -26.44 34.58
C GLY A 420 9.43 -27.67 35.07
N PHE A 421 9.26 -28.81 34.44
CA PHE A 421 10.11 -29.97 34.64
C PHE A 421 11.10 -30.06 33.49
N TRP A 422 12.35 -30.41 33.79
CA TRP A 422 13.39 -30.47 32.77
C TRP A 422 14.34 -31.62 33.10
N HIS A 423 14.79 -32.30 32.05
CA HIS A 423 15.55 -33.54 32.20
C HIS A 423 16.50 -33.67 31.03
N THR A 424 17.72 -34.10 31.30
CA THR A 424 18.66 -34.39 30.23
C THR A 424 19.60 -35.50 30.65
N ALA A 425 20.23 -36.10 29.63
CA ALA A 425 21.15 -37.23 29.82
C ALA A 425 20.39 -38.49 30.17
N GLN A 426 21.02 -39.41 30.90
CA GLN A 426 20.46 -40.74 31.10
C GLN A 426 21.19 -41.44 32.23
N ARG A 427 20.60 -42.56 32.67
CA ARG A 427 21.23 -43.46 33.62
C ARG A 427 21.73 -42.70 34.84
N ASP A 428 23.02 -42.81 35.15
CA ASP A 428 23.57 -42.14 36.33
C ASP A 428 24.15 -40.76 36.02
N LEU A 429 23.95 -40.25 34.80
CA LEU A 429 24.38 -38.92 34.42
C LEU A 429 23.22 -37.95 34.26
N THR A 430 22.04 -38.30 34.77
CA THR A 430 20.87 -37.47 34.59
C THR A 430 21.06 -36.10 35.24
N TRP A 431 20.46 -35.09 34.61
CA TRP A 431 20.38 -33.74 35.18
C TRP A 431 18.92 -33.32 35.12
N VAL A 432 18.34 -33.01 36.28
CA VAL A 432 16.92 -32.70 36.39
C VAL A 432 16.78 -31.32 37.03
N ARG A 433 15.80 -30.56 36.58
CA ARG A 433 15.57 -29.21 37.08
C ARG A 433 14.08 -28.95 37.22
N ILE A 434 13.73 -28.19 38.26
CA ILE A 434 12.36 -27.79 38.52
C ILE A 434 12.36 -26.29 38.79
N SER A 435 11.49 -25.58 38.08
CA SER A 435 11.43 -24.12 38.03
C SER A 435 10.67 -23.56 39.22
N LYS A 436 10.93 -22.29 39.51
CA LYS A 436 10.21 -21.61 40.58
C LYS A 436 8.72 -21.57 40.31
N GLU A 437 8.31 -21.45 39.05
CA GLU A 437 6.89 -21.41 38.73
C GLU A 437 6.22 -22.73 39.06
N ALA A 438 6.86 -23.85 38.71
CA ALA A 438 6.26 -25.15 39.02
C ALA A 438 6.16 -25.35 40.53
N PHE A 439 7.15 -24.87 41.28
CA PHE A 439 7.09 -24.98 42.73
C PHE A 439 5.97 -24.12 43.30
N ALA A 440 5.77 -22.92 42.74
CA ALA A 440 4.72 -22.03 43.25
C ALA A 440 3.33 -22.60 42.98
N LYS A 441 3.19 -23.44 41.95
CA LYS A 441 1.93 -24.08 41.64
C LYS A 441 1.66 -25.32 42.48
N GLY A 442 2.61 -25.72 43.33
CA GLY A 442 2.43 -26.86 44.19
C GLY A 442 3.14 -28.12 43.76
N ALA A 443 3.89 -28.09 42.67
CA ALA A 443 4.59 -29.28 42.22
C ALA A 443 5.62 -29.72 43.26
N ARG A 444 5.66 -31.02 43.51
CA ARG A 444 6.62 -31.64 44.42
C ARG A 444 7.00 -32.98 43.81
N LEU A 445 7.93 -33.70 44.45
CA LEU A 445 8.47 -34.90 43.83
C LEU A 445 7.41 -35.98 43.66
N LYS A 446 6.40 -36.00 44.53
CA LYS A 446 5.35 -36.99 44.40
C LYS A 446 4.62 -36.84 43.08
N HIS A 447 4.46 -35.60 42.59
CA HIS A 447 3.82 -35.39 41.31
C HIS A 447 4.69 -35.88 40.15
N LEU A 448 6.01 -35.76 40.27
CA LEU A 448 6.87 -36.36 39.24
C LEU A 448 6.71 -37.88 39.23
N GLY A 449 6.60 -38.49 40.42
CA GLY A 449 6.43 -39.94 40.45
C GLY A 449 5.07 -40.37 39.91
N GLN A 450 4.03 -39.61 40.23
CA GLN A 450 2.70 -39.92 39.69
C GLN A 450 2.66 -39.75 38.18
N LEU A 451 3.39 -38.75 37.67
CA LEU A 451 3.47 -38.55 36.23
C LEU A 451 4.13 -39.76 35.57
N LEU A 452 5.26 -40.21 36.13
CA LEU A 452 5.93 -41.36 35.55
C LEU A 452 5.03 -42.59 35.59
N TYR A 453 4.30 -42.78 36.70
CA TYR A 453 3.42 -43.93 36.80
C TYR A 453 2.32 -43.88 35.75
N ALA A 454 1.62 -42.75 35.66
CA ALA A 454 0.50 -42.66 34.74
C ALA A 454 0.96 -42.80 33.29
N LYS A 455 2.11 -42.22 32.95
CA LYS A 455 2.56 -42.30 31.56
C LYS A 455 3.00 -43.73 31.22
N PHE A 456 3.69 -44.41 32.15
CA PHE A 456 4.07 -45.78 31.88
C PHE A 456 2.85 -46.68 31.76
N LYS A 457 1.81 -46.41 32.54
CA LYS A 457 0.60 -47.22 32.42
C LYS A 457 -0.11 -46.98 31.10
N GLN A 458 -0.20 -45.72 30.68
CA GLN A 458 -0.89 -45.43 29.42
C GLN A 458 -0.13 -45.96 28.21
N GLU A 459 1.21 -45.89 28.25
CA GLU A 459 1.98 -46.16 27.05
C GLU A 459 2.27 -47.63 26.80
N PHE A 460 2.28 -48.47 27.85
CA PHE A 460 2.59 -49.88 27.69
C PHE A 460 1.58 -50.73 28.45
N PRO A 461 0.28 -50.59 28.14
CA PRO A 461 -0.71 -51.41 28.83
C PRO A 461 -0.52 -52.90 28.65
N SER A 462 -0.01 -53.33 27.49
CA SER A 462 0.09 -54.75 27.20
C SER A 462 1.11 -55.46 28.07
N ILE A 463 2.11 -54.74 28.60
CA ILE A 463 3.23 -55.40 29.26
C ILE A 463 3.42 -54.97 30.70
N VAL A 464 2.86 -53.84 31.15
CA VAL A 464 2.97 -53.44 32.55
C VAL A 464 1.63 -53.71 33.21
N ASP A 465 1.60 -54.70 34.12
CA ASP A 465 0.41 -54.94 34.93
C ASP A 465 0.45 -54.18 36.23
N ARG A 466 1.63 -54.01 36.83
CA ARG A 466 1.76 -53.13 37.99
C ARG A 466 3.07 -52.37 37.91
N VAL A 467 3.02 -51.12 38.38
CA VAL A 467 4.14 -50.18 38.32
C VAL A 467 4.23 -49.46 39.65
N GLN A 468 5.47 -49.24 40.11
CA GLN A 468 5.72 -48.55 41.37
C GLN A 468 6.93 -47.65 41.20
N VAL A 469 6.90 -46.49 41.87
CA VAL A 469 7.90 -45.46 41.68
C VAL A 469 8.40 -44.99 43.05
N THR A 470 9.73 -45.03 43.22
CA THR A 470 10.37 -44.53 44.43
C THR A 470 11.42 -43.50 44.05
N ILE A 471 11.40 -42.37 44.75
CA ILE A 471 12.35 -41.29 44.55
C ILE A 471 13.11 -41.09 45.86
N TYR A 472 14.41 -41.44 45.85
CA TYR A 472 15.27 -41.28 47.02
C TYR A 472 16.02 -39.95 46.91
N THR A 473 16.07 -39.19 48.00
CA THR A 473 16.83 -37.94 48.03
C THR A 473 17.93 -37.89 49.08
N ASP A 474 18.16 -38.95 49.84
CA ASP A 474 19.29 -39.00 50.76
C ASP A 474 20.58 -39.25 49.99
N GLU A 475 21.63 -38.49 50.30
CA GLU A 475 22.82 -38.51 49.46
C GLU A 475 23.51 -39.87 49.48
N GLN A 476 23.66 -40.45 50.67
CA GLN A 476 24.42 -41.69 50.75
C GLN A 476 23.59 -42.89 50.30
N LYS A 477 22.27 -42.86 50.53
CA LYS A 477 21.41 -43.90 49.98
C LYS A 477 21.38 -43.83 48.46
N VAL A 478 21.40 -42.64 47.88
CA VAL A 478 21.45 -42.53 46.43
C VAL A 478 22.78 -43.07 45.92
N LEU A 479 23.87 -42.76 46.62
CA LEU A 479 25.17 -43.28 46.21
C LEU A 479 25.20 -44.81 46.29
N GLU A 480 24.50 -45.38 47.27
CA GLU A 480 24.47 -46.84 47.38
C GLU A 480 23.67 -47.46 46.24
N LEU A 481 22.47 -46.94 45.97
CA LEU A 481 21.63 -47.52 44.92
C LEU A 481 22.20 -47.28 43.52
N ARG A 482 23.03 -46.25 43.35
CA ARG A 482 23.63 -46.01 42.04
C ARG A 482 24.48 -47.20 41.60
N GLU A 483 25.04 -47.96 42.55
CA GLU A 483 25.83 -49.12 42.18
C GLU A 483 24.96 -50.24 41.61
N ILE A 484 23.78 -50.45 42.18
CA ILE A 484 22.86 -51.42 41.61
C ILE A 484 22.46 -50.98 40.20
N ALA A 485 22.16 -49.69 40.05
CA ALA A 485 21.79 -49.19 38.73
C ALA A 485 22.95 -49.37 37.75
N ARG A 486 24.19 -49.18 38.22
CA ARG A 486 25.35 -49.32 37.35
C ARG A 486 25.62 -50.77 36.92
N LYS A 487 25.17 -51.71 37.75
CA LYS A 487 25.22 -53.15 37.41
C LYS A 487 24.26 -53.37 36.24
N LYS A 488 23.09 -52.75 36.30
CA LYS A 488 22.06 -52.98 35.28
C LYS A 488 22.58 -52.34 34.02
N TYR A 489 23.18 -51.18 34.15
CA TYR A 489 23.68 -50.51 32.94
C TYR A 489 24.78 -51.33 32.28
N ALA A 490 25.64 -51.95 33.07
CA ALA A 490 26.73 -52.73 32.52
C ALA A 490 26.21 -53.96 31.79
N GLU A 491 25.18 -54.61 32.35
CA GLU A 491 24.60 -55.75 31.66
C GLU A 491 23.97 -55.32 30.33
N ARG A 492 23.34 -54.14 30.32
CA ARG A 492 22.74 -53.66 29.07
C ARG A 492 23.80 -53.34 28.03
N ASP A 493 24.91 -52.72 28.45
CA ASP A 493 25.99 -52.44 27.51
C ASP A 493 26.59 -53.73 26.97
N ALA A 494 26.69 -54.75 27.81
CA ALA A 494 27.24 -56.03 27.37
C ALA A 494 26.32 -56.69 26.36
N ARG A 495 25.01 -56.61 26.57
CA ARG A 495 24.09 -57.16 25.60
C ARG A 495 24.17 -56.41 24.27
N LEU A 496 24.31 -55.08 24.33
CA LEU A 496 24.39 -54.30 23.10
C LEU A 496 25.67 -54.59 22.33
N ARG A 497 26.77 -54.90 23.03
CA ARG A 497 28.03 -55.09 22.34
C ARG A 497 27.99 -56.31 21.43
N GLU A 498 27.13 -57.28 21.72
CA GLU A 498 27.10 -58.52 20.97
C GLU A 498 26.38 -58.39 19.63
N LEU A 499 25.70 -57.27 19.37
CA LEU A 499 24.89 -57.13 18.19
C LEU A 499 25.72 -56.61 17.02
N SER A 500 25.59 -57.27 15.88
CA SER A 500 26.24 -56.87 14.64
C SER A 500 25.29 -57.18 13.50
N ASP A 501 25.54 -56.58 12.34
CA ASP A 501 24.73 -56.91 11.18
C ASP A 501 24.85 -58.39 10.84
N GLU A 502 26.02 -58.98 11.13
CA GLU A 502 26.27 -60.37 10.78
C GLU A 502 25.70 -61.32 11.81
N ALA A 503 25.80 -61.00 13.10
CA ALA A 503 25.40 -61.95 14.13
C ALA A 503 23.89 -62.14 14.19
N VAL A 504 23.09 -61.14 13.80
CA VAL A 504 21.65 -61.24 13.87
C VAL A 504 21.12 -61.76 12.54
N ASP A 505 20.08 -62.58 12.59
CA ASP A 505 19.45 -63.12 11.40
C ASP A 505 18.20 -62.35 10.98
N THR A 506 17.86 -61.27 11.68
CA THR A 506 16.61 -60.56 11.43
C THR A 506 16.83 -59.06 11.58
N TYR A 507 16.47 -58.30 10.54
CA TYR A 507 16.40 -56.84 10.62
C TYR A 507 14.94 -56.45 10.81
N TYR A 508 14.68 -55.17 11.04
CA TYR A 508 13.31 -54.78 11.35
C TYR A 508 12.84 -53.61 10.51
N SER A 509 11.63 -53.72 9.99
CA SER A 509 10.99 -52.62 9.29
C SER A 509 10.54 -51.54 10.28
N CYS A 510 10.35 -50.33 9.76
CA CYS A 510 9.69 -49.23 10.47
C CYS A 510 8.79 -48.48 9.43
N LEU A 511 7.48 -48.52 9.64
CA LEU A 511 6.52 -47.85 8.77
C LEU A 511 5.81 -46.70 9.47
N LEU A 512 6.33 -46.23 10.60
CA LEU A 512 5.61 -45.25 11.41
C LEU A 512 5.30 -43.98 10.63
N CYS A 513 6.22 -43.62 9.75
CA CYS A 513 6.14 -42.41 8.96
C CYS A 513 5.23 -42.50 7.71
N GLN A 514 4.69 -43.68 7.41
CA GLN A 514 3.81 -43.84 6.26
C GLN A 514 2.52 -43.06 6.43
N SER A 515 2.18 -42.64 7.65
CA SER A 515 1.00 -41.80 7.84
C SER A 515 1.14 -40.48 7.09
N PHE A 516 2.38 -40.04 6.85
CA PHE A 516 2.64 -38.84 6.06
C PHE A 516 3.49 -39.08 4.82
N ALA A 517 4.22 -40.20 4.76
CA ALA A 517 5.06 -40.55 3.61
C ALA A 517 4.70 -41.96 3.19
N PRO A 518 3.57 -42.13 2.49
CA PRO A 518 3.04 -43.49 2.32
C PRO A 518 3.98 -44.47 1.63
N THR A 519 4.82 -44.01 0.71
CA THR A 519 5.69 -44.93 -0.03
C THR A 519 7.00 -45.23 0.68
N HIS A 520 7.30 -44.59 1.80
CA HIS A 520 8.61 -44.73 2.43
C HIS A 520 8.62 -45.88 3.44
N VAL A 521 9.70 -46.66 3.39
CA VAL A 521 9.90 -47.79 4.29
C VAL A 521 11.31 -47.66 4.88
N CYS A 522 11.48 -47.77 6.19
CA CYS A 522 12.78 -47.75 6.77
C CYS A 522 13.11 -49.23 7.13
N ILE A 523 14.36 -49.61 6.99
CA ILE A 523 14.90 -50.89 7.44
C ILE A 523 16.00 -50.59 8.45
N VAL A 524 15.80 -51.03 9.68
CA VAL A 524 16.74 -50.82 10.77
C VAL A 524 17.50 -52.13 11.00
N SER A 525 18.81 -52.03 11.09
CA SER A 525 19.75 -53.11 11.30
C SER A 525 20.59 -52.72 12.51
N PRO A 526 21.25 -53.69 13.15
CA PRO A 526 21.96 -53.36 14.40
C PRO A 526 22.98 -52.25 14.23
N GLU A 527 23.59 -52.13 13.05
CA GLU A 527 24.60 -51.11 12.79
C GLU A 527 24.10 -49.99 11.89
N ARG A 528 22.78 -49.88 11.69
CA ARG A 528 22.21 -48.73 10.96
C ARG A 528 20.92 -48.31 11.64
N VAL A 529 20.99 -47.22 12.41
CA VAL A 529 19.80 -46.65 13.05
C VAL A 529 18.87 -46.05 12.01
N GLY A 530 17.60 -45.93 12.37
CA GLY A 530 16.66 -45.24 11.51
C GLY A 530 17.03 -43.79 11.33
N LEU A 531 16.68 -43.24 10.16
CA LEU A 531 17.14 -41.92 9.80
C LEU A 531 16.62 -40.82 10.72
N CYS A 532 15.56 -41.07 11.44
CA CYS A 532 15.13 -40.11 12.42
C CYS A 532 16.11 -40.09 13.60
N GLY A 533 16.91 -41.15 13.74
CA GLY A 533 17.87 -41.25 14.83
C GLY A 533 17.33 -41.77 16.14
N ALA A 534 16.03 -42.04 16.24
CA ALA A 534 15.43 -42.43 17.51
C ALA A 534 15.03 -43.88 17.58
N ILE A 535 15.09 -44.63 16.47
CA ILE A 535 14.64 -46.02 16.43
C ILE A 535 15.85 -46.88 16.11
N SER A 536 16.42 -47.51 17.13
N SER A 536 16.39 -47.55 17.22
CA SER A 536 17.49 -48.48 17.00
CA SER A 536 17.46 -48.52 17.09
C SER A 536 16.93 -49.86 16.69
C SER A 536 16.90 -49.90 16.78
N TRP A 537 17.82 -50.78 16.31
CA TRP A 537 17.41 -52.16 16.09
C TRP A 537 16.76 -52.74 17.33
N LEU A 538 17.36 -52.52 18.50
CA LEU A 538 16.77 -53.00 19.74
C LEU A 538 15.42 -52.32 20.00
N ASP A 539 15.31 -51.05 19.63
CA ASP A 539 14.04 -50.34 19.85
C ASP A 539 12.94 -50.93 18.99
N ALA A 540 13.22 -51.15 17.70
CA ALA A 540 12.21 -51.73 16.82
C ALA A 540 11.86 -53.15 17.23
N LYS A 541 12.85 -53.91 17.70
CA LYS A 541 12.57 -55.28 18.14
C LYS A 541 11.66 -55.27 19.36
N ALA A 542 11.94 -54.39 20.32
CA ALA A 542 11.08 -54.30 21.50
C ALA A 542 9.69 -53.82 21.12
N ALA A 543 9.60 -52.89 20.16
CA ALA A 543 8.29 -52.38 19.75
C ALA A 543 7.47 -53.47 19.07
N TYR A 544 8.13 -54.34 18.29
CA TYR A 544 7.40 -55.44 17.67
C TYR A 544 6.98 -56.48 18.70
N GLU A 545 7.86 -56.79 19.65
CA GLU A 545 7.50 -57.77 20.67
C GLU A 545 6.40 -57.25 21.58
N ILE A 546 6.29 -55.93 21.74
CA ILE A 546 5.21 -55.36 22.52
C ILE A 546 3.92 -55.32 21.70
N ASN A 547 4.02 -54.98 20.42
CA ASN A 547 2.86 -54.86 19.53
C ASN A 547 3.17 -55.63 18.26
N PRO A 548 2.89 -56.93 18.23
CA PRO A 548 3.23 -57.71 17.02
C PRO A 548 2.59 -57.17 15.75
N ASN A 549 1.41 -56.57 15.84
CA ASN A 549 0.85 -56.04 14.59
C ASN A 549 1.08 -54.54 14.43
N GLY A 550 2.12 -54.03 15.10
CA GLY A 550 2.49 -52.63 14.98
C GLY A 550 3.31 -52.33 13.74
N PRO A 551 3.78 -51.09 13.61
CA PRO A 551 4.48 -50.68 12.40
C PRO A 551 5.93 -51.17 12.30
N ASN A 552 6.44 -51.91 13.29
CA ASN A 552 7.76 -52.52 13.23
C ASN A 552 7.59 -54.03 13.09
N GLN A 553 8.18 -54.61 12.05
CA GLN A 553 8.04 -56.04 11.82
C GLN A 553 9.38 -56.71 11.56
N PRO A 554 9.57 -57.95 12.03
CA PRO A 554 10.77 -58.70 11.66
C PRO A 554 10.83 -59.01 10.17
N ILE A 555 12.04 -58.99 9.63
CA ILE A 555 12.32 -59.45 8.28
C ILE A 555 13.57 -60.32 8.36
N PRO A 556 13.48 -61.62 8.04
CA PRO A 556 14.68 -62.46 8.03
C PRO A 556 15.68 -62.01 6.96
N LYS A 557 16.95 -62.22 7.26
CA LYS A 557 18.04 -62.00 6.30
C LYS A 557 18.16 -63.25 5.43
N GLU A 558 17.57 -63.20 4.25
CA GLU A 558 17.53 -64.37 3.38
C GLU A 558 17.57 -63.92 1.93
N GLY A 559 17.94 -64.84 1.05
CA GLY A 559 17.96 -64.54 -0.37
C GLY A 559 19.05 -63.57 -0.80
N LEU A 560 20.25 -63.71 -0.24
CA LEU A 560 21.32 -62.76 -0.50
C LEU A 560 21.57 -62.59 -1.99
N ILE A 561 21.72 -61.35 -2.43
CA ILE A 561 22.05 -61.03 -3.80
C ILE A 561 23.43 -60.39 -3.93
N ASP A 562 23.80 -59.51 -2.98
CA ASP A 562 25.04 -58.76 -3.05
C ASP A 562 25.56 -58.52 -1.63
N PRO A 563 26.48 -59.37 -1.16
CA PRO A 563 27.05 -59.12 0.18
C PRO A 563 27.75 -57.78 0.32
N VAL A 564 28.35 -57.26 -0.76
CA VAL A 564 29.16 -56.05 -0.64
C VAL A 564 28.25 -54.83 -0.48
N LYS A 565 27.35 -54.61 -1.44
CA LYS A 565 26.42 -53.49 -1.35
C LYS A 565 25.29 -53.74 -0.35
N GLY A 566 25.06 -55.00 0.02
CA GLY A 566 24.06 -55.31 1.02
C GLY A 566 22.65 -55.38 0.48
N GLN A 567 22.40 -56.29 -0.45
CA GLN A 567 21.07 -56.50 -1.02
C GLN A 567 20.63 -57.93 -0.72
N TRP A 568 19.40 -58.07 -0.21
CA TRP A 568 18.81 -59.36 0.09
C TRP A 568 17.41 -59.41 -0.52
N GLU A 569 17.01 -60.61 -0.97
CA GLU A 569 15.68 -60.75 -1.55
C GLU A 569 14.58 -60.44 -0.55
N SER A 570 14.79 -60.79 0.73
CA SER A 570 13.73 -60.62 1.72
C SER A 570 13.42 -59.14 1.93
N PHE A 571 14.45 -58.32 2.14
CA PHE A 571 14.24 -56.89 2.31
C PHE A 571 13.71 -56.26 1.03
N ASN A 572 14.17 -56.75 -0.13
CA ASN A 572 13.67 -56.22 -1.40
C ASN A 572 12.17 -56.46 -1.53
N GLU A 573 11.72 -57.63 -1.14
CA GLU A 573 10.32 -58.01 -1.24
C GLU A 573 9.44 -57.24 -0.28
N TYR A 574 9.90 -57.11 0.95
CA TYR A 574 9.18 -56.39 1.93
C TYR A 574 9.04 -54.93 1.50
N ILE A 575 10.12 -54.35 1.03
CA ILE A 575 10.10 -53.02 0.60
C ILE A 575 9.21 -52.84 -0.59
N TYR A 576 9.26 -53.70 -1.57
CA TYR A 576 8.41 -53.56 -2.72
C TYR A 576 6.91 -53.66 -2.32
N LYS A 577 6.58 -54.55 -1.39
CA LYS A 577 5.19 -54.73 -0.93
C LYS A 577 4.73 -53.50 -0.13
N ASN A 578 5.53 -53.00 0.81
CA ASN A 578 5.16 -51.90 1.68
C ASN A 578 5.42 -50.47 1.18
N SER A 579 5.94 -50.36 -0.03
CA SER A 579 6.17 -49.08 -0.68
C SER A 579 5.16 -48.84 -1.80
N GLN A 580 4.12 -49.65 -1.84
CA GLN A 580 3.12 -49.70 -2.87
C GLN A 580 3.72 -49.99 -4.25
N ARG A 581 4.72 -50.90 -4.36
CA ARG A 581 5.28 -51.36 -5.63
C ARG A 581 5.94 -50.24 -6.40
N THR A 582 6.50 -49.28 -5.67
CA THR A 582 7.31 -48.22 -6.27
C THR A 582 8.80 -48.45 -6.10
N ILE A 583 9.23 -49.18 -5.07
CA ILE A 583 10.63 -49.39 -4.75
C ILE A 583 10.92 -50.88 -4.78
N GLU A 584 11.73 -51.32 -5.73
CA GLU A 584 12.01 -52.75 -5.92
C GLU A 584 13.25 -53.25 -5.21
N ARG A 585 14.29 -52.41 -5.06
CA ARG A 585 15.56 -52.88 -4.54
C ARG A 585 16.15 -51.86 -3.59
N MET A 586 16.98 -52.34 -2.66
CA MET A 586 17.60 -51.50 -1.64
C MET A 586 18.94 -52.08 -1.25
N ASN A 587 20.02 -51.31 -1.44
CA ASN A 587 21.33 -51.66 -0.94
C ASN A 587 21.57 -50.98 0.40
N LEU A 588 21.97 -51.76 1.41
CA LEU A 588 22.12 -51.23 2.76
C LEU A 588 23.43 -50.50 2.99
N TYR A 589 24.45 -50.75 2.17
CA TYR A 589 25.81 -50.28 2.46
C TYR A 589 26.30 -49.25 1.44
N THR A 590 25.41 -48.66 0.66
CA THR A 590 25.81 -47.68 -0.33
C THR A 590 24.70 -46.67 -0.52
N ILE A 591 25.08 -45.47 -0.93
CA ILE A 591 24.11 -44.47 -1.37
C ILE A 591 24.09 -44.31 -2.89
N MET A 592 25.03 -44.92 -3.60
CA MET A 592 25.18 -44.68 -5.03
C MET A 592 24.28 -45.55 -5.90
N GLU A 593 23.73 -46.64 -5.35
CA GLU A 593 22.83 -47.49 -6.11
C GLU A 593 21.77 -48.04 -5.17
N TYR A 594 20.51 -47.90 -5.57
CA TYR A 594 19.34 -48.34 -4.81
C TYR A 594 19.47 -47.95 -3.33
N PRO A 595 19.69 -46.66 -3.03
CA PRO A 595 19.70 -46.23 -1.63
C PRO A 595 18.34 -46.37 -0.97
N MET A 596 18.37 -46.60 0.34
CA MET A 596 17.15 -46.53 1.13
C MET A 596 16.52 -45.15 0.96
N THR A 597 15.20 -45.11 0.88
CA THR A 597 14.50 -43.84 0.69
C THR A 597 14.40 -43.09 2.03
N SER A 598 13.87 -41.87 1.94
CA SER A 598 13.66 -41.04 3.12
C SER A 598 12.26 -40.45 3.10
N CYS A 599 11.68 -40.20 4.26
CA CYS A 599 10.40 -39.56 4.39
C CYS A 599 10.63 -38.07 4.40
N GLY A 600 11.28 -37.47 5.44
CA GLY A 600 11.60 -36.05 5.50
C GLY A 600 12.15 -35.62 6.84
N CYS A 601 12.17 -36.40 7.86
CA CYS A 601 12.60 -36.19 9.19
C CYS A 601 14.05 -36.61 9.39
N PHE A 602 14.81 -36.83 8.31
CA PHE A 602 16.19 -37.27 8.50
C PHE A 602 16.99 -36.23 9.28
N GLU A 603 17.83 -36.73 10.19
CA GLU A 603 18.70 -35.82 10.94
C GLU A 603 19.73 -35.17 10.04
N ALA A 604 20.17 -35.85 8.98
CA ALA A 604 21.20 -35.28 8.12
C ALA A 604 21.09 -35.90 6.74
N ILE A 605 21.73 -35.25 5.78
CA ILE A 605 21.77 -35.71 4.39
C ILE A 605 23.22 -35.85 3.97
N MET A 606 23.56 -36.97 3.33
CA MET A 606 24.83 -37.12 2.64
C MET A 606 24.60 -37.09 1.14
N ALA A 607 25.59 -36.56 0.41
CA ALA A 607 25.53 -36.51 -1.04
C ALA A 607 26.92 -36.67 -1.61
N TYR A 608 27.02 -37.39 -2.73
CA TYR A 608 28.30 -37.57 -3.40
C TYR A 608 28.66 -36.34 -4.24
N LEU A 609 29.91 -35.92 -4.13
CA LEU A 609 30.45 -34.82 -4.93
C LEU A 609 31.58 -35.41 -5.77
N PRO A 610 31.35 -35.63 -7.07
CA PRO A 610 32.41 -36.17 -7.92
C PRO A 610 33.65 -35.31 -7.97
N GLU A 611 33.50 -33.98 -7.91
CA GLU A 611 34.65 -33.09 -8.03
C GLU A 611 35.60 -33.21 -6.85
N LEU A 612 35.10 -33.66 -5.70
CA LEU A 612 35.93 -33.93 -4.53
C LEU A 612 36.12 -35.42 -4.31
N ASN A 613 35.54 -36.25 -5.17
CA ASN A 613 35.68 -37.70 -5.05
C ASN A 613 35.16 -38.20 -3.71
N GLY A 614 34.11 -37.58 -3.20
CA GLY A 614 33.71 -38.01 -1.87
C GLY A 614 32.39 -37.42 -1.41
N PHE A 615 32.04 -37.73 -0.16
CA PHE A 615 30.75 -37.36 0.39
C PHE A 615 30.81 -36.04 1.13
N MET A 616 29.79 -35.22 0.94
CA MET A 616 29.45 -34.17 1.88
C MET A 616 28.31 -34.64 2.77
N ILE A 617 28.27 -34.12 3.99
CA ILE A 617 27.19 -34.38 4.94
C ILE A 617 26.74 -33.04 5.50
N VAL A 618 25.43 -32.87 5.67
CA VAL A 618 24.87 -31.64 6.21
C VAL A 618 23.66 -31.98 7.09
N ASN A 619 23.68 -31.51 8.32
CA ASN A 619 22.62 -31.77 9.28
C ASN A 619 21.52 -30.72 9.17
N ARG A 620 20.32 -31.09 9.66
CA ARG A 620 19.16 -30.23 9.49
C ARG A 620 19.36 -28.87 10.14
N GLU A 621 20.14 -28.80 11.21
CA GLU A 621 20.30 -27.54 11.94
C GLU A 621 21.29 -26.59 11.29
N HIS A 622 22.06 -27.03 10.29
CA HIS A 622 23.09 -26.16 9.73
C HIS A 622 22.48 -25.19 8.73
N SER A 623 22.72 -23.90 8.96
N SER A 623 22.69 -23.94 9.05
CA SER A 623 22.39 -22.85 8.01
CA SER A 623 22.37 -22.89 8.10
C SER A 623 23.65 -22.47 7.23
C SER A 623 23.62 -22.51 7.32
N GLY A 624 23.55 -22.49 5.91
CA GLY A 624 24.66 -22.15 5.05
C GLY A 624 24.70 -23.00 3.81
N MET A 625 25.38 -22.50 2.79
CA MET A 625 25.57 -23.24 1.55
C MET A 625 26.53 -24.41 1.79
N THR A 626 26.36 -25.45 0.99
CA THR A 626 27.19 -26.65 1.02
C THR A 626 27.87 -26.79 -0.34
N PRO A 627 28.99 -27.52 -0.41
CA PRO A 627 29.78 -27.54 -1.65
C PRO A 627 29.01 -28.07 -2.86
N ILE A 628 27.92 -28.78 -2.66
CA ILE A 628 27.10 -29.23 -3.77
C ILE A 628 26.30 -28.09 -4.36
N GLY A 629 26.42 -26.90 -3.77
CA GLY A 629 25.68 -25.76 -4.25
C GLY A 629 24.26 -25.68 -3.77
N MET A 630 23.92 -26.37 -2.68
CA MET A 630 22.58 -26.35 -2.13
C MET A 630 22.64 -26.32 -0.61
N THR A 631 21.62 -25.71 -0.01
CA THR A 631 21.43 -25.74 1.42
C THR A 631 20.79 -27.05 1.84
N PHE A 632 20.72 -27.28 3.16
CA PHE A 632 20.07 -28.49 3.64
C PHE A 632 18.62 -28.56 3.18
N SER A 633 17.91 -27.42 3.17
CA SER A 633 16.49 -27.46 2.81
C SER A 633 16.31 -27.82 1.34
N THR A 634 17.13 -27.23 0.47
CA THR A 634 17.04 -27.55 -0.95
C THR A 634 17.36 -29.01 -1.19
N LEU A 635 18.38 -29.53 -0.51
CA LEU A 635 18.72 -30.93 -0.65
C LEU A 635 17.60 -31.83 -0.14
N ALA A 636 17.00 -31.47 0.99
CA ALA A 636 15.92 -32.28 1.57
C ALA A 636 14.71 -32.30 0.65
N GLY A 637 14.52 -31.25 -0.14
CA GLY A 637 13.47 -31.28 -1.13
C GLY A 637 13.65 -32.40 -2.13
N MET A 638 14.90 -32.73 -2.45
CA MET A 638 15.21 -33.83 -3.37
C MET A 638 15.25 -35.18 -2.68
N VAL A 639 15.75 -35.22 -1.45
CA VAL A 639 16.05 -36.50 -0.82
C VAL A 639 14.81 -37.11 -0.19
N GLY A 640 13.90 -36.29 0.32
CA GLY A 640 12.71 -36.79 0.98
C GLY A 640 11.60 -37.12 0.01
N GLY A 641 10.47 -37.52 0.56
CA GLY A 641 9.30 -37.85 -0.22
C GLY A 641 9.21 -39.28 -0.69
N GLY A 642 10.15 -40.14 -0.31
CA GLY A 642 10.02 -41.55 -0.59
C GLY A 642 10.40 -42.01 -1.98
N THR A 643 11.16 -41.22 -2.73
CA THR A 643 11.70 -41.63 -4.01
C THR A 643 13.17 -42.00 -3.86
N GLN A 644 13.62 -42.97 -4.66
CA GLN A 644 15.01 -43.42 -4.60
C GLN A 644 15.92 -42.43 -5.31
N THR A 645 16.99 -42.03 -4.64
CA THR A 645 17.85 -40.95 -5.10
C THR A 645 19.32 -41.37 -5.05
N PRO A 646 19.79 -42.13 -6.04
CA PRO A 646 21.20 -42.53 -6.01
C PRO A 646 22.11 -41.31 -5.98
N GLY A 647 23.16 -41.39 -5.17
CA GLY A 647 24.02 -40.26 -4.91
C GLY A 647 23.57 -39.34 -3.79
N PHE A 648 22.43 -39.62 -3.16
CA PHE A 648 21.94 -38.82 -2.04
C PHE A 648 21.26 -39.77 -1.05
N MET A 649 21.34 -39.43 0.24
CA MET A 649 20.66 -40.27 1.22
C MET A 649 20.48 -39.55 2.55
N GLY A 650 19.34 -39.80 3.19
CA GLY A 650 19.08 -39.28 4.52
C GLY A 650 19.46 -40.28 5.59
N ILE A 651 20.02 -39.77 6.68
CA ILE A 651 20.61 -40.63 7.71
C ILE A 651 20.41 -40.00 9.08
N GLY A 652 20.40 -40.86 10.10
CA GLY A 652 20.61 -40.40 11.45
C GLY A 652 22.07 -40.06 11.71
N LYS A 653 22.28 -39.13 12.64
CA LYS A 653 23.65 -38.67 12.91
C LYS A 653 24.53 -39.81 13.42
N SER A 654 24.01 -40.63 14.35
CA SER A 654 24.82 -41.70 14.93
C SER A 654 25.31 -42.66 13.87
N TYR A 655 24.57 -42.80 12.77
CA TYR A 655 24.97 -43.74 11.72
C TYR A 655 26.35 -43.41 11.17
N ILE A 656 26.78 -42.15 11.27
CA ILE A 656 28.10 -41.78 10.78
C ILE A 656 29.18 -42.54 11.54
N GLY A 657 28.93 -42.88 12.80
CA GLY A 657 29.86 -43.61 13.62
C GLY A 657 29.81 -45.11 13.52
N SER A 658 28.91 -45.65 12.70
CA SER A 658 28.77 -47.09 12.59
C SER A 658 29.91 -47.70 11.77
N ARG A 659 30.29 -48.93 12.13
CA ARG A 659 31.29 -49.64 11.36
C ARG A 659 30.80 -49.92 9.93
N LYS A 660 29.49 -50.07 9.76
CA LYS A 660 28.90 -50.33 8.45
C LYS A 660 28.57 -49.05 7.68
N PHE A 661 28.89 -47.88 8.23
CA PHE A 661 28.57 -46.61 7.59
C PHE A 661 28.97 -46.63 6.12
N VAL A 662 27.96 -46.67 5.23
CA VAL A 662 28.15 -46.77 3.79
C VAL A 662 29.41 -47.55 3.47
N LYS A 663 29.51 -48.78 3.99
CA LYS A 663 30.77 -49.50 3.92
C LYS A 663 31.18 -49.80 2.49
N ALA A 664 30.21 -50.06 1.62
CA ALA A 664 30.55 -50.34 0.22
C ALA A 664 31.14 -49.11 -0.47
N ASP A 665 30.80 -47.92 -0.01
CA ASP A 665 31.27 -46.68 -0.60
C ASP A 665 32.62 -46.22 -0.07
N GLY A 666 33.20 -46.93 0.89
CA GLY A 666 34.43 -46.51 1.52
C GLY A 666 34.31 -45.93 2.90
N GLY A 667 33.08 -45.79 3.42
CA GLY A 667 32.92 -45.44 4.82
C GLY A 667 33.40 -44.03 5.14
N LEU A 668 33.85 -43.87 6.39
CA LEU A 668 34.27 -42.55 6.86
C LEU A 668 35.40 -42.00 6.02
N ALA A 669 36.21 -42.88 5.41
CA ALA A 669 37.31 -42.43 4.58
C ALA A 669 36.83 -41.61 3.38
N ARG A 670 35.58 -41.81 2.95
CA ARG A 670 35.02 -41.11 1.80
C ARG A 670 34.40 -39.77 2.15
N VAL A 671 34.31 -39.42 3.42
CA VAL A 671 33.69 -38.16 3.85
C VAL A 671 34.72 -37.04 3.75
N VAL A 672 34.39 -36.00 2.99
CA VAL A 672 35.30 -34.88 2.77
C VAL A 672 34.79 -33.57 3.33
N TRP A 673 33.50 -33.44 3.65
CA TRP A 673 32.95 -32.16 4.11
C TRP A 673 31.77 -32.38 5.04
N MET A 674 31.83 -31.79 6.22
CA MET A 674 30.71 -31.70 7.14
C MET A 674 30.76 -30.36 7.84
N PRO A 675 29.62 -29.87 8.34
CA PRO A 675 29.64 -28.63 9.13
C PRO A 675 30.48 -28.81 10.39
N LYS A 676 31.21 -27.77 10.78
CA LYS A 676 32.10 -27.75 11.94
C LYS A 676 31.36 -28.25 13.17
N ASP A 677 30.18 -27.72 13.43
CA ASP A 677 29.45 -28.12 14.63
C ASP A 677 29.04 -29.58 14.57
N LEU A 678 28.74 -30.09 13.37
CA LEU A 678 28.41 -31.51 13.24
C LEU A 678 29.63 -32.38 13.55
N LYS A 679 30.81 -31.96 13.10
CA LYS A 679 32.01 -32.72 13.42
C LYS A 679 32.28 -32.69 14.92
N GLU A 680 32.02 -31.55 15.56
CA GLU A 680 32.21 -31.47 17.01
C GLU A 680 31.19 -32.30 17.77
N GLN A 681 29.96 -32.40 17.26
CA GLN A 681 28.97 -33.24 17.91
C GLN A 681 29.40 -34.70 17.92
N LEU A 682 30.08 -35.13 16.86
CA LEU A 682 30.44 -36.53 16.66
C LEU A 682 31.95 -36.77 16.81
N ARG A 683 32.67 -35.84 17.43
CA ARG A 683 34.12 -35.91 17.39
C ARG A 683 34.64 -37.20 18.03
N SER A 684 34.03 -37.64 19.13
CA SER A 684 34.59 -38.79 19.85
C SER A 684 34.41 -40.08 19.06
N ILE A 685 33.19 -40.33 18.58
CA ILE A 685 32.96 -41.54 17.81
C ILE A 685 33.72 -41.47 16.48
N ILE A 686 33.85 -40.28 15.91
CA ILE A 686 34.62 -40.15 14.67
C ILE A 686 36.07 -40.51 14.91
N GLU A 687 36.64 -40.03 16.02
CA GLU A 687 38.03 -40.33 16.32
C GLU A 687 38.23 -41.82 16.58
N GLU A 688 37.30 -42.43 17.33
CA GLU A 688 37.41 -43.86 17.61
C GLU A 688 37.33 -44.69 16.33
N ARG A 689 36.30 -44.42 15.51
CA ARG A 689 36.14 -45.20 14.30
C ARG A 689 37.28 -44.96 13.32
N ALA A 690 37.76 -43.72 13.23
CA ALA A 690 38.87 -43.43 12.31
C ALA A 690 40.14 -44.14 12.76
N GLU A 691 40.38 -44.24 14.07
CA GLU A 691 41.51 -45.02 14.53
C GLU A 691 41.31 -46.49 14.23
N GLU A 692 40.06 -46.97 14.32
CA GLU A 692 39.79 -48.37 14.00
C GLU A 692 40.08 -48.66 12.53
N GLU A 693 39.81 -47.70 11.65
CA GLU A 693 39.99 -47.91 10.22
C GLU A 693 41.44 -47.75 9.79
N GLY A 694 42.32 -47.26 10.67
CA GLY A 694 43.66 -46.90 10.26
C GLY A 694 43.79 -45.53 9.63
N LEU A 695 42.75 -44.70 9.72
CA LEU A 695 42.79 -43.34 9.21
C LEU A 695 43.52 -42.38 10.14
N GLY A 696 43.79 -42.78 11.36
CA GLY A 696 44.35 -41.89 12.36
C GLY A 696 43.28 -41.11 13.12
N ARG A 697 43.56 -40.86 14.39
CA ARG A 697 42.63 -40.09 15.20
C ARG A 697 42.48 -38.67 14.69
N ASP A 698 43.50 -38.15 13.99
CA ASP A 698 43.48 -36.81 13.43
C ASP A 698 42.75 -36.73 12.09
N PHE A 699 42.16 -37.83 11.62
CA PHE A 699 41.47 -37.80 10.34
C PHE A 699 40.36 -36.76 10.34
N ILE A 700 39.77 -36.50 11.50
CA ILE A 700 38.69 -35.52 11.58
C ILE A 700 39.18 -34.14 11.14
N ASP A 701 40.46 -33.84 11.35
CA ASP A 701 41.01 -32.56 10.92
C ASP A 701 41.15 -32.47 9.40
N LYS A 702 41.21 -33.60 8.71
CA LYS A 702 41.29 -33.59 7.25
C LYS A 702 39.94 -33.39 6.58
N ILE A 703 38.85 -33.47 7.34
CA ILE A 703 37.52 -33.24 6.78
C ILE A 703 37.29 -31.73 6.71
N ALA A 704 36.94 -31.25 5.52
CA ALA A 704 36.65 -29.84 5.34
C ALA A 704 35.31 -29.48 5.99
N ASP A 705 35.18 -28.20 6.34
CA ASP A 705 33.94 -27.67 6.89
C ASP A 705 33.71 -26.28 6.31
N GLU A 706 32.65 -25.62 6.78
CA GLU A 706 32.30 -24.32 6.22
C GLU A 706 33.35 -23.25 6.49
N THR A 707 34.14 -23.41 7.56
CA THR A 707 35.26 -22.49 7.77
C THR A 707 36.35 -22.69 6.73
N VAL A 708 36.40 -23.87 6.09
CA VAL A 708 37.28 -24.05 4.94
C VAL A 708 36.67 -23.44 3.68
N GLY A 709 35.38 -23.65 3.47
CA GLY A 709 34.72 -23.14 2.29
C GLY A 709 33.37 -23.78 2.09
N THR A 710 32.63 -23.24 1.13
CA THR A 710 31.30 -23.71 0.80
C THR A 710 31.18 -24.07 -0.68
N THR A 711 32.28 -24.09 -1.42
CA THR A 711 32.27 -24.45 -2.83
C THR A 711 33.39 -25.44 -3.08
N VAL A 712 33.29 -26.16 -4.21
CA VAL A 712 34.32 -27.13 -4.56
C VAL A 712 35.66 -26.42 -4.75
N ASP A 713 35.64 -25.21 -5.31
CA ASP A 713 36.88 -24.52 -5.62
C ASP A 713 37.64 -24.11 -4.36
N GLU A 714 36.91 -23.85 -3.27
CA GLU A 714 37.59 -23.53 -2.02
C GLU A 714 38.02 -24.78 -1.28
N VAL A 715 37.29 -25.89 -1.44
CA VAL A 715 37.49 -27.06 -0.60
C VAL A 715 38.55 -28.00 -1.16
N LEU A 716 38.58 -28.16 -2.48
CA LEU A 716 39.52 -29.13 -3.05
C LEU A 716 40.97 -28.82 -2.69
N PRO A 717 41.45 -27.58 -2.79
CA PRO A 717 42.85 -27.32 -2.39
C PRO A 717 43.15 -27.72 -0.95
N PHE A 718 42.18 -27.55 -0.04
CA PHE A 718 42.39 -27.94 1.34
C PHE A 718 42.56 -29.45 1.45
N LEU A 719 41.73 -30.21 0.73
CA LEU A 719 41.86 -31.66 0.76
C LEU A 719 43.18 -32.10 0.14
N GLU A 720 43.64 -31.41 -0.90
CA GLU A 720 44.91 -31.75 -1.51
C GLU A 720 46.06 -31.47 -0.54
N GLU A 721 45.97 -30.38 0.21
CA GLU A 721 47.03 -30.03 1.13
C GLU A 721 47.00 -30.87 2.41
N LYS A 722 45.86 -31.46 2.74
CA LYS A 722 45.78 -32.39 3.85
C LYS A 722 45.99 -33.84 3.44
N GLY A 723 46.15 -34.12 2.15
CA GLY A 723 46.38 -35.49 1.75
C GLY A 723 45.20 -36.39 2.04
N HIS A 724 43.99 -35.88 1.86
CA HIS A 724 42.81 -36.64 2.24
C HIS A 724 42.75 -37.94 1.45
N PRO A 725 42.59 -39.10 2.10
CA PRO A 725 42.65 -40.37 1.36
C PRO A 725 41.62 -40.50 0.25
N ALA A 726 40.46 -39.86 0.39
CA ALA A 726 39.41 -40.03 -0.61
C ALA A 726 39.89 -39.60 -2.00
N LEU A 727 40.82 -38.64 -2.06
CA LEU A 727 41.32 -38.19 -3.35
C LEU A 727 42.05 -39.31 -4.09
N SER A 728 42.68 -40.22 -3.35
CA SER A 728 43.39 -41.35 -3.95
C SER A 728 42.53 -42.60 -4.07
N MET A 729 41.29 -42.56 -3.60
CA MET A 729 40.38 -43.68 -3.73
C MET A 729 39.72 -43.67 -5.10
N GLU A 730 39.15 -44.82 -5.46
CA GLU A 730 38.46 -44.94 -6.74
C GLU A 730 37.26 -43.99 -6.78
N PRO A 731 36.99 -43.35 -7.92
CA PRO A 731 35.74 -42.57 -8.02
C PRO A 731 34.56 -43.50 -7.80
N LEU A 732 33.54 -42.99 -7.11
CA LEU A 732 32.37 -43.83 -6.87
C LEU A 732 31.51 -43.98 -8.12
N LEU A 733 31.37 -42.92 -8.91
CA LEU A 733 30.60 -42.98 -10.15
C LEU A 733 30.63 -41.64 -10.88
N VAL B 5 -32.37 22.60 4.38
CA VAL B 5 -32.05 21.24 4.00
C VAL B 5 -31.85 21.09 2.53
N ILE B 6 -30.72 21.51 1.98
CA ILE B 6 -30.52 21.41 0.52
C ILE B 6 -30.81 19.97 0.15
N ASN B 7 -31.74 19.73 -0.77
CA ASN B 7 -32.08 18.38 -1.21
C ASN B 7 -31.54 18.18 -2.62
N PHE B 8 -30.21 18.04 -2.69
CA PHE B 8 -29.53 17.99 -3.99
C PHE B 8 -29.95 16.76 -4.80
N ASP B 9 -30.18 15.64 -4.12
CA ASP B 9 -30.45 14.39 -4.82
C ASP B 9 -31.69 14.48 -5.67
N GLN B 10 -32.53 15.50 -5.45
CA GLN B 10 -33.72 15.67 -6.26
C GLN B 10 -33.40 15.79 -7.74
N ILE B 11 -32.18 16.23 -8.09
CA ILE B 11 -31.87 16.34 -9.51
C ILE B 11 -31.89 14.98 -10.21
N PHE B 12 -31.71 13.89 -9.47
CA PHE B 12 -31.67 12.56 -10.07
C PHE B 12 -33.02 11.87 -10.14
N GLU B 13 -34.10 12.54 -9.71
CA GLU B 13 -35.31 11.81 -9.35
C GLU B 13 -35.89 11.01 -10.51
N GLY B 14 -35.88 11.57 -11.71
CA GLY B 14 -36.50 10.94 -12.86
C GLY B 14 -35.58 10.15 -13.77
N ALA B 15 -34.31 10.00 -13.40
CA ALA B 15 -33.33 9.45 -14.35
C ALA B 15 -33.63 8.00 -14.71
N ILE B 16 -34.19 7.23 -13.79
CA ILE B 16 -34.34 5.79 -13.94
C ILE B 16 -35.77 5.42 -13.60
N GLU B 17 -36.46 4.74 -14.52
CA GLU B 17 -37.78 4.25 -14.20
C GLU B 17 -37.65 3.13 -13.16
N PRO B 18 -38.57 3.03 -12.20
CA PRO B 18 -38.33 2.11 -11.08
C PRO B 18 -38.22 0.68 -11.60
N GLY B 19 -37.33 -0.09 -10.98
CA GLY B 19 -37.17 -1.48 -11.36
C GLY B 19 -36.39 -1.70 -12.65
N LYS B 20 -35.80 -0.67 -13.23
CA LYS B 20 -34.92 -0.82 -14.39
C LYS B 20 -33.61 -0.07 -14.15
N GLU B 21 -32.96 -0.44 -13.06
CA GLU B 21 -31.63 0.09 -12.78
C GLU B 21 -30.59 -0.57 -13.69
N PRO B 22 -29.62 0.19 -14.20
CA PRO B 22 -28.54 -0.42 -14.98
C PRO B 22 -27.60 -1.21 -14.09
N LYS B 23 -27.99 -2.44 -13.75
CA LYS B 23 -27.27 -3.18 -12.73
C LYS B 23 -25.85 -3.52 -13.15
N ARG B 24 -25.57 -3.65 -14.45
CA ARG B 24 -24.19 -3.88 -14.85
C ARG B 24 -23.32 -2.69 -14.51
N LEU B 25 -23.82 -1.48 -14.78
CA LEU B 25 -23.07 -0.28 -14.45
C LEU B 25 -22.87 -0.17 -12.94
N PHE B 26 -23.95 -0.39 -12.17
CA PHE B 26 -23.86 -0.26 -10.73
C PHE B 26 -22.94 -1.31 -10.12
N LYS B 27 -22.93 -2.52 -10.69
CA LYS B 27 -22.05 -3.56 -10.17
C LYS B 27 -20.60 -3.24 -10.50
N GLU B 28 -20.34 -2.69 -11.69
CA GLU B 28 -18.98 -2.27 -12.02
C GLU B 28 -18.54 -1.13 -11.11
N VAL B 29 -19.46 -0.22 -10.79
CA VAL B 29 -19.12 0.89 -9.90
C VAL B 29 -18.81 0.37 -8.51
N TYR B 30 -19.59 -0.62 -8.05
CA TYR B 30 -19.38 -1.19 -6.72
C TYR B 30 -18.03 -1.89 -6.63
N GLU B 31 -17.70 -2.69 -7.64
CA GLU B 31 -16.41 -3.37 -7.65
C GLU B 31 -15.26 -2.37 -7.73
N GLY B 32 -15.42 -1.32 -8.54
CA GLY B 32 -14.35 -0.35 -8.68
C GLY B 32 -14.14 0.47 -7.41
N ALA B 33 -15.22 0.81 -6.73
CA ALA B 33 -15.09 1.53 -5.48
C ALA B 33 -14.42 0.67 -4.42
N ILE B 34 -14.78 -0.61 -4.35
CA ILE B 34 -14.10 -1.49 -3.40
C ILE B 34 -12.62 -1.58 -3.73
N THR B 35 -12.28 -1.66 -5.03
CA THR B 35 -10.89 -1.79 -5.42
C THR B 35 -10.09 -0.55 -5.08
N ALA B 36 -10.64 0.63 -5.37
CA ALA B 36 -9.93 1.87 -5.09
C ALA B 36 -9.77 2.08 -3.59
N THR B 37 -10.82 1.79 -2.81
CA THR B 37 -10.71 1.93 -1.36
C THR B 37 -9.70 0.94 -0.80
N SER B 38 -9.59 -0.25 -1.39
CA SER B 38 -8.58 -1.21 -0.93
C SER B 38 -7.17 -0.69 -1.23
N TYR B 39 -6.98 -0.13 -2.44
CA TYR B 39 -5.70 0.46 -2.76
C TYR B 39 -5.32 1.49 -1.71
N ALA B 40 -6.26 2.39 -1.40
CA ALA B 40 -5.96 3.46 -0.45
C ALA B 40 -5.72 2.92 0.95
N GLU B 41 -6.45 1.88 1.34
CA GLU B 41 -6.29 1.32 2.68
C GLU B 41 -4.88 0.75 2.84
N ILE B 42 -4.44 -0.06 1.87
CA ILE B 42 -3.15 -0.70 2.02
C ILE B 42 -2.02 0.33 1.92
N LEU B 43 -2.14 1.28 1.00
CA LEU B 43 -1.08 2.28 0.89
C LEU B 43 -1.00 3.15 2.14
N LEU B 44 -2.15 3.48 2.74
CA LEU B 44 -2.12 4.28 3.96
C LEU B 44 -1.54 3.49 5.12
N SER B 45 -1.87 2.20 5.21
CA SER B 45 -1.32 1.39 6.30
C SER B 45 0.20 1.27 6.17
N ARG B 46 0.68 1.09 4.93
CA ARG B 46 2.13 1.01 4.73
C ARG B 46 2.81 2.34 5.04
N ALA B 47 2.19 3.45 4.62
CA ALA B 47 2.79 4.76 4.88
C ALA B 47 2.82 5.06 6.37
N ILE B 48 1.79 4.65 7.11
CA ILE B 48 1.80 4.86 8.56
C ILE B 48 2.82 3.95 9.21
N GLU B 49 3.00 2.74 8.68
CA GLU B 49 4.02 1.85 9.24
C GLU B 49 5.41 2.44 9.04
N LYS B 50 5.63 3.12 7.92
CA LYS B 50 6.97 3.63 7.63
C LYS B 50 7.23 4.96 8.34
N TYR B 51 6.29 5.91 8.23
CA TYR B 51 6.54 7.28 8.68
C TYR B 51 5.99 7.58 10.07
N GLY B 52 4.98 6.85 10.52
CA GLY B 52 4.34 7.13 11.79
C GLY B 52 3.09 7.95 11.63
N PRO B 53 2.14 7.77 12.56
CA PRO B 53 0.83 8.45 12.41
C PRO B 53 0.92 9.96 12.29
N ASP B 54 1.89 10.59 12.95
CA ASP B 54 1.98 12.04 13.00
C ASP B 54 2.67 12.67 11.80
N HIS B 55 3.15 11.87 10.85
CA HIS B 55 3.91 12.42 9.74
C HIS B 55 3.03 13.36 8.90
N PRO B 56 3.53 14.54 8.53
CA PRO B 56 2.70 15.46 7.74
C PRO B 56 2.35 14.88 6.37
N VAL B 57 1.16 15.23 5.89
CA VAL B 57 0.68 14.82 4.57
C VAL B 57 -0.07 16.01 3.96
N GLY B 58 0.08 16.20 2.66
CA GLY B 58 -0.63 17.29 2.00
C GLY B 58 -0.12 17.52 0.59
N TYR B 59 -0.69 18.57 -0.03
CA TYR B 59 -0.46 18.96 -1.42
C TYR B 59 0.35 20.25 -1.47
N PRO B 60 1.10 20.49 -2.55
CA PRO B 60 1.85 21.75 -2.65
C PRO B 60 0.93 22.93 -2.93
N ASP B 61 1.14 24.02 -2.17
CA ASP B 61 0.58 25.34 -2.47
C ASP B 61 -0.95 25.32 -2.52
N THR B 62 -1.57 24.86 -1.44
CA THR B 62 -3.01 25.00 -1.31
C THR B 62 -3.38 25.30 0.15
N ALA B 63 -4.41 26.12 0.33
CA ALA B 63 -4.96 26.43 1.63
C ALA B 63 -6.04 25.46 2.08
N TYR B 64 -6.34 24.44 1.28
CA TYR B 64 -7.53 23.62 1.47
C TYR B 64 -7.20 22.15 1.68
N PHE B 65 -6.00 21.87 2.21
CA PHE B 65 -5.67 20.54 2.71
C PHE B 65 -5.90 19.50 1.63
N LEU B 66 -6.81 18.56 1.84
CA LEU B 66 -7.22 17.68 0.75
C LEU B 66 -8.57 18.20 0.26
N PRO B 67 -8.62 19.00 -0.81
CA PRO B 67 -9.83 19.80 -1.06
C PRO B 67 -11.11 18.99 -1.22
N VAL B 68 -11.05 17.79 -1.80
CA VAL B 68 -12.27 17.00 -1.95
C VAL B 68 -12.85 16.66 -0.59
N ILE B 69 -11.99 16.17 0.31
CA ILE B 69 -12.42 15.83 1.66
C ILE B 69 -12.79 17.09 2.43
N ARG B 70 -12.01 18.16 2.26
CA ARG B 70 -12.30 19.38 2.99
C ARG B 70 -13.65 19.96 2.61
N ALA B 71 -14.05 19.81 1.35
CA ALA B 71 -15.34 20.33 0.92
C ALA B 71 -16.48 19.42 1.36
N PHE B 72 -16.37 18.11 1.09
CA PHE B 72 -17.54 17.25 1.26
C PHE B 72 -17.75 16.82 2.71
N SER B 73 -16.69 16.69 3.51
CA SER B 73 -16.85 16.32 4.92
C SER B 73 -16.12 17.23 5.90
N GLY B 74 -15.25 18.10 5.43
CA GLY B 74 -14.73 19.19 6.24
C GLY B 74 -13.50 18.90 7.08
N GLU B 75 -12.98 17.69 7.07
CA GLU B 75 -11.85 17.37 7.93
C GLU B 75 -10.61 18.16 7.50
N GLU B 76 -9.82 18.56 8.50
CA GLU B 76 -8.57 19.29 8.29
C GLU B 76 -7.42 18.28 8.28
N VAL B 77 -7.27 17.58 7.16
CA VAL B 77 -6.25 16.54 7.05
C VAL B 77 -4.88 17.20 7.07
N ARG B 78 -4.04 16.80 8.03
CA ARG B 78 -2.71 17.36 8.18
C ARG B 78 -1.65 16.27 8.30
N THR B 79 -2.04 15.11 8.83
CA THR B 79 -1.12 14.01 9.08
C THR B 79 -1.81 12.71 8.69
N LEU B 80 -0.99 11.67 8.53
CA LEU B 80 -1.50 10.41 8.00
C LEU B 80 -2.63 9.84 8.84
N LYS B 81 -2.53 9.97 10.17
CA LYS B 81 -3.57 9.43 11.04
C LYS B 81 -4.93 10.00 10.68
N ASP B 82 -5.13 11.23 10.17
CA ASP B 82 -6.47 11.85 9.91
C ASP B 82 -7.26 11.06 8.83
N MET B 83 -6.49 10.56 7.90
CA MET B 83 -7.01 9.78 6.76
C MET B 83 -7.66 8.47 7.24
N VAL B 84 -7.18 7.88 8.32
CA VAL B 84 -7.71 6.57 8.80
C VAL B 84 -9.21 6.65 9.10
N PRO B 85 -9.73 7.59 9.92
CA PRO B 85 -11.16 7.60 10.17
C PRO B 85 -11.88 7.94 8.87
N ILE B 86 -11.32 8.83 8.05
CA ILE B 86 -12.05 9.12 6.78
C ILE B 86 -12.22 7.85 5.91
N LEU B 87 -11.19 7.06 5.73
CA LEU B 87 -11.22 5.83 4.90
C LEU B 87 -12.22 4.83 5.47
N ASN B 88 -12.26 4.70 6.79
CA ASN B 88 -13.20 3.76 7.44
C ASN B 88 -14.61 4.18 7.05
N ARG B 89 -14.89 5.47 7.12
CA ARG B 89 -16.20 5.98 6.78
C ARG B 89 -16.54 5.65 5.33
N MET B 90 -15.60 5.86 4.44
CA MET B 90 -15.87 5.67 3.02
C MET B 90 -16.13 4.19 2.79
N ARG B 91 -15.38 3.32 3.46
CA ARG B 91 -15.57 1.88 3.27
C ARG B 91 -16.96 1.47 3.75
N ALA B 92 -17.47 2.16 4.76
CA ALA B 92 -18.77 1.80 5.29
C ALA B 92 -19.90 2.15 4.33
N GLN B 93 -19.70 3.14 3.45
CA GLN B 93 -20.82 3.60 2.62
C GLN B 93 -20.89 2.92 1.25
N ILE B 94 -20.02 1.96 0.97
CA ILE B 94 -20.09 1.17 -0.25
C ILE B 94 -21.03 0.01 -0.01
N LYS B 95 -22.13 -0.03 -0.76
CA LYS B 95 -23.20 -0.98 -0.48
C LYS B 95 -23.54 -1.89 -1.65
N SER B 96 -23.85 -3.13 -1.29
CA SER B 96 -24.12 -4.19 -2.26
C SER B 96 -25.35 -3.87 -3.11
N GLU B 97 -26.38 -3.29 -2.50
CA GLU B 97 -27.63 -3.11 -3.21
C GLU B 97 -27.41 -2.17 -4.39
N LEU B 98 -27.93 -2.55 -5.56
CA LEU B 98 -27.61 -1.87 -6.81
C LEU B 98 -28.67 -0.81 -7.08
N THR B 99 -28.55 0.29 -6.34
CA THR B 99 -29.39 1.47 -6.51
C THR B 99 -28.53 2.63 -6.97
N PHE B 100 -29.18 3.60 -7.63
CA PHE B 100 -28.45 4.76 -8.12
C PHE B 100 -27.82 5.55 -6.96
N GLU B 101 -28.50 5.60 -5.82
CA GLU B 101 -27.94 6.32 -4.68
C GLU B 101 -26.68 5.64 -4.16
N ASN B 102 -26.71 4.31 -4.06
CA ASN B 102 -25.52 3.59 -3.61
C ASN B 102 -24.39 3.71 -4.62
N ALA B 103 -24.71 3.80 -5.91
CA ALA B 103 -23.65 4.01 -6.91
C ALA B 103 -23.03 5.38 -6.75
N ARG B 104 -23.84 6.40 -6.47
CA ARG B 104 -23.29 7.73 -6.24
C ARG B 104 -22.42 7.77 -4.99
N LEU B 105 -22.85 7.07 -3.93
CA LEU B 105 -22.03 7.00 -2.72
C LEU B 105 -20.72 6.27 -2.98
N ALA B 106 -20.76 5.21 -3.80
CA ALA B 106 -19.53 4.52 -4.17
C ALA B 106 -18.61 5.43 -4.98
N GLY B 107 -19.19 6.30 -5.82
CA GLY B 107 -18.35 7.23 -6.56
C GLY B 107 -17.71 8.27 -5.67
N GLU B 108 -18.46 8.73 -4.66
CA GLU B 108 -17.86 9.65 -3.69
C GLU B 108 -16.72 8.97 -2.94
N ALA B 109 -16.93 7.72 -2.52
CA ALA B 109 -15.87 7.00 -1.84
C ALA B 109 -14.66 6.78 -2.74
N THR B 110 -14.90 6.58 -4.04
CA THR B 110 -13.78 6.43 -4.98
C THR B 110 -13.00 7.73 -5.10
N TRP B 111 -13.70 8.86 -5.10
CA TRP B 111 -13.00 10.15 -5.14
C TRP B 111 -12.17 10.35 -3.87
N TYR B 112 -12.73 9.97 -2.72
CA TYR B 112 -11.98 10.09 -1.47
C TYR B 112 -10.74 9.21 -1.49
N ALA B 113 -10.87 7.99 -2.02
CA ALA B 113 -9.74 7.08 -2.06
C ALA B 113 -8.66 7.59 -3.01
N ALA B 114 -9.06 8.13 -4.16
CA ALA B 114 -8.07 8.67 -5.08
C ALA B 114 -7.35 9.87 -4.48
N GLU B 115 -8.08 10.71 -3.75
CA GLU B 115 -7.45 11.85 -3.10
C GLU B 115 -6.44 11.40 -2.05
N ILE B 116 -6.78 10.39 -1.27
CA ILE B 116 -5.86 9.89 -0.26
C ILE B 116 -4.62 9.29 -0.93
N ILE B 117 -4.82 8.51 -1.99
CA ILE B 117 -3.68 7.89 -2.66
C ILE B 117 -2.76 8.96 -3.24
N GLU B 118 -3.34 10.05 -3.76
CA GLU B 118 -2.51 11.10 -4.35
C GLU B 118 -1.75 11.87 -3.28
N ALA B 119 -2.37 12.11 -2.13
CA ALA B 119 -1.63 12.76 -1.04
C ALA B 119 -0.47 11.89 -0.59
N LEU B 120 -0.69 10.57 -0.53
CA LEU B 120 0.42 9.67 -0.19
C LEU B 120 1.50 9.73 -1.25
N ARG B 121 1.11 9.85 -2.52
CA ARG B 121 2.11 9.97 -3.58
C ARG B 121 2.94 11.24 -3.40
N TYR B 122 2.30 12.31 -2.95
CA TYR B 122 2.97 13.59 -2.78
C TYR B 122 3.78 13.65 -1.49
N LEU B 123 3.66 12.64 -0.64
CA LEU B 123 4.56 12.58 0.51
C LEU B 123 6.02 12.72 0.09
N LYS B 124 6.39 12.22 -1.09
CA LYS B 124 7.74 12.32 -1.60
C LYS B 124 8.02 13.60 -2.38
N HIS B 125 7.01 14.46 -2.56
CA HIS B 125 7.15 15.63 -3.41
C HIS B 125 7.66 16.85 -2.64
N THR B 126 8.63 17.53 -3.22
CA THR B 126 9.07 18.86 -2.84
C THR B 126 9.23 19.69 -4.11
N PRO B 127 9.17 21.02 -4.01
CA PRO B 127 9.42 21.84 -5.21
C PRO B 127 10.80 21.62 -5.78
N GLU B 128 11.74 21.10 -4.99
CA GLU B 128 13.09 20.88 -5.47
C GLU B 128 13.35 19.43 -5.85
N ASN B 129 12.42 18.52 -5.55
CA ASN B 129 12.42 17.16 -6.10
C ASN B 129 10.99 16.80 -6.49
N PRO B 130 10.45 17.42 -7.53
CA PRO B 130 9.05 17.16 -7.89
C PRO B 130 8.82 15.73 -8.35
N ILE B 131 7.61 15.22 -8.05
CA ILE B 131 7.19 13.94 -8.60
C ILE B 131 6.51 14.10 -9.95
N VAL B 132 6.37 15.33 -10.44
CA VAL B 132 5.75 15.60 -11.74
C VAL B 132 6.48 16.79 -12.36
N VAL B 133 6.54 16.81 -13.68
CA VAL B 133 7.21 17.89 -14.39
C VAL B 133 6.32 18.40 -15.52
N PRO B 134 6.46 19.65 -15.94
CA PRO B 134 5.62 20.15 -17.03
C PRO B 134 5.88 19.39 -18.31
N PRO B 135 4.86 19.25 -19.19
CA PRO B 135 3.55 19.91 -19.06
C PRO B 135 2.59 19.26 -18.06
N TRP B 136 2.93 18.08 -17.56
CA TRP B 136 2.08 17.44 -16.56
C TRP B 136 1.96 18.32 -15.33
N THR B 137 0.79 18.30 -14.71
CA THR B 137 0.51 19.12 -13.54
C THR B 137 0.43 18.34 -12.24
N GLY B 138 -0.13 17.14 -12.27
CA GLY B 138 -0.50 16.52 -11.00
C GLY B 138 -1.48 17.42 -10.28
N PHE B 139 -1.31 17.55 -8.96
CA PHE B 139 -2.11 18.50 -8.21
C PHE B 139 -1.82 19.91 -8.71
N ILE B 140 -2.87 20.68 -8.96
CA ILE B 140 -2.75 22.05 -9.47
C ILE B 140 -2.87 23.00 -8.28
N GLY B 141 -1.94 23.94 -8.18
CA GLY B 141 -1.91 24.82 -7.04
C GLY B 141 -3.05 25.83 -7.06
N ASP B 142 -3.33 26.38 -5.87
CA ASP B 142 -4.36 27.40 -5.75
C ASP B 142 -4.17 28.56 -6.72
N PRO B 143 -2.96 29.09 -6.91
CA PRO B 143 -2.82 30.26 -7.78
C PRO B 143 -3.35 30.05 -9.19
N VAL B 144 -3.25 28.85 -9.76
CA VAL B 144 -3.76 28.62 -11.11
C VAL B 144 -5.29 28.67 -11.11
N VAL B 145 -5.91 28.06 -10.11
CA VAL B 145 -7.36 28.13 -9.97
C VAL B 145 -7.79 29.58 -9.94
N ARG B 146 -7.12 30.38 -9.10
CA ARG B 146 -7.50 31.78 -8.96
C ARG B 146 -7.22 32.56 -10.24
N GLN B 147 -6.13 32.24 -10.94
CA GLN B 147 -5.77 33.02 -12.13
C GLN B 147 -6.75 32.80 -13.26
N TYR B 148 -7.39 31.63 -13.33
CA TYR B 148 -8.40 31.42 -14.36
C TYR B 148 -9.83 31.64 -13.87
N GLY B 149 -10.00 31.96 -12.58
CA GLY B 149 -11.33 32.27 -12.10
C GLY B 149 -11.99 33.42 -12.84
N ILE B 150 -11.20 34.46 -13.18
CA ILE B 150 -11.79 35.62 -13.83
C ILE B 150 -12.31 35.27 -15.22
N LYS B 151 -11.66 34.35 -15.92
CA LYS B 151 -12.19 33.88 -17.18
C LYS B 151 -13.40 32.98 -16.99
N MET B 152 -13.49 32.32 -15.83
CA MET B 152 -14.67 31.49 -15.60
C MET B 152 -15.93 32.31 -15.34
N VAL B 153 -15.81 33.44 -14.64
CA VAL B 153 -17.00 34.09 -14.12
C VAL B 153 -17.88 34.68 -15.23
N ASP B 154 -17.28 35.09 -16.35
CA ASP B 154 -18.04 35.60 -17.49
C ASP B 154 -18.14 34.59 -18.60
N TRP B 155 -17.75 33.33 -18.34
CA TRP B 155 -17.87 32.24 -19.29
C TRP B 155 -17.05 32.47 -20.56
N THR B 156 -15.95 33.22 -20.42
CA THR B 156 -14.90 33.14 -21.42
C THR B 156 -14.38 31.70 -21.50
N ILE B 157 -14.38 31.01 -20.37
CA ILE B 157 -14.32 29.56 -20.33
C ILE B 157 -15.75 29.06 -20.18
N PRO B 158 -16.36 28.50 -21.22
CA PRO B 158 -17.79 28.12 -21.11
C PRO B 158 -18.03 26.95 -20.17
N GLY B 159 -17.00 26.16 -19.89
CA GLY B 159 -17.18 24.94 -19.12
C GLY B 159 -15.88 24.19 -19.06
N GLU B 160 -15.95 22.97 -18.52
CA GLU B 160 -14.78 22.14 -18.30
C GLU B 160 -15.02 20.75 -18.83
N ALA B 161 -13.99 20.17 -19.44
CA ALA B 161 -14.04 18.81 -19.98
C ALA B 161 -13.00 17.98 -19.25
N ILE B 162 -13.46 16.94 -18.55
CA ILE B 162 -12.58 15.98 -17.90
C ILE B 162 -12.52 14.75 -18.81
N ILE B 163 -11.37 14.54 -19.45
CA ILE B 163 -11.21 13.48 -20.44
C ILE B 163 -10.36 12.40 -19.84
N ILE B 164 -10.92 11.20 -19.70
CA ILE B 164 -10.24 10.05 -19.11
C ILE B 164 -10.20 8.94 -20.15
N GLY B 165 -9.11 8.17 -20.13
CA GLY B 165 -8.98 7.03 -21.00
C GLY B 165 -8.18 7.29 -22.26
N ARG B 166 -8.63 6.72 -23.38
CA ARG B 166 -7.88 6.74 -24.62
C ARG B 166 -8.84 6.96 -25.78
N ALA B 167 -8.54 7.94 -26.62
CA ALA B 167 -9.29 8.16 -27.84
C ALA B 167 -9.00 7.03 -28.83
N LYS B 168 -9.94 6.82 -29.76
CA LYS B 168 -9.83 5.69 -30.67
C LYS B 168 -8.51 5.71 -31.44
N ASP B 169 -7.98 6.90 -31.73
CA ASP B 169 -6.62 7.04 -32.22
C ASP B 169 -6.17 8.47 -32.00
N SER B 170 -4.88 8.72 -32.22
CA SER B 170 -4.29 10.00 -31.88
C SER B 170 -4.95 11.16 -32.63
N LYS B 171 -5.31 10.93 -33.89
CA LYS B 171 -5.86 12.02 -34.68
C LYS B 171 -7.26 12.40 -34.20
N ALA B 172 -8.08 11.43 -33.80
CA ALA B 172 -9.39 11.75 -33.26
C ALA B 172 -9.27 12.52 -31.94
N ALA B 173 -8.27 12.15 -31.12
CA ALA B 173 -8.02 12.88 -29.89
C ALA B 173 -7.67 14.33 -30.21
N LYS B 174 -6.76 14.53 -31.17
CA LYS B 174 -6.40 15.88 -31.55
C LYS B 174 -7.59 16.64 -32.08
N LYS B 175 -8.48 15.96 -32.81
CA LYS B 175 -9.64 16.64 -33.37
C LYS B 175 -10.56 17.16 -32.27
N ILE B 176 -10.97 16.28 -31.36
CA ILE B 176 -11.91 16.72 -30.35
C ILE B 176 -11.26 17.75 -29.43
N VAL B 177 -9.95 17.63 -29.18
CA VAL B 177 -9.31 18.56 -28.25
C VAL B 177 -9.10 19.92 -28.91
N ASP B 178 -8.74 19.95 -30.20
CA ASP B 178 -8.65 21.23 -30.89
C ASP B 178 -10.00 21.92 -30.91
N ASP B 179 -11.07 21.14 -31.09
CA ASP B 179 -12.41 21.71 -31.06
C ASP B 179 -12.71 22.33 -29.69
N LEU B 180 -12.44 21.57 -28.62
CA LEU B 180 -12.74 22.07 -27.28
C LEU B 180 -11.90 23.29 -26.93
N MET B 181 -10.63 23.30 -27.33
CA MET B 181 -9.77 24.45 -27.04
C MET B 181 -10.19 25.67 -27.85
N GLY B 182 -10.71 25.46 -29.06
CA GLY B 182 -11.26 26.59 -29.80
C GLY B 182 -12.55 27.09 -29.22
N LYS B 183 -13.28 26.23 -28.50
CA LYS B 183 -14.46 26.68 -27.76
C LYS B 183 -14.10 27.28 -26.41
N GLY B 184 -12.83 27.20 -25.99
CA GLY B 184 -12.38 27.82 -24.76
C GLY B 184 -12.60 27.03 -23.50
N LEU B 185 -13.00 25.78 -23.59
CA LEU B 185 -13.19 24.97 -22.39
C LEU B 185 -11.86 24.64 -21.72
N MET B 186 -11.86 24.70 -20.38
CA MET B 186 -10.75 24.18 -19.59
C MET B 186 -10.76 22.66 -19.65
N LEU B 187 -9.57 22.08 -19.79
CA LEU B 187 -9.44 20.64 -19.97
C LEU B 187 -8.66 20.01 -18.83
N PHE B 188 -9.15 18.87 -18.35
CA PHE B 188 -8.41 17.99 -17.44
C PHE B 188 -8.22 16.66 -18.15
N LEU B 189 -6.96 16.29 -18.39
CA LEU B 189 -6.63 15.10 -19.16
C LEU B 189 -6.01 14.04 -18.26
N CYS B 190 -6.40 12.79 -18.46
CA CYS B 190 -5.91 11.69 -17.65
C CYS B 190 -5.72 10.46 -18.51
N ASP B 191 -4.64 9.72 -18.24
CA ASP B 191 -4.34 8.46 -18.91
C ASP B 191 -3.84 8.66 -20.34
N GLU B 192 -4.09 7.69 -21.21
CA GLU B 192 -3.36 7.60 -22.47
C GLU B 192 -3.69 8.71 -23.45
N ILE B 193 -4.79 9.45 -23.23
CA ILE B 193 -5.10 10.58 -24.09
C ILE B 193 -3.97 11.60 -24.10
N ILE B 194 -3.24 11.70 -22.99
CA ILE B 194 -2.19 12.72 -22.90
C ILE B 194 -1.09 12.45 -23.91
N GLU B 195 -0.57 11.22 -23.93
CA GLU B 195 0.48 10.88 -24.87
C GLU B 195 -0.03 10.93 -26.31
N GLN B 196 -1.31 10.61 -26.53
CA GLN B 196 -1.88 10.74 -27.86
C GLN B 196 -1.81 12.19 -28.33
N LEU B 197 -2.22 13.12 -27.47
CA LEU B 197 -2.19 14.53 -27.85
C LEU B 197 -0.77 15.03 -28.04
N LEU B 198 0.15 14.59 -27.19
CA LEU B 198 1.55 15.02 -27.33
C LEU B 198 2.18 14.47 -28.61
N GLU B 199 1.73 13.29 -29.04
CA GLU B 199 2.22 12.73 -30.29
C GLU B 199 1.81 13.59 -31.48
N GLU B 200 0.67 14.27 -31.37
CA GLU B 200 0.19 15.18 -32.41
C GLU B 200 0.63 16.61 -32.19
N ASN B 201 1.46 16.87 -31.18
CA ASN B 201 1.97 18.21 -30.88
C ASN B 201 0.84 19.19 -30.60
N VAL B 202 -0.24 18.71 -29.98
CA VAL B 202 -1.23 19.62 -29.41
C VAL B 202 -0.60 20.32 -28.21
N LYS B 203 -0.88 21.61 -28.07
CA LYS B 203 -0.32 22.39 -26.98
C LYS B 203 -1.05 22.08 -25.68
N LEU B 204 -0.30 21.66 -24.66
CA LEU B 204 -0.85 21.28 -23.38
C LEU B 204 -0.06 21.96 -22.27
N GLY B 205 -0.70 22.14 -21.13
CA GLY B 205 -0.07 22.76 -19.97
C GLY B 205 -0.92 23.86 -19.40
N VAL B 206 -0.47 24.33 -18.23
CA VAL B 206 -1.26 25.32 -17.49
C VAL B 206 -1.44 26.60 -18.29
N ASP B 207 -0.48 26.94 -19.14
CA ASP B 207 -0.60 28.14 -19.95
C ASP B 207 -1.72 28.03 -20.99
N TYR B 208 -2.10 26.81 -21.37
CA TYR B 208 -3.14 26.58 -22.37
C TYR B 208 -4.45 26.13 -21.75
N ILE B 209 -4.57 26.19 -20.43
CA ILE B 209 -5.78 25.80 -19.72
C ILE B 209 -6.15 24.38 -20.11
N ALA B 210 -5.14 23.54 -20.31
CA ALA B 210 -5.32 22.14 -20.69
C ALA B 210 -4.32 21.35 -19.85
N TYR B 211 -4.79 20.80 -18.73
CA TYR B 211 -3.89 20.25 -17.72
C TYR B 211 -3.72 18.75 -17.93
N PRO B 212 -2.51 18.26 -18.22
CA PRO B 212 -2.27 16.81 -18.17
C PRO B 212 -2.05 16.34 -16.74
N LEU B 213 -3.10 15.86 -16.09
CA LEU B 213 -3.00 15.52 -14.68
C LEU B 213 -2.05 14.34 -14.44
N GLY B 214 -1.98 13.41 -15.38
CA GLY B 214 -1.28 12.16 -15.16
C GLY B 214 -2.12 10.96 -15.56
N ASN B 215 -2.05 9.88 -14.78
CA ASN B 215 -2.82 8.68 -15.05
C ASN B 215 -3.51 8.23 -13.76
N PHE B 216 -4.50 7.34 -13.91
CA PHE B 216 -5.03 6.57 -12.78
C PHE B 216 -5.56 7.54 -11.74
N THR B 217 -5.12 7.45 -10.48
CA THR B 217 -5.74 8.26 -9.43
C THR B 217 -5.51 9.75 -9.61
N GLN B 218 -4.58 10.13 -10.49
CA GLN B 218 -4.38 11.55 -10.78
C GLN B 218 -5.64 12.20 -11.34
N VAL B 219 -6.63 11.40 -11.77
CA VAL B 219 -7.87 11.99 -12.23
C VAL B 219 -8.48 12.85 -11.13
N VAL B 220 -8.20 12.52 -9.87
CA VAL B 220 -8.81 13.23 -8.75
C VAL B 220 -8.40 14.70 -8.74
N HIS B 221 -7.31 15.04 -9.43
CA HIS B 221 -6.87 16.43 -9.45
C HIS B 221 -7.78 17.33 -10.28
N ALA B 222 -8.67 16.75 -11.09
CA ALA B 222 -9.78 17.56 -11.59
C ALA B 222 -10.75 17.88 -10.45
N ALA B 223 -11.11 16.86 -9.67
CA ALA B 223 -12.11 17.06 -8.63
C ALA B 223 -11.67 18.10 -7.61
N ASN B 224 -10.48 17.94 -7.03
CA ASN B 224 -10.04 18.89 -6.02
C ASN B 224 -9.83 20.27 -6.62
N TYR B 225 -9.65 20.37 -7.94
CA TYR B 225 -9.66 21.67 -8.58
C TYR B 225 -11.06 22.27 -8.53
N ALA B 226 -12.04 21.53 -9.04
CA ALA B 226 -13.38 22.08 -9.15
C ALA B 226 -13.94 22.44 -7.78
N LEU B 227 -13.76 21.56 -6.80
CA LEU B 227 -14.33 21.81 -5.48
C LEU B 227 -13.74 23.06 -4.85
N ARG B 228 -12.48 23.38 -5.18
CA ARG B 228 -11.88 24.56 -4.58
C ARG B 228 -12.64 25.82 -4.98
N ALA B 229 -13.27 25.80 -6.16
CA ALA B 229 -14.01 26.98 -6.58
C ALA B 229 -15.11 27.33 -5.59
N GLY B 230 -15.74 26.31 -4.99
CA GLY B 230 -16.73 26.58 -3.97
C GLY B 230 -16.11 26.95 -2.64
N LEU B 231 -14.96 26.36 -2.31
CA LEU B 231 -14.29 26.71 -1.06
C LEU B 231 -13.69 28.11 -1.13
N MET B 232 -13.32 28.55 -2.33
CA MET B 232 -12.71 29.86 -2.52
C MET B 232 -13.77 30.92 -2.81
N PHE B 233 -14.09 31.09 -4.10
CA PHE B 233 -14.94 32.22 -4.49
C PHE B 233 -16.30 32.14 -3.83
N GLY B 234 -16.84 30.92 -3.67
CA GLY B 234 -18.17 30.78 -3.13
C GLY B 234 -18.25 30.94 -1.63
N GLY B 235 -17.12 30.87 -0.94
CA GLY B 235 -17.15 31.02 0.50
C GLY B 235 -17.93 29.95 1.22
N ILE B 236 -18.19 28.84 0.54
CA ILE B 236 -18.98 27.76 1.14
C ILE B 236 -18.17 27.13 2.26
N ALA B 237 -18.81 26.88 3.40
CA ALA B 237 -18.09 26.36 4.55
C ALA B 237 -17.61 24.94 4.27
N PRO B 238 -16.44 24.56 4.77
CA PRO B 238 -16.01 23.16 4.62
C PRO B 238 -17.01 22.22 5.29
N GLY B 239 -17.26 21.10 4.63
CA GLY B 239 -18.12 20.07 5.18
C GLY B 239 -19.59 20.22 4.89
N LEU B 240 -20.02 21.31 4.25
CA LEU B 240 -21.42 21.47 3.86
C LEU B 240 -21.58 20.76 2.52
N ARG B 241 -21.83 19.45 2.61
CA ARG B 241 -21.69 18.57 1.45
C ARG B 241 -22.66 18.91 0.34
N ASP B 242 -23.95 19.00 0.68
CA ASP B 242 -24.93 19.29 -0.36
C ASP B 242 -24.79 20.72 -0.88
N ALA B 243 -24.32 21.65 -0.04
CA ALA B 243 -24.09 23.00 -0.54
C ALA B 243 -22.97 23.02 -1.57
N HIS B 244 -21.91 22.26 -1.33
CA HIS B 244 -20.83 22.18 -2.32
C HIS B 244 -21.30 21.47 -3.57
N ARG B 245 -22.08 20.39 -3.44
CA ARG B 245 -22.57 19.69 -4.62
C ARG B 245 -23.48 20.60 -5.44
N ASP B 246 -24.32 21.39 -4.77
CA ASP B 246 -25.21 22.32 -5.46
C ASP B 246 -24.42 23.43 -6.15
N TYR B 247 -23.35 23.89 -5.50
CA TYR B 247 -22.48 24.88 -6.14
C TYR B 247 -21.85 24.31 -7.39
N GLN B 248 -21.38 23.07 -7.32
CA GLN B 248 -20.75 22.44 -8.48
C GLN B 248 -21.75 22.30 -9.62
N ARG B 249 -22.94 21.76 -9.31
CA ARG B 249 -23.92 21.54 -10.37
C ARG B 249 -24.36 22.85 -11.00
N ARG B 250 -24.55 23.89 -10.19
CA ARG B 250 -25.11 25.13 -10.73
C ARG B 250 -24.06 25.97 -11.45
N ARG B 251 -22.79 25.88 -11.07
CA ARG B 251 -21.81 26.86 -11.52
C ARG B 251 -20.60 26.28 -12.23
N VAL B 252 -20.18 25.06 -11.89
CA VAL B 252 -19.01 24.43 -12.51
C VAL B 252 -19.55 23.54 -13.62
N LEU B 253 -19.57 24.06 -14.85
CA LEU B 253 -20.20 23.38 -15.98
C LEU B 253 -19.22 22.36 -16.56
N ALA B 254 -18.93 21.35 -15.76
CA ALA B 254 -18.00 20.28 -16.10
C ALA B 254 -18.74 19.04 -16.56
N PHE B 255 -18.07 18.25 -17.39
CA PHE B 255 -18.57 16.95 -17.82
C PHE B 255 -17.37 16.05 -18.06
N VAL B 256 -17.61 14.74 -18.04
CA VAL B 256 -16.58 13.75 -18.27
C VAL B 256 -16.71 13.19 -19.69
N LEU B 257 -15.59 13.06 -20.38
CA LEU B 257 -15.49 12.28 -21.60
C LEU B 257 -14.72 11.00 -21.26
N TYR B 258 -15.45 9.88 -21.23
CA TYR B 258 -14.93 8.57 -20.83
C TYR B 258 -14.64 7.81 -22.12
N LEU B 259 -13.40 7.88 -22.58
CA LEU B 259 -13.03 7.35 -23.89
C LEU B 259 -12.29 6.03 -23.76
N GLY B 260 -12.56 5.12 -24.69
CA GLY B 260 -11.87 3.86 -24.75
C GLY B 260 -12.48 2.80 -23.86
N GLU B 261 -11.76 1.69 -23.77
CA GLU B 261 -12.24 0.53 -23.03
C GLU B 261 -12.46 0.88 -21.57
N HIS B 262 -13.60 0.47 -21.03
CA HIS B 262 -13.94 0.71 -19.64
C HIS B 262 -13.15 -0.21 -18.71
N ASP B 263 -12.90 0.29 -17.51
CA ASP B 263 -12.44 -0.54 -16.39
C ASP B 263 -13.10 -0.02 -15.13
N MET B 264 -13.17 -0.88 -14.11
CA MET B 264 -14.07 -0.63 -12.99
C MET B 264 -13.68 0.62 -12.22
N VAL B 265 -12.37 0.87 -12.06
CA VAL B 265 -11.96 2.04 -11.30
C VAL B 265 -12.29 3.32 -12.05
N LYS B 266 -12.08 3.33 -13.37
CA LYS B 266 -12.44 4.50 -14.15
C LYS B 266 -13.94 4.76 -14.09
N THR B 267 -14.74 3.68 -14.16
CA THR B 267 -16.18 3.84 -14.09
C THR B 267 -16.61 4.36 -12.73
N ALA B 268 -15.94 3.94 -11.66
CA ALA B 268 -16.27 4.45 -10.33
C ALA B 268 -15.90 5.91 -10.19
N ALA B 269 -14.76 6.32 -10.76
CA ALA B 269 -14.41 7.74 -10.72
C ALA B 269 -15.41 8.58 -11.50
N ALA B 270 -15.87 8.08 -12.65
CA ALA B 270 -16.89 8.79 -13.41
C ALA B 270 -18.20 8.86 -12.63
N MET B 271 -18.54 7.80 -11.90
CA MET B 271 -19.73 7.86 -11.06
C MET B 271 -19.55 8.88 -9.94
N GLY B 272 -18.31 9.06 -9.47
CA GLY B 272 -18.06 10.13 -8.52
C GLY B 272 -18.31 11.50 -9.14
N ALA B 273 -17.98 11.64 -10.42
CA ALA B 273 -18.34 12.87 -11.13
C ALA B 273 -19.86 13.04 -11.16
N ILE B 274 -20.59 11.97 -11.43
CA ILE B 274 -22.06 12.06 -11.44
C ILE B 274 -22.59 12.43 -10.06
N PHE B 275 -21.92 11.97 -9.00
CA PHE B 275 -22.38 12.20 -7.64
C PHE B 275 -22.46 13.69 -7.32
N THR B 276 -21.58 14.50 -7.90
CA THR B 276 -21.60 15.94 -7.69
C THR B 276 -22.23 16.71 -8.86
N GLY B 277 -22.92 16.01 -9.77
CA GLY B 277 -23.68 16.68 -10.80
C GLY B 277 -23.03 16.81 -12.16
N PHE B 278 -21.93 16.11 -12.42
CA PHE B 278 -21.27 16.16 -13.72
C PHE B 278 -21.67 14.96 -14.56
N PRO B 279 -22.30 15.14 -15.72
CA PRO B 279 -22.64 13.99 -16.58
C PRO B 279 -21.40 13.36 -17.22
N VAL B 280 -21.56 12.08 -17.57
CA VAL B 280 -20.51 11.29 -18.22
C VAL B 280 -20.97 10.93 -19.63
N ILE B 281 -20.11 11.16 -20.61
CA ILE B 281 -20.36 10.83 -22.01
C ILE B 281 -19.21 9.93 -22.46
N THR B 282 -19.55 8.74 -22.95
CA THR B 282 -18.55 7.78 -23.40
C THR B 282 -18.69 7.50 -24.89
N ASP B 283 -17.57 7.17 -25.53
CA ASP B 283 -17.58 6.77 -26.93
C ASP B 283 -17.87 5.29 -27.12
N GLN B 284 -17.91 4.49 -26.05
CA GLN B 284 -18.21 3.07 -26.13
C GLN B 284 -19.70 2.84 -26.33
N PRO B 285 -20.09 1.79 -27.06
CA PRO B 285 -21.49 1.36 -27.03
C PRO B 285 -21.89 0.92 -25.63
N LEU B 286 -23.14 1.20 -25.27
CA LEU B 286 -23.64 0.88 -23.93
C LEU B 286 -24.92 0.07 -24.04
N PRO B 287 -24.98 -1.14 -23.48
CA PRO B 287 -26.26 -1.84 -23.33
C PRO B 287 -27.18 -1.07 -22.39
N GLU B 288 -28.48 -1.30 -22.55
CA GLU B 288 -29.45 -0.52 -21.80
C GLU B 288 -29.22 -0.63 -20.30
N ASP B 289 -28.64 -1.75 -19.85
CA ASP B 289 -28.38 -1.97 -18.43
C ASP B 289 -27.02 -1.43 -17.99
N LYS B 290 -26.35 -0.65 -18.84
CA LYS B 290 -25.13 0.05 -18.45
C LYS B 290 -25.18 1.50 -18.93
N GLN B 291 -26.33 2.15 -18.77
CA GLN B 291 -26.48 3.54 -19.16
C GLN B 291 -27.51 4.19 -18.24
N ILE B 292 -27.39 5.50 -18.07
CA ILE B 292 -28.36 6.30 -17.34
C ILE B 292 -28.70 7.51 -18.21
N LYS B 293 -29.99 7.77 -18.38
CA LYS B 293 -30.39 8.90 -19.23
C LYS B 293 -29.86 10.19 -18.63
N ASP B 294 -29.25 11.01 -19.48
CA ASP B 294 -28.70 12.33 -19.14
C ASP B 294 -27.55 12.26 -18.13
N TRP B 295 -27.01 11.08 -17.82
CA TRP B 295 -25.96 11.02 -16.80
C TRP B 295 -24.80 10.12 -17.18
N PHE B 296 -25.07 9.01 -17.88
CA PHE B 296 -24.03 8.06 -18.29
C PHE B 296 -24.47 7.55 -19.67
N ILE B 297 -23.98 8.20 -20.73
CA ILE B 297 -24.55 8.02 -22.06
C ILE B 297 -23.44 7.80 -23.08
N SER B 298 -23.83 7.15 -24.19
CA SER B 298 -22.91 6.78 -25.26
C SER B 298 -23.11 7.68 -26.48
N GLU B 299 -22.00 8.21 -27.00
CA GLU B 299 -21.96 8.90 -28.29
C GLU B 299 -20.74 8.39 -29.07
N PRO B 300 -20.87 7.23 -29.73
CA PRO B 300 -19.70 6.70 -30.44
C PRO B 300 -19.12 7.63 -31.50
N ASP B 301 -19.95 8.46 -32.15
CA ASP B 301 -19.50 9.27 -33.27
C ASP B 301 -18.68 10.45 -32.77
N TYR B 302 -17.40 10.49 -33.14
CA TYR B 302 -16.51 11.56 -32.70
C TYR B 302 -16.88 12.90 -33.31
N ASP B 303 -17.62 12.91 -34.41
CA ASP B 303 -18.07 14.18 -34.98
C ASP B 303 -19.13 14.84 -34.11
N LYS B 304 -19.79 14.08 -33.22
CA LYS B 304 -20.87 14.61 -32.40
C LYS B 304 -20.58 14.62 -30.90
N ILE B 305 -19.54 13.93 -30.44
CA ILE B 305 -19.39 13.67 -29.01
C ILE B 305 -19.27 14.98 -28.24
N VAL B 306 -18.61 15.97 -28.82
CA VAL B 306 -18.42 17.24 -28.11
C VAL B 306 -19.73 17.98 -27.99
N GLN B 307 -20.49 18.08 -29.10
CA GLN B 307 -21.77 18.78 -29.04
C GLN B 307 -22.77 18.03 -28.17
N THR B 308 -22.70 16.70 -28.15
CA THR B 308 -23.56 15.94 -27.25
C THR B 308 -23.25 16.28 -25.80
N ALA B 309 -21.97 16.30 -25.44
CA ALA B 309 -21.60 16.63 -24.07
C ALA B 309 -22.01 18.05 -23.72
N LEU B 310 -21.79 19.00 -24.63
CA LEU B 310 -22.14 20.38 -24.39
C LEU B 310 -23.65 20.55 -24.18
N GLU B 311 -24.44 19.83 -24.98
CA GLU B 311 -25.89 19.96 -24.87
C GLU B 311 -26.40 19.31 -23.59
N VAL B 312 -25.89 18.13 -23.26
CA VAL B 312 -26.36 17.48 -22.04
C VAL B 312 -25.94 18.27 -20.80
N ARG B 313 -24.77 18.91 -20.83
CA ARG B 313 -24.35 19.71 -19.68
C ARG B 313 -25.06 21.05 -19.59
N GLY B 314 -25.58 21.56 -20.71
CA GLY B 314 -26.18 22.89 -20.71
C GLY B 314 -25.27 24.03 -21.09
N ILE B 315 -24.14 23.77 -21.73
CA ILE B 315 -23.23 24.82 -22.15
C ILE B 315 -23.66 25.32 -23.52
N LYS B 316 -23.79 26.64 -23.66
CA LYS B 316 -24.18 27.28 -24.91
C LYS B 316 -23.00 28.09 -25.44
N ILE B 317 -22.58 27.76 -26.67
CA ILE B 317 -21.39 28.36 -27.28
C ILE B 317 -21.81 29.40 -28.31
N THR B 318 -21.11 30.56 -28.35
CA THR B 318 -21.27 31.63 -29.37
C THR B 318 -20.05 31.56 -30.33
N SER B 319 -20.23 31.13 -31.58
CA SER B 319 -19.14 30.95 -32.59
C SER B 319 -19.04 32.08 -33.62
N ILE B 320 -17.83 32.60 -33.91
CA ILE B 320 -17.61 33.72 -34.88
C ILE B 320 -17.86 33.25 -36.32
N ASP B 321 -17.78 31.95 -36.61
CA ASP B 321 -18.13 31.43 -37.97
C ASP B 321 -17.30 32.14 -39.04
N ILE B 322 -15.99 32.24 -38.86
CA ILE B 322 -15.07 32.78 -39.90
C ILE B 322 -14.02 31.69 -40.11
N ASP B 323 -13.60 31.44 -41.35
CA ASP B 323 -12.70 30.35 -41.76
C ASP B 323 -11.23 30.79 -41.68
N LEU B 324 -10.75 30.85 -40.45
CA LEU B 324 -9.31 31.09 -40.22
C LEU B 324 -8.50 29.83 -40.51
N PRO B 325 -7.31 29.96 -41.08
CA PRO B 325 -6.46 28.78 -41.31
C PRO B 325 -5.75 28.27 -40.06
N ILE B 326 -5.89 28.97 -38.94
CA ILE B 326 -5.30 28.55 -37.65
C ILE B 326 -6.43 28.35 -36.64
N ASN B 327 -6.18 27.54 -35.63
CA ASN B 327 -7.11 27.34 -34.50
C ASN B 327 -7.14 28.68 -33.78
N PHE B 328 -8.26 29.11 -33.34
CA PHE B 328 -8.26 30.31 -32.52
C PHE B 328 -9.20 30.01 -31.41
N GLY B 329 -8.97 30.64 -30.27
CA GLY B 329 -9.82 30.42 -29.13
C GLY B 329 -9.11 30.82 -27.88
N PRO B 330 -9.81 31.04 -26.59
CA PRO B 330 -9.23 31.45 -25.31
C PRO B 330 -8.04 30.62 -24.86
N ALA B 331 -7.99 29.34 -25.21
CA ALA B 331 -6.92 28.48 -24.70
C ALA B 331 -5.54 29.00 -25.09
N PHE B 332 -5.44 29.69 -26.22
CA PHE B 332 -4.16 30.12 -26.76
C PHE B 332 -3.74 31.52 -26.30
N GLU B 333 -4.53 32.19 -25.46
CA GLU B 333 -4.15 33.54 -25.04
C GLU B 333 -2.82 33.53 -24.30
N GLY B 334 -2.55 32.50 -23.51
CA GLY B 334 -1.40 32.46 -22.65
C GLY B 334 -0.11 31.95 -23.24
N GLU B 335 -0.12 31.57 -24.51
CA GLU B 335 1.07 31.00 -25.12
C GLU B 335 2.15 32.07 -25.27
N SER B 336 3.38 31.57 -25.43
N SER B 336 3.38 31.57 -25.43
CA SER B 336 4.59 32.37 -25.66
CA SER B 336 4.58 32.38 -25.67
C SER B 336 5.26 31.82 -26.94
C SER B 336 5.26 31.82 -26.94
N ILE B 337 5.62 32.72 -27.84
CA ILE B 337 6.24 32.33 -29.10
C ILE B 337 7.71 32.64 -28.95
N ARG B 338 8.53 31.60 -28.89
CA ARG B 338 9.93 31.85 -28.62
C ARG B 338 10.63 32.31 -29.89
N LYS B 339 11.85 32.82 -29.74
CA LYS B 339 12.53 33.41 -30.88
C LYS B 339 12.77 32.37 -31.97
N GLY B 340 13.02 31.12 -31.57
CA GLY B 340 13.28 30.08 -32.54
C GLY B 340 12.05 29.57 -33.25
N ASP B 341 10.87 29.81 -32.70
CA ASP B 341 9.62 29.42 -33.34
C ASP B 341 8.90 30.60 -33.99
N MET B 342 9.46 31.80 -33.94
CA MET B 342 8.80 33.00 -34.44
C MET B 342 9.09 33.16 -35.93
N HIS B 343 8.03 33.36 -36.72
CA HIS B 343 8.24 33.68 -38.11
C HIS B 343 8.46 35.17 -38.35
N VAL B 344 7.67 36.02 -37.68
CA VAL B 344 7.79 37.47 -37.88
C VAL B 344 7.29 38.20 -36.64
N GLU B 345 7.77 39.43 -36.47
CA GLU B 345 7.36 40.26 -35.36
C GLU B 345 7.23 41.70 -35.82
N PHE B 346 6.49 42.48 -35.03
CA PHE B 346 6.19 43.86 -35.31
C PHE B 346 6.24 44.63 -34.00
N GLY B 347 6.58 45.91 -34.08
CA GLY B 347 6.54 46.73 -32.89
C GLY B 347 7.63 46.40 -31.89
N GLY B 348 7.33 46.65 -30.62
CA GLY B 348 8.39 46.54 -29.66
C GLY B 348 9.43 47.60 -30.02
N GLY B 349 10.69 47.30 -29.74
CA GLY B 349 11.73 48.27 -30.01
C GLY B 349 12.45 47.96 -31.29
N LYS B 350 11.79 47.28 -32.23
CA LYS B 350 12.40 46.89 -33.49
C LYS B 350 11.78 47.56 -34.72
N THR B 351 10.47 47.73 -34.77
CA THR B 351 9.83 48.49 -35.84
C THR B 351 8.77 49.40 -35.25
N PRO B 352 8.46 50.51 -35.93
CA PRO B 352 7.33 51.34 -35.47
C PRO B 352 6.03 50.56 -35.52
N SER B 353 5.16 50.81 -34.54
CA SER B 353 3.91 50.06 -34.45
C SER B 353 2.90 50.87 -33.65
N PHE B 354 1.62 50.68 -33.97
CA PHE B 354 0.55 51.25 -33.17
C PHE B 354 -0.73 50.49 -33.50
N GLU B 355 -1.73 50.66 -32.62
CA GLU B 355 -3.07 50.15 -32.83
C GLU B 355 -4.06 51.24 -32.46
N LEU B 356 -5.18 51.29 -33.17
CA LEU B 356 -6.15 52.35 -32.93
C LEU B 356 -7.55 51.91 -33.32
N VAL B 357 -8.48 52.13 -32.41
CA VAL B 357 -9.91 52.13 -32.72
C VAL B 357 -10.34 53.58 -32.87
N ARG B 358 -11.19 53.85 -33.86
CA ARG B 358 -11.57 55.23 -34.16
C ARG B 358 -13.00 55.25 -34.67
N MET B 359 -13.86 55.98 -33.96
CA MET B 359 -15.22 56.24 -34.42
C MET B 359 -15.18 57.14 -35.65
N VAL B 360 -16.03 56.82 -36.63
CA VAL B 360 -16.09 57.54 -37.90
C VAL B 360 -17.54 57.66 -38.31
N GLY B 361 -17.80 58.56 -39.25
CA GLY B 361 -19.13 58.80 -39.73
C GLY B 361 -19.60 57.75 -40.71
N PRO B 362 -20.90 57.73 -40.96
CA PRO B 362 -21.46 56.73 -41.88
C PRO B 362 -20.89 56.81 -43.29
N ASP B 363 -20.52 58.00 -43.77
CA ASP B 363 -20.13 58.16 -45.16
C ASP B 363 -18.87 57.36 -45.51
N GLU B 364 -18.00 57.14 -44.52
CA GLU B 364 -16.59 56.89 -44.79
C GLU B 364 -16.22 55.42 -44.96
N ILE B 365 -17.06 54.48 -44.54
CA ILE B 365 -16.61 53.16 -44.14
C ILE B 365 -17.39 52.09 -44.89
N GLU B 366 -16.70 51.01 -45.24
CA GLU B 366 -17.27 49.82 -45.87
C GLU B 366 -17.19 48.69 -44.86
N ASP B 367 -18.34 48.26 -44.35
CA ASP B 367 -18.34 47.22 -43.34
C ASP B 367 -17.74 45.94 -43.90
N GLY B 368 -16.88 45.31 -43.11
CA GLY B 368 -16.28 44.07 -43.50
C GLY B 368 -15.09 44.19 -44.42
N LYS B 369 -14.70 45.40 -44.81
CA LYS B 369 -13.54 45.59 -45.66
C LYS B 369 -12.29 45.41 -44.81
N VAL B 370 -11.44 44.47 -45.21
CA VAL B 370 -10.18 44.21 -44.52
C VAL B 370 -9.06 44.35 -45.55
N GLU B 371 -8.15 45.28 -45.31
CA GLU B 371 -7.10 45.54 -46.29
C GLU B 371 -5.73 45.53 -45.64
N VAL B 372 -4.79 44.87 -46.30
CA VAL B 372 -3.38 44.90 -45.95
C VAL B 372 -2.69 45.82 -46.96
N ILE B 373 -2.17 46.94 -46.47
CA ILE B 373 -1.50 47.94 -47.31
C ILE B 373 -0.02 47.86 -47.01
N GLY B 374 0.75 47.33 -47.96
CA GLY B 374 2.16 47.10 -47.75
C GLY B 374 2.51 45.63 -47.86
N PRO B 375 3.81 45.31 -47.76
CA PRO B 375 4.22 43.90 -47.87
C PRO B 375 3.62 43.04 -46.77
N ASP B 376 3.31 41.79 -47.14
CA ASP B 376 2.77 40.80 -46.22
C ASP B 376 3.90 39.99 -45.58
N ILE B 377 3.55 39.14 -44.62
CA ILE B 377 4.56 38.48 -43.80
C ILE B 377 5.34 37.41 -44.55
N ASP B 378 4.88 37.00 -45.73
CA ASP B 378 5.72 36.18 -46.60
C ASP B 378 6.81 37.01 -47.28
N SER B 379 6.84 38.31 -47.15
CA SER B 379 7.88 39.14 -47.80
C SER B 379 9.15 39.13 -46.96
N VAL B 380 9.14 38.52 -45.79
CA VAL B 380 10.35 38.51 -44.98
C VAL B 380 10.84 37.08 -44.84
N GLU B 381 12.14 36.94 -44.56
CA GLU B 381 12.69 35.66 -44.17
C GLU B 381 12.26 35.34 -42.75
N PRO B 382 12.21 34.05 -42.37
CA PRO B 382 11.78 33.71 -41.01
C PRO B 382 12.70 34.36 -39.98
N GLY B 383 12.09 34.80 -38.88
CA GLY B 383 12.78 35.61 -37.89
C GLY B 383 12.83 37.08 -38.17
N GLY B 384 12.22 37.53 -39.27
CA GLY B 384 12.26 38.92 -39.65
C GLY B 384 11.22 39.77 -38.95
N ARG B 385 11.11 41.02 -39.39
CA ARG B 385 10.29 42.01 -38.72
C ARG B 385 9.70 42.97 -39.75
N LEU B 386 8.56 43.54 -39.41
CA LEU B 386 7.92 44.58 -40.21
C LEU B 386 7.29 45.63 -39.30
N PRO B 387 7.15 46.86 -39.79
CA PRO B 387 6.26 47.82 -39.11
C PRO B 387 4.82 47.36 -39.22
N ILE B 388 4.00 47.74 -38.24
CA ILE B 388 2.58 47.43 -38.30
C ILE B 388 1.78 48.56 -37.68
N GLY B 389 0.79 49.04 -38.42
CA GLY B 389 -0.19 49.97 -37.89
C GLY B 389 -1.58 49.45 -38.15
N ILE B 390 -2.37 49.22 -37.10
CA ILE B 390 -3.68 48.62 -37.23
C ILE B 390 -4.71 49.70 -36.93
N VAL B 391 -5.57 49.98 -37.91
CA VAL B 391 -6.61 50.99 -37.78
C VAL B 391 -7.96 50.31 -37.91
N VAL B 392 -8.75 50.37 -36.84
CA VAL B 392 -10.09 49.81 -36.80
C VAL B 392 -11.06 50.99 -36.80
N ASP B 393 -11.66 51.26 -37.96
CA ASP B 393 -12.69 52.27 -38.05
C ASP B 393 -14.04 51.68 -37.66
N ILE B 394 -14.80 52.42 -36.87
CA ILE B 394 -16.08 51.98 -36.34
C ILE B 394 -17.11 53.06 -36.61
N TYR B 395 -18.19 52.70 -37.29
CA TYR B 395 -19.38 53.53 -37.29
C TYR B 395 -20.52 52.81 -36.58
N GLY B 396 -21.25 53.55 -35.75
CA GLY B 396 -22.42 53.01 -35.09
C GLY B 396 -23.34 54.11 -34.65
N ARG B 397 -24.64 53.83 -34.66
CA ARG B 397 -25.59 54.87 -34.28
C ARG B 397 -25.61 55.07 -32.79
N LYS B 398 -25.14 54.09 -32.02
CA LYS B 398 -24.97 54.19 -30.56
C LYS B 398 -23.48 54.27 -30.22
N MET B 399 -22.58 54.40 -31.20
CA MET B 399 -21.16 54.52 -30.92
C MET B 399 -20.90 55.84 -30.20
N GLN B 400 -19.87 55.85 -29.35
CA GLN B 400 -19.44 57.04 -28.65
C GLN B 400 -17.93 57.11 -28.70
N GLU B 401 -17.39 58.33 -28.66
CA GLU B 401 -15.94 58.46 -28.60
C GLU B 401 -15.38 57.85 -27.33
N ASP B 402 -16.16 57.91 -26.24
N ASP B 402 -16.13 57.91 -26.22
CA ASP B 402 -15.76 57.33 -24.97
CA ASP B 402 -15.58 57.33 -25.00
C ASP B 402 -15.52 55.84 -25.11
C ASP B 402 -15.54 55.80 -25.07
N PHE B 403 -16.26 55.19 -26.02
CA PHE B 403 -16.15 53.75 -26.20
C PHE B 403 -14.86 53.38 -26.92
N GLU B 404 -14.20 54.35 -27.56
CA GLU B 404 -13.03 54.00 -28.37
C GLU B 404 -11.96 53.30 -27.56
N PRO B 405 -11.48 53.84 -26.42
CA PRO B 405 -10.44 53.11 -25.68
C PRO B 405 -10.87 51.71 -25.24
N VAL B 406 -12.12 51.50 -24.83
CA VAL B 406 -12.60 50.17 -24.39
C VAL B 406 -12.42 49.03 -25.44
N LEU B 407 -12.90 49.37 -26.64
CA LEU B 407 -12.80 48.49 -27.79
C LEU B 407 -11.33 48.18 -28.18
N GLU B 408 -10.55 49.24 -28.05
CA GLU B 408 -9.13 49.16 -28.35
C GLU B 408 -8.42 48.18 -27.45
N ARG B 409 -8.81 48.12 -26.18
CA ARG B 409 -8.28 47.16 -25.21
C ARG B 409 -8.57 45.78 -25.72
N ARG B 410 -9.76 45.54 -26.26
CA ARG B 410 -9.99 44.21 -26.85
C ARG B 410 -9.00 43.76 -27.92
N ILE B 411 -8.50 44.67 -28.75
CA ILE B 411 -7.44 44.18 -29.72
C ILE B 411 -6.35 43.17 -29.17
N HIS B 412 -5.81 43.43 -28.00
CA HIS B 412 -4.87 42.57 -27.30
C HIS B 412 -5.41 41.15 -27.23
N TYR B 413 -6.54 40.98 -26.56
CA TYR B 413 -7.08 39.64 -26.39
C TYR B 413 -7.44 39.02 -27.73
N PHE B 414 -8.04 39.80 -28.63
CA PHE B 414 -8.45 39.21 -29.89
C PHE B 414 -7.25 38.62 -30.61
N THR B 415 -6.09 39.26 -30.48
CA THR B 415 -4.92 38.76 -31.20
C THR B 415 -4.36 37.53 -30.52
N ASN B 416 -4.35 37.51 -29.18
CA ASN B 416 -3.72 36.41 -28.47
C ASN B 416 -4.53 35.13 -28.59
N TYR B 417 -5.83 35.23 -28.88
CA TYR B 417 -6.65 34.03 -28.99
C TYR B 417 -6.20 33.15 -30.14
N GLY B 418 -5.59 33.73 -31.16
CA GLY B 418 -5.07 32.94 -32.27
C GLY B 418 -3.90 32.08 -31.84
N GLU B 419 -3.92 30.82 -32.27
CA GLU B 419 -2.78 29.93 -32.06
C GLU B 419 -1.65 30.36 -32.97
N GLY B 420 -0.54 30.80 -32.38
CA GLY B 420 0.55 31.37 -33.14
C GLY B 420 0.48 32.86 -33.36
N PHE B 421 -0.57 33.52 -32.89
CA PHE B 421 -0.63 34.98 -32.81
C PHE B 421 -0.33 35.41 -31.38
N TRP B 422 0.41 36.51 -31.22
CA TRP B 422 0.82 36.95 -29.90
C TRP B 422 0.91 38.46 -29.87
N HIS B 423 0.50 39.05 -28.74
CA HIS B 423 0.35 40.49 -28.62
C HIS B 423 0.63 40.90 -27.18
N THR B 424 1.32 42.02 -27.02
CA THR B 424 1.53 42.59 -25.70
C THR B 424 1.64 44.10 -25.81
N ALA B 425 1.41 44.77 -24.67
CA ALA B 425 1.41 46.22 -24.56
C ALA B 425 0.18 46.82 -25.22
N GLN B 426 0.27 48.06 -25.69
CA GLN B 426 -0.91 48.79 -26.14
C GLN B 426 -0.48 50.01 -26.94
N ARG B 427 -1.45 50.64 -27.60
CA ARG B 427 -1.27 51.91 -28.29
C ARG B 427 -0.07 51.83 -29.23
N ASP B 428 0.89 52.74 -29.08
CA ASP B 428 2.07 52.77 -29.94
C ASP B 428 3.24 51.97 -29.36
N LEU B 429 3.02 51.24 -28.28
CA LEU B 429 4.04 50.38 -27.69
C LEU B 429 3.76 48.89 -27.94
N THR B 430 2.86 48.57 -28.85
CA THR B 430 2.48 47.19 -29.07
C THR B 430 3.68 46.38 -29.57
N TRP B 431 3.71 45.11 -29.17
CA TRP B 431 4.66 44.13 -29.69
C TRP B 431 3.86 42.92 -30.13
N VAL B 432 3.98 42.54 -31.40
CA VAL B 432 3.17 41.49 -32.00
C VAL B 432 4.10 40.45 -32.61
N ARG B 433 3.71 39.18 -32.51
CA ARG B 433 4.51 38.08 -33.03
C ARG B 433 3.61 37.05 -33.69
N ILE B 434 4.13 36.45 -34.77
CA ILE B 434 3.46 35.39 -35.50
C ILE B 434 4.44 34.25 -35.70
N SER B 435 4.02 33.04 -35.34
CA SER B 435 4.85 31.86 -35.27
C SER B 435 5.04 31.20 -36.63
N LYS B 436 6.12 30.42 -36.73
CA LYS B 436 6.38 29.68 -37.95
C LYS B 436 5.26 28.70 -38.28
N GLU B 437 4.65 28.10 -37.25
CA GLU B 437 3.58 27.15 -37.51
C GLU B 437 2.36 27.84 -38.12
N ALA B 438 2.00 29.02 -37.59
CA ALA B 438 0.86 29.75 -38.14
C ALA B 438 1.13 30.16 -39.58
N PHE B 439 2.37 30.55 -39.88
CA PHE B 439 2.70 30.91 -41.26
C PHE B 439 2.66 29.69 -42.18
N ALA B 440 3.15 28.55 -41.69
CA ALA B 440 3.14 27.32 -42.49
C ALA B 440 1.71 26.83 -42.72
N LYS B 441 0.79 27.18 -41.82
CA LYS B 441 -0.60 26.83 -41.98
C LYS B 441 -1.33 27.78 -42.92
N GLY B 442 -0.66 28.83 -43.38
CA GLY B 442 -1.24 29.78 -44.33
C GLY B 442 -1.68 31.10 -43.76
N ALA B 443 -1.48 31.34 -42.47
CA ALA B 443 -1.89 32.61 -41.87
C ALA B 443 -1.08 33.77 -42.44
N ARG B 444 -1.78 34.88 -42.72
CA ARG B 444 -1.18 36.13 -43.17
C ARG B 444 -1.97 37.26 -42.53
N LEU B 445 -1.53 38.51 -42.75
CA LEU B 445 -2.09 39.62 -42.01
C LEU B 445 -3.57 39.82 -42.29
N LYS B 446 -4.04 39.42 -43.48
CA LYS B 446 -5.46 39.55 -43.76
C LYS B 446 -6.30 38.73 -42.79
N HIS B 447 -5.77 37.59 -42.34
CA HIS B 447 -6.49 36.79 -41.35
C HIS B 447 -6.53 37.48 -40.00
N LEU B 448 -5.48 38.21 -39.63
CA LEU B 448 -5.55 39.00 -38.41
C LEU B 448 -6.63 40.07 -38.53
N GLY B 449 -6.75 40.68 -39.70
CA GLY B 449 -7.79 41.68 -39.87
C GLY B 449 -9.19 41.08 -39.86
N GLN B 450 -9.34 39.91 -40.46
CA GLN B 450 -10.64 39.24 -40.45
C GLN B 450 -11.02 38.83 -39.02
N LEU B 451 -10.02 38.41 -38.24
CA LEU B 451 -10.29 38.06 -36.85
C LEU B 451 -10.75 39.27 -36.06
N LEU B 452 -10.04 40.38 -36.21
CA LEU B 452 -10.43 41.59 -35.48
C LEU B 452 -11.83 42.03 -35.87
N TYR B 453 -12.15 41.97 -37.17
CA TYR B 453 -13.47 42.41 -37.61
C TYR B 453 -14.56 41.52 -37.02
N ALA B 454 -14.40 40.20 -37.14
CA ALA B 454 -15.44 39.30 -36.68
C ALA B 454 -15.62 39.41 -35.17
N LYS B 455 -14.52 39.55 -34.42
CA LYS B 455 -14.66 39.62 -32.97
C LYS B 455 -15.29 40.93 -32.53
N PHE B 456 -14.92 42.05 -33.16
CA PHE B 456 -15.55 43.31 -32.81
C PHE B 456 -17.03 43.30 -33.14
N LYS B 457 -17.42 42.64 -34.24
CA LYS B 457 -18.84 42.56 -34.55
C LYS B 457 -19.58 41.69 -33.54
N GLN B 458 -18.99 40.55 -33.17
CA GLN B 458 -19.66 39.65 -32.24
C GLN B 458 -19.79 40.25 -30.84
N GLU B 459 -18.79 41.01 -30.40
CA GLU B 459 -18.77 41.43 -29.01
C GLU B 459 -19.56 42.71 -28.73
N PHE B 460 -19.77 43.56 -29.73
CA PHE B 460 -20.46 44.83 -29.54
C PHE B 460 -21.52 45.04 -30.61
N PRO B 461 -22.45 44.09 -30.74
CA PRO B 461 -23.54 44.28 -31.73
C PRO B 461 -24.34 45.56 -31.50
N SER B 462 -24.54 45.95 -30.24
CA SER B 462 -25.42 47.06 -29.93
C SER B 462 -24.89 48.39 -30.43
N ILE B 463 -23.58 48.55 -30.58
CA ILE B 463 -22.99 49.85 -30.82
C ILE B 463 -22.18 49.94 -32.11
N VAL B 464 -21.73 48.83 -32.69
CA VAL B 464 -21.00 48.86 -33.95
C VAL B 464 -21.94 48.41 -35.06
N ASP B 465 -22.30 49.32 -35.95
CA ASP B 465 -23.07 48.97 -37.14
C ASP B 465 -22.18 48.62 -38.32
N ARG B 466 -21.05 49.29 -38.46
CA ARG B 466 -20.09 49.00 -39.52
C ARG B 466 -18.68 49.08 -38.95
N VAL B 467 -17.82 48.19 -39.44
CA VAL B 467 -16.45 48.07 -38.94
C VAL B 467 -15.53 47.82 -40.12
N GLN B 468 -14.35 48.42 -40.08
CA GLN B 468 -13.35 48.27 -41.14
C GLN B 468 -11.98 48.17 -40.52
N VAL B 469 -11.11 47.36 -41.12
CA VAL B 469 -9.79 47.09 -40.56
C VAL B 469 -8.74 47.26 -41.65
N THR B 470 -7.76 48.11 -41.38
CA THR B 470 -6.62 48.31 -42.28
C THR B 470 -5.33 48.04 -41.52
N ILE B 471 -4.45 47.25 -42.12
CA ILE B 471 -3.16 46.90 -41.55
C ILE B 471 -2.10 47.46 -42.49
N TYR B 472 -1.39 48.49 -42.04
CA TYR B 472 -0.33 49.11 -42.81
C TYR B 472 1.01 48.52 -42.39
N THR B 473 1.85 48.16 -43.36
CA THR B 473 3.18 47.66 -43.07
C THR B 473 4.30 48.49 -43.68
N ASP B 474 3.98 49.56 -44.41
CA ASP B 474 5.02 50.48 -44.87
C ASP B 474 5.46 51.34 -43.70
N GLU B 475 6.77 51.48 -43.51
CA GLU B 475 7.25 52.06 -42.26
C GLU B 475 6.82 53.52 -42.12
N GLN B 476 6.93 54.31 -43.18
CA GLN B 476 6.66 55.74 -43.05
C GLN B 476 5.17 56.07 -43.09
N LYS B 477 4.36 55.28 -43.80
CA LYS B 477 2.92 55.46 -43.66
C LYS B 477 2.48 55.14 -42.23
N VAL B 478 3.12 54.13 -41.62
CA VAL B 478 2.86 53.81 -40.23
C VAL B 478 3.30 54.97 -39.33
N LEU B 479 4.46 55.56 -39.63
CA LEU B 479 4.93 56.69 -38.83
C LEU B 479 3.98 57.88 -38.95
N GLU B 480 3.39 58.07 -40.13
CA GLU B 480 2.44 59.16 -40.31
C GLU B 480 1.16 58.92 -39.52
N LEU B 481 0.59 57.71 -39.65
CA LEU B 481 -0.66 57.43 -38.94
C LEU B 481 -0.45 57.35 -37.43
N ARG B 482 0.76 57.04 -36.97
CA ARG B 482 1.02 56.99 -35.54
C ARG B 482 0.82 58.34 -34.88
N GLU B 483 1.03 59.43 -35.62
CA GLU B 483 0.79 60.76 -35.04
C GLU B 483 -0.69 61.02 -34.82
N ILE B 484 -1.53 60.57 -35.75
CA ILE B 484 -2.98 60.68 -35.54
C ILE B 484 -3.39 59.83 -34.34
N ALA B 485 -2.84 58.62 -34.26
CA ALA B 485 -3.16 57.76 -33.13
C ALA B 485 -2.70 58.39 -31.81
N ARG B 486 -1.54 59.05 -31.84
CA ARG B 486 -1.03 59.72 -30.64
C ARG B 486 -1.88 60.92 -30.26
N LYS B 487 -2.45 61.62 -31.24
CA LYS B 487 -3.39 62.69 -30.92
C LYS B 487 -4.58 62.12 -30.16
N LYS B 488 -5.12 60.99 -30.63
CA LYS B 488 -6.23 60.37 -29.92
C LYS B 488 -5.81 59.89 -28.54
N TYR B 489 -4.59 59.33 -28.42
CA TYR B 489 -4.13 58.89 -27.10
C TYR B 489 -4.02 60.06 -26.15
N ALA B 490 -3.58 61.22 -26.65
CA ALA B 490 -3.43 62.38 -25.80
C ALA B 490 -4.78 62.90 -25.32
N GLU B 491 -5.78 62.92 -26.21
CA GLU B 491 -7.09 63.34 -25.73
C GLU B 491 -7.64 62.35 -24.70
N ARG B 492 -7.37 61.05 -24.88
CA ARG B 492 -7.84 60.07 -23.91
C ARG B 492 -7.15 60.28 -22.56
N ASP B 493 -5.85 60.56 -22.58
CA ASP B 493 -5.14 60.84 -21.33
C ASP B 493 -5.69 62.09 -20.67
N ALA B 494 -6.06 63.10 -21.47
CA ALA B 494 -6.61 64.33 -20.90
C ALA B 494 -7.95 64.08 -20.25
N ARG B 495 -8.79 63.25 -20.87
CA ARG B 495 -10.07 62.92 -20.24
C ARG B 495 -9.83 62.15 -18.94
N LEU B 496 -8.85 61.25 -18.94
CA LEU B 496 -8.56 60.49 -17.72
C LEU B 496 -8.00 61.39 -16.61
N ARG B 497 -7.25 62.43 -16.97
CA ARG B 497 -6.61 63.25 -15.96
C ARG B 497 -7.61 63.99 -15.09
N GLU B 498 -8.79 64.27 -15.62
CA GLU B 498 -9.77 65.07 -14.90
C GLU B 498 -10.58 64.27 -13.89
N LEU B 499 -10.51 62.95 -13.90
CA LEU B 499 -11.35 62.12 -13.06
C LEU B 499 -10.70 61.90 -11.71
N SER B 500 -11.47 62.14 -10.65
CA SER B 500 -11.04 61.93 -9.27
C SER B 500 -12.23 61.44 -8.48
N ASP B 501 -11.96 60.89 -7.29
CA ASP B 501 -13.06 60.47 -6.43
C ASP B 501 -13.95 61.66 -6.06
N GLU B 502 -13.36 62.86 -5.98
CA GLU B 502 -14.13 64.03 -5.55
C GLU B 502 -14.90 64.65 -6.72
N ALA B 503 -14.28 64.74 -7.89
CA ALA B 503 -14.92 65.41 -9.01
C ALA B 503 -16.11 64.63 -9.55
N VAL B 504 -16.10 63.33 -9.37
CA VAL B 504 -17.13 62.46 -9.93
C VAL B 504 -18.27 62.30 -8.92
N ASP B 505 -19.52 62.30 -9.32
CA ASP B 505 -20.67 62.15 -8.44
C ASP B 505 -21.24 60.74 -8.45
N THR B 506 -20.65 59.81 -9.21
CA THR B 506 -21.21 58.48 -9.37
C THR B 506 -20.07 57.47 -9.43
N TYR B 507 -20.13 56.46 -8.57
CA TYR B 507 -19.24 55.30 -8.69
C TYR B 507 -20.02 54.16 -9.32
N TYR B 508 -19.35 53.05 -9.62
CA TYR B 508 -20.03 51.98 -10.32
C TYR B 508 -19.82 50.65 -9.62
N SER B 509 -20.91 49.91 -9.45
CA SER B 509 -20.83 48.56 -8.93
C SER B 509 -20.26 47.63 -9.98
N CYS B 510 -19.76 46.48 -9.54
CA CYS B 510 -19.42 45.39 -10.41
C CYS B 510 -19.85 44.07 -9.65
N LEU B 511 -20.76 43.33 -10.25
CA LEU B 511 -21.26 42.07 -9.74
C LEU B 511 -20.89 40.91 -10.65
N LEU B 512 -19.94 41.12 -11.56
CA LEU B 512 -19.65 40.11 -12.58
C LEU B 512 -19.25 38.78 -11.95
N CYS B 513 -18.60 38.87 -10.80
CA CYS B 513 -18.10 37.73 -10.08
C CYS B 513 -19.12 37.01 -9.19
N GLN B 514 -20.33 37.52 -9.11
CA GLN B 514 -21.36 36.88 -8.31
C GLN B 514 -21.78 35.54 -8.89
N SER B 515 -21.46 35.28 -10.16
CA SER B 515 -21.72 33.97 -10.73
C SER B 515 -20.96 32.88 -9.97
N PHE B 516 -19.83 33.23 -9.34
CA PHE B 516 -19.10 32.31 -8.50
C PHE B 516 -18.92 32.76 -7.06
N ALA B 517 -19.11 34.05 -6.76
CA ALA B 517 -18.95 34.59 -5.41
C ALA B 517 -20.20 35.39 -5.07
N PRO B 518 -21.29 34.71 -4.71
CA PRO B 518 -22.60 35.39 -4.63
C PRO B 518 -22.64 36.58 -3.67
N THR B 519 -21.90 36.55 -2.57
CA THR B 519 -22.00 37.63 -1.60
C THR B 519 -21.05 38.79 -1.88
N HIS B 520 -20.15 38.68 -2.86
CA HIS B 520 -19.15 39.71 -3.06
C HIS B 520 -19.63 40.78 -4.04
N VAL B 521 -19.37 42.03 -3.67
CA VAL B 521 -19.72 43.19 -4.47
C VAL B 521 -18.48 44.07 -4.56
N CYS B 522 -18.10 44.51 -5.76
CA CYS B 522 -17.04 45.45 -5.95
C CYS B 522 -17.62 46.87 -6.20
N ILE B 523 -17.01 47.88 -5.65
CA ILE B 523 -17.35 49.27 -5.93
C ILE B 523 -16.12 49.88 -6.60
N VAL B 524 -16.28 50.30 -7.85
CA VAL B 524 -15.20 50.88 -8.63
C VAL B 524 -15.38 52.39 -8.63
N SER B 525 -14.30 53.09 -8.32
CA SER B 525 -14.22 54.54 -8.23
C SER B 525 -13.06 54.98 -9.11
N PRO B 526 -13.03 56.25 -9.51
CA PRO B 526 -11.99 56.67 -10.46
C PRO B 526 -10.58 56.38 -9.97
N GLU B 527 -10.35 56.42 -8.66
CA GLU B 527 -9.04 56.18 -8.09
C GLU B 527 -8.90 54.84 -7.37
N ARG B 528 -9.84 53.91 -7.58
CA ARG B 528 -9.69 52.55 -7.06
C ARG B 528 -10.22 51.58 -8.12
N VAL B 529 -9.28 50.97 -8.85
CA VAL B 529 -9.65 49.95 -9.83
C VAL B 529 -10.20 48.73 -9.11
N GLY B 530 -10.99 47.95 -9.85
CA GLY B 530 -11.45 46.69 -9.31
C GLY B 530 -10.29 45.75 -9.02
N LEU B 531 -10.48 44.90 -8.01
CA LEU B 531 -9.40 44.05 -7.55
C LEU B 531 -8.94 43.08 -8.63
N CYS B 532 -9.70 42.82 -9.65
CA CYS B 532 -9.18 41.98 -10.72
C CYS B 532 -8.12 42.78 -11.48
N GLY B 533 -8.13 44.10 -11.40
CA GLY B 533 -7.16 44.90 -12.12
C GLY B 533 -7.58 45.24 -13.52
N ALA B 534 -8.72 44.72 -13.98
CA ALA B 534 -9.15 44.90 -15.36
C ALA B 534 -10.35 45.83 -15.52
N ILE B 535 -11.00 46.24 -14.44
CA ILE B 535 -12.20 47.07 -14.53
C ILE B 535 -11.91 48.38 -13.82
N SER B 536 -11.58 49.42 -14.59
CA SER B 536 -11.46 50.77 -14.09
C SER B 536 -12.83 51.46 -14.11
N TRP B 537 -12.90 52.65 -13.51
CA TRP B 537 -14.13 53.41 -13.47
C TRP B 537 -14.68 53.65 -14.88
N LEU B 538 -13.81 54.06 -15.80
CA LEU B 538 -14.28 54.28 -17.17
C LEU B 538 -14.78 52.98 -17.80
N ASP B 539 -14.16 51.84 -17.46
CA ASP B 539 -14.61 50.57 -18.02
C ASP B 539 -16.02 50.24 -17.53
N ALA B 540 -16.27 50.39 -16.23
CA ALA B 540 -17.60 50.09 -15.70
C ALA B 540 -18.63 51.05 -16.26
N LYS B 541 -18.26 52.32 -16.45
CA LYS B 541 -19.21 53.27 -17.00
C LYS B 541 -19.58 52.91 -18.42
N ALA B 542 -18.58 52.55 -19.24
CA ALA B 542 -18.88 52.14 -20.61
C ALA B 542 -19.70 50.86 -20.64
N ALA B 543 -19.41 49.93 -19.73
CA ALA B 543 -20.17 48.67 -19.72
C ALA B 543 -21.62 48.92 -19.36
N TYR B 544 -21.87 49.87 -18.45
CA TYR B 544 -23.27 50.19 -18.12
C TYR B 544 -23.95 50.91 -19.27
N GLU B 545 -23.23 51.83 -19.93
CA GLU B 545 -23.84 52.57 -21.03
C GLU B 545 -24.15 51.66 -22.21
N ILE B 546 -23.39 50.59 -22.37
CA ILE B 546 -23.71 49.63 -23.42
C ILE B 546 -24.83 48.70 -22.99
N ASN B 547 -24.73 48.21 -21.75
CA ASN B 547 -25.65 47.20 -21.19
C ASN B 547 -26.23 47.71 -19.88
N PRO B 548 -27.34 48.48 -19.87
CA PRO B 548 -27.94 48.97 -18.64
C PRO B 548 -28.51 47.88 -17.72
N ASN B 549 -28.72 46.71 -18.30
CA ASN B 549 -29.19 45.46 -17.68
C ASN B 549 -28.04 44.71 -17.03
N GLY B 550 -26.73 45.06 -17.25
CA GLY B 550 -25.56 44.27 -16.94
C GLY B 550 -25.16 44.38 -15.48
N PRO B 551 -24.04 43.72 -15.15
CA PRO B 551 -23.59 43.67 -13.76
C PRO B 551 -22.92 44.95 -13.25
N ASN B 552 -22.81 45.99 -14.06
CA ASN B 552 -22.28 47.28 -13.63
C ASN B 552 -23.42 48.29 -13.59
N GLN B 553 -23.60 48.94 -12.42
CA GLN B 553 -24.65 49.92 -12.28
C GLN B 553 -24.11 51.20 -11.66
N PRO B 554 -24.60 52.37 -12.07
CA PRO B 554 -24.24 53.60 -11.35
C PRO B 554 -24.77 53.59 -9.93
N ILE B 555 -24.00 54.17 -9.02
CA ILE B 555 -24.44 54.41 -7.65
C ILE B 555 -24.03 55.84 -7.32
N PRO B 556 -24.98 56.74 -7.05
CA PRO B 556 -24.61 58.11 -6.66
C PRO B 556 -23.89 58.12 -5.32
N LYS B 557 -22.99 59.10 -5.18
CA LYS B 557 -22.28 59.36 -3.92
C LYS B 557 -23.18 60.24 -3.06
N GLU B 558 -23.89 59.62 -2.12
CA GLU B 558 -24.86 60.35 -1.30
C GLU B 558 -24.88 59.75 0.09
N GLY B 559 -25.39 60.54 1.03
CA GLY B 559 -25.51 60.06 2.40
C GLY B 559 -24.19 59.89 3.12
N LEU B 560 -23.26 60.82 2.94
CA LEU B 560 -21.92 60.64 3.47
C LEU B 560 -21.97 60.38 4.98
N ILE B 561 -21.17 59.42 5.42
CA ILE B 561 -21.06 59.07 6.83
C ILE B 561 -19.68 59.40 7.38
N ASP B 562 -18.62 59.16 6.59
CA ASP B 562 -17.25 59.34 7.06
C ASP B 562 -16.39 59.75 5.87
N PRO B 563 -16.12 61.06 5.71
CA PRO B 563 -15.24 61.49 4.61
C PRO B 563 -13.84 60.90 4.67
N VAL B 564 -13.32 60.62 5.86
CA VAL B 564 -11.93 60.18 5.99
C VAL B 564 -11.77 58.73 5.55
N LYS B 565 -12.51 57.82 6.20
CA LYS B 565 -12.46 56.41 5.83
C LYS B 565 -13.22 56.11 4.55
N GLY B 566 -14.11 57.01 4.13
CA GLY B 566 -14.82 56.84 2.88
C GLY B 566 -16.03 55.93 2.97
N GLN B 567 -17.00 56.33 3.79
CA GLN B 567 -18.24 55.58 3.94
C GLN B 567 -19.42 56.46 3.54
N TRP B 568 -20.31 55.91 2.70
CA TRP B 568 -21.51 56.60 2.26
C TRP B 568 -22.70 55.67 2.43
N GLU B 569 -23.86 56.25 2.73
CA GLU B 569 -25.06 55.44 2.88
C GLU B 569 -25.44 54.75 1.57
N SER B 570 -25.17 55.39 0.43
CA SER B 570 -25.60 54.83 -0.84
C SER B 570 -24.86 53.53 -1.15
N PHE B 571 -23.53 53.55 -1.04
CA PHE B 571 -22.77 52.34 -1.28
C PHE B 571 -23.06 51.29 -0.22
N ASN B 572 -23.27 51.71 1.03
CA ASN B 572 -23.60 50.75 2.08
C ASN B 572 -24.88 50.01 1.75
N GLU B 573 -25.89 50.74 1.27
CA GLU B 573 -27.18 50.13 0.98
C GLU B 573 -27.08 49.23 -0.23
N TYR B 574 -26.40 49.67 -1.29
CA TYR B 574 -26.29 48.83 -2.47
C TYR B 574 -25.54 47.53 -2.14
N ILE B 575 -24.52 47.62 -1.30
CA ILE B 575 -23.75 46.42 -0.96
C ILE B 575 -24.55 45.50 -0.06
N TYR B 576 -25.25 46.06 0.93
CA TYR B 576 -26.06 45.26 1.82
C TYR B 576 -27.13 44.52 1.03
N LYS B 577 -27.66 45.16 -0.01
CA LYS B 577 -28.68 44.53 -0.81
C LYS B 577 -28.11 43.43 -1.70
N ASN B 578 -27.00 43.71 -2.39
CA ASN B 578 -26.41 42.80 -3.37
C ASN B 578 -25.45 41.80 -2.74
N SER B 579 -25.27 41.84 -1.43
CA SER B 579 -24.50 40.85 -0.68
C SER B 579 -25.39 39.86 0.06
N GLN B 580 -26.67 39.78 -0.30
CA GLN B 580 -27.64 38.98 0.44
C GLN B 580 -27.60 39.34 1.93
N ARG B 581 -27.60 40.64 2.21
CA ARG B 581 -27.70 41.17 3.57
C ARG B 581 -26.59 40.64 4.46
N THR B 582 -25.41 40.40 3.90
CA THR B 582 -24.28 39.96 4.71
C THR B 582 -23.27 41.07 5.02
N ILE B 583 -23.18 42.10 4.18
CA ILE B 583 -22.21 43.17 4.35
C ILE B 583 -22.98 44.47 4.49
N GLU B 584 -22.87 45.09 5.67
CA GLU B 584 -23.66 46.29 5.96
C GLU B 584 -22.92 47.59 5.69
N ARG B 585 -21.59 47.61 5.83
CA ARG B 585 -20.83 48.85 5.73
C ARG B 585 -19.56 48.61 4.94
N MET B 586 -19.07 49.64 4.28
CA MET B 586 -17.88 49.54 3.46
C MET B 586 -17.11 50.88 3.51
N ASN B 587 -15.89 50.89 4.02
CA ASN B 587 -15.00 52.03 3.98
C ASN B 587 -14.09 51.93 2.76
N LEU B 588 -14.04 52.98 1.95
CA LEU B 588 -13.30 52.95 0.71
C LEU B 588 -11.80 53.22 0.87
N TYR B 589 -11.38 53.83 1.98
CA TYR B 589 -10.01 54.34 2.09
C TYR B 589 -9.21 53.65 3.19
N THR B 590 -9.69 52.50 3.68
CA THR B 590 -8.96 51.79 4.73
C THR B 590 -9.22 50.30 4.58
N ILE B 591 -8.28 49.51 5.11
CA ILE B 591 -8.50 48.08 5.25
C ILE B 591 -8.78 47.67 6.69
N MET B 592 -8.62 48.58 7.65
CA MET B 592 -8.68 48.20 9.06
C MET B 592 -10.10 48.16 9.61
N GLU B 593 -11.06 48.76 8.91
CA GLU B 593 -12.45 48.72 9.35
C GLU B 593 -13.35 48.69 8.13
N TYR B 594 -14.30 47.75 8.11
CA TYR B 594 -15.23 47.56 7.02
C TYR B 594 -14.53 47.64 5.66
N PRO B 595 -13.48 46.83 5.44
CA PRO B 595 -12.87 46.78 4.12
C PRO B 595 -13.82 46.21 3.07
N MET B 596 -13.64 46.65 1.83
CA MET B 596 -14.32 46.00 0.71
C MET B 596 -13.98 44.52 0.69
N THR B 597 -14.96 43.69 0.37
CA THR B 597 -14.73 42.26 0.32
C THR B 597 -14.01 41.87 -0.96
N SER B 598 -13.64 40.59 -1.06
CA SER B 598 -13.01 40.05 -2.25
C SER B 598 -13.66 38.73 -2.62
N CYS B 599 -13.70 38.43 -3.92
CA CYS B 599 -14.17 37.14 -4.38
C CYS B 599 -13.02 36.13 -4.37
N GLY B 600 -12.02 36.31 -5.23
CA GLY B 600 -10.88 35.33 -5.18
C GLY B 600 -9.80 35.62 -6.23
N CYS B 601 -10.13 36.55 -7.17
CA CYS B 601 -9.30 36.75 -8.32
C CYS B 601 -8.38 37.93 -8.11
N PHE B 602 -8.25 38.43 -6.85
CA PHE B 602 -7.45 39.62 -6.61
C PHE B 602 -6.03 39.44 -7.13
N GLU B 603 -5.51 40.50 -7.75
CA GLU B 603 -4.12 40.46 -8.21
C GLU B 603 -3.14 40.39 -7.04
N ALA B 604 -3.50 40.98 -5.90
CA ALA B 604 -2.60 41.02 -4.76
C ALA B 604 -3.39 41.17 -3.48
N ILE B 605 -2.73 40.89 -2.36
CA ILE B 605 -3.32 40.99 -1.04
C ILE B 605 -2.46 41.90 -0.18
N MET B 606 -3.11 42.79 0.55
CA MET B 606 -2.46 43.59 1.59
C MET B 606 -2.87 43.08 2.96
N ALA B 607 -1.94 43.18 3.91
CA ALA B 607 -2.22 42.81 5.29
C ALA B 607 -1.43 43.70 6.24
N TYR B 608 -2.07 44.10 7.33
CA TYR B 608 -1.40 44.89 8.35
C TYR B 608 -0.57 43.99 9.27
N LEU B 609 0.65 44.41 9.56
CA LEU B 609 1.54 43.70 10.47
C LEU B 609 1.80 44.61 11.65
N PRO B 610 1.15 44.38 12.79
CA PRO B 610 1.34 45.29 13.93
C PRO B 610 2.80 45.42 14.36
N GLU B 611 3.57 44.34 14.28
CA GLU B 611 4.95 44.37 14.73
C GLU B 611 5.82 45.28 13.88
N LEU B 612 5.44 45.54 12.64
CA LEU B 612 6.16 46.48 11.78
C LEU B 612 5.42 47.80 11.59
N ASN B 613 4.23 47.96 12.18
CA ASN B 613 3.49 49.20 12.08
C ASN B 613 3.18 49.59 10.64
N GLY B 614 2.90 48.59 9.80
CA GLY B 614 2.68 48.90 8.40
C GLY B 614 2.16 47.70 7.62
N PHE B 615 2.01 47.92 6.32
CA PHE B 615 1.40 46.95 5.42
C PHE B 615 2.45 46.09 4.73
N MET B 616 2.16 44.80 4.62
CA MET B 616 2.78 43.94 3.63
C MET B 616 1.83 43.79 2.45
N ILE B 617 2.40 43.56 1.27
CA ILE B 617 1.65 43.28 0.05
C ILE B 617 2.28 42.07 -0.62
N VAL B 618 1.45 41.20 -1.18
CA VAL B 618 1.94 40.00 -1.86
C VAL B 618 1.04 39.70 -3.04
N ASN B 619 1.64 39.56 -4.22
CA ASN B 619 0.91 39.30 -5.46
C ASN B 619 0.71 37.80 -5.66
N ARG B 620 -0.27 37.46 -6.50
CA ARG B 620 -0.62 36.06 -6.67
C ARG B 620 0.54 35.25 -7.21
N GLU B 621 1.40 35.86 -8.02
CA GLU B 621 2.49 35.14 -8.66
C GLU B 621 3.66 34.87 -7.73
N HIS B 622 3.70 35.47 -6.55
CA HIS B 622 4.85 35.32 -5.67
C HIS B 622 4.80 33.97 -4.96
N SER B 623 5.85 33.18 -5.11
CA SER B 623 6.06 31.99 -4.32
C SER B 623 7.05 32.32 -3.20
N GLY B 624 6.67 32.02 -1.97
CA GLY B 624 7.53 32.27 -0.82
C GLY B 624 6.75 32.74 0.39
N MET B 625 7.36 32.56 1.56
CA MET B 625 6.77 33.02 2.80
C MET B 625 6.81 34.55 2.88
N THR B 626 5.85 35.11 3.60
CA THR B 626 5.71 36.54 3.84
C THR B 626 5.76 36.80 5.34
N PRO B 627 6.08 38.02 5.75
CA PRO B 627 6.32 38.29 7.18
C PRO B 627 5.13 37.96 8.07
N ILE B 628 3.92 37.90 7.53
CA ILE B 628 2.76 37.53 8.34
C ILE B 628 2.77 36.02 8.62
N GLY B 629 3.76 35.32 8.09
CA GLY B 629 3.83 33.89 8.30
C GLY B 629 2.96 33.06 7.39
N MET B 630 2.55 33.62 6.28
CA MET B 630 1.68 32.91 5.33
C MET B 630 2.14 33.15 3.89
N THR B 631 1.91 32.20 3.00
CA THR B 631 2.07 32.37 1.58
C THR B 631 0.84 33.10 1.01
N PHE B 632 0.92 33.46 -0.27
CA PHE B 632 -0.23 34.10 -0.89
C PHE B 632 -1.46 33.19 -0.84
N SER B 633 -1.29 31.89 -1.06
CA SER B 633 -2.45 31.01 -1.14
C SER B 633 -3.15 30.91 0.22
N THR B 634 -2.39 30.79 1.29
CA THR B 634 -2.98 30.73 2.62
C THR B 634 -3.73 32.01 2.95
N LEU B 635 -3.14 33.16 2.62
CA LEU B 635 -3.81 34.42 2.88
C LEU B 635 -5.08 34.56 2.05
N ALA B 636 -5.01 34.13 0.78
CA ALA B 636 -6.19 34.22 -0.09
C ALA B 636 -7.31 33.34 0.42
N GLY B 637 -6.96 32.25 1.09
CA GLY B 637 -8.00 31.44 1.71
C GLY B 637 -8.82 32.22 2.72
N MET B 638 -8.18 33.17 3.41
CA MET B 638 -8.88 34.01 4.36
C MET B 638 -9.55 35.23 3.73
N VAL B 639 -8.92 35.81 2.70
CA VAL B 639 -9.37 37.11 2.21
C VAL B 639 -10.52 36.98 1.22
N GLY B 640 -10.56 35.91 0.44
CA GLY B 640 -11.58 35.76 -0.58
C GLY B 640 -12.87 35.18 -0.04
N GLY B 641 -13.81 34.96 -0.95
CA GLY B 641 -15.09 34.39 -0.60
C GLY B 641 -16.15 35.38 -0.18
N GLY B 642 -15.87 36.67 -0.23
CA GLY B 642 -16.90 37.65 0.05
C GLY B 642 -17.17 37.93 1.51
N THR B 643 -16.24 37.62 2.40
CA THR B 643 -16.35 37.99 3.80
C THR B 643 -15.48 39.20 4.11
N GLN B 644 -15.96 40.02 5.06
CA GLN B 644 -15.25 41.23 5.45
C GLN B 644 -14.13 40.87 6.44
N THR B 645 -12.92 41.34 6.14
CA THR B 645 -11.72 40.92 6.86
C THR B 645 -10.90 42.13 7.27
N PRO B 646 -11.25 42.79 8.36
CA PRO B 646 -10.45 43.95 8.78
C PRO B 646 -9.00 43.55 9.00
N GLY B 647 -8.09 44.41 8.54
CA GLY B 647 -6.68 44.10 8.53
C GLY B 647 -6.18 43.36 7.32
N PHE B 648 -7.05 43.01 6.37
CA PHE B 648 -6.65 42.32 5.14
C PHE B 648 -7.51 42.84 4.00
N MET B 649 -6.94 42.87 2.80
CA MET B 649 -7.76 43.29 1.66
C MET B 649 -7.14 42.87 0.33
N GLY B 650 -8.01 42.50 -0.61
CA GLY B 650 -7.57 42.16 -1.96
C GLY B 650 -7.65 43.38 -2.87
N ILE B 651 -6.64 43.51 -3.75
CA ILE B 651 -6.47 44.72 -4.53
C ILE B 651 -5.90 44.38 -5.90
N GLY B 652 -6.18 45.23 -6.87
CA GLY B 652 -5.41 45.25 -8.09
C GLY B 652 -4.06 45.92 -7.87
N LYS B 653 -3.08 45.51 -8.68
CA LYS B 653 -1.75 46.08 -8.54
C LYS B 653 -1.77 47.59 -8.79
N SER B 654 -2.56 48.02 -9.77
CA SER B 654 -2.65 49.43 -10.14
C SER B 654 -2.96 50.31 -8.94
N TYR B 655 -3.79 49.79 -8.04
CA TYR B 655 -4.27 50.58 -6.90
C TYR B 655 -3.12 51.04 -6.04
N ILE B 656 -2.00 50.33 -6.05
CA ILE B 656 -0.87 50.75 -5.22
C ILE B 656 -0.39 52.13 -5.64
N GLY B 657 -0.57 52.49 -6.91
CA GLY B 657 -0.16 53.78 -7.41
C GLY B 657 -1.17 54.89 -7.27
N SER B 658 -2.35 54.61 -6.73
CA SER B 658 -3.40 55.62 -6.64
C SER B 658 -3.12 56.64 -5.54
N ARG B 659 -3.56 57.87 -5.78
CA ARG B 659 -3.47 58.89 -4.75
C ARG B 659 -4.33 58.53 -3.55
N LYS B 660 -5.41 57.78 -3.77
CA LYS B 660 -6.31 57.37 -2.70
C LYS B 660 -5.93 56.02 -2.08
N PHE B 661 -4.82 55.42 -2.51
CA PHE B 661 -4.39 54.12 -1.98
C PHE B 661 -4.43 54.13 -0.46
N VAL B 662 -5.39 53.39 0.10
CA VAL B 662 -5.64 53.32 1.55
C VAL B 662 -5.26 54.62 2.23
N LYS B 663 -5.83 55.73 1.76
CA LYS B 663 -5.38 57.04 2.21
C LYS B 663 -5.62 57.24 3.70
N ALA B 664 -6.72 56.69 4.23
CA ALA B 664 -6.99 56.84 5.65
C ALA B 664 -5.98 56.11 6.53
N ASP B 665 -5.34 55.06 5.99
CA ASP B 665 -4.36 54.27 6.73
C ASP B 665 -2.96 54.84 6.65
N GLY B 666 -2.76 55.93 5.90
CA GLY B 666 -1.44 56.48 5.66
C GLY B 666 -0.87 56.21 4.30
N GLY B 667 -1.57 55.45 3.45
CA GLY B 667 -1.17 55.34 2.07
C GLY B 667 0.15 54.64 1.88
N LEU B 668 0.84 55.03 0.80
CA LEU B 668 2.09 54.37 0.43
C LEU B 668 3.13 54.47 1.55
N ALA B 669 3.04 55.51 2.39
CA ALA B 669 4.01 55.67 3.46
C ALA B 669 3.97 54.49 4.43
N ARG B 670 2.85 53.79 4.52
CA ARG B 670 2.74 52.68 5.47
C ARG B 670 3.17 51.34 4.89
N VAL B 671 3.56 51.27 3.62
CA VAL B 671 3.96 50.00 3.02
C VAL B 671 5.39 49.69 3.42
N VAL B 672 5.59 48.53 4.05
CA VAL B 672 6.90 48.15 4.55
C VAL B 672 7.47 46.91 3.87
N TRP B 673 6.68 46.10 3.17
CA TRP B 673 7.19 44.87 2.60
C TRP B 673 6.42 44.50 1.34
N MET B 674 7.14 44.29 0.25
CA MET B 674 6.62 43.77 -1.00
C MET B 674 7.64 42.83 -1.61
N PRO B 675 7.22 41.88 -2.43
CA PRO B 675 8.19 41.06 -3.17
C PRO B 675 9.01 41.93 -4.11
N LYS B 676 10.28 41.57 -4.28
CA LYS B 676 11.19 42.40 -5.06
C LYS B 676 10.66 42.62 -6.48
N ASP B 677 10.21 41.54 -7.13
CA ASP B 677 9.77 41.71 -8.51
C ASP B 677 8.50 42.54 -8.60
N LEU B 678 7.61 42.47 -7.60
CA LEU B 678 6.44 43.35 -7.61
C LEU B 678 6.87 44.80 -7.46
N LYS B 679 7.88 45.06 -6.64
CA LYS B 679 8.39 46.43 -6.47
C LYS B 679 9.02 46.94 -7.75
N GLU B 680 9.74 46.08 -8.49
CA GLU B 680 10.30 46.50 -9.77
C GLU B 680 9.22 46.71 -10.81
N GLN B 681 8.14 45.91 -10.75
CA GLN B 681 7.02 46.08 -11.68
C GLN B 681 6.38 47.45 -11.53
N LEU B 682 6.36 47.98 -10.31
CA LEU B 682 5.67 49.22 -10.00
C LEU B 682 6.64 50.36 -9.69
N ARG B 683 7.91 50.21 -10.06
CA ARG B 683 8.92 51.14 -9.58
C ARG B 683 8.62 52.57 -10.03
N SER B 684 8.11 52.74 -11.25
CA SER B 684 7.93 54.09 -11.77
C SER B 684 6.78 54.80 -11.06
N ILE B 685 5.63 54.16 -10.96
CA ILE B 685 4.50 54.78 -10.29
C ILE B 685 4.79 54.95 -8.81
N ILE B 686 5.52 54.01 -8.21
CA ILE B 686 5.86 54.15 -6.80
C ILE B 686 6.77 55.35 -6.59
N GLU B 687 7.75 55.55 -7.48
CA GLU B 687 8.65 56.69 -7.33
C GLU B 687 7.90 58.00 -7.54
N GLU B 688 7.00 58.04 -8.53
CA GLU B 688 6.25 59.27 -8.76
C GLU B 688 5.37 59.61 -7.57
N ARG B 689 4.60 58.63 -7.08
CA ARG B 689 3.71 58.96 -5.97
C ARG B 689 4.49 59.27 -4.70
N ALA B 690 5.63 58.60 -4.47
CA ALA B 690 6.43 58.91 -3.29
C ALA B 690 6.98 60.32 -3.36
N GLU B 691 7.37 60.77 -4.56
CA GLU B 691 7.80 62.16 -4.69
C GLU B 691 6.63 63.12 -4.47
N GLU B 692 5.44 62.74 -4.92
CA GLU B 692 4.27 63.59 -4.71
C GLU B 692 3.93 63.70 -3.23
N GLU B 693 4.12 62.62 -2.47
CA GLU B 693 3.76 62.60 -1.05
C GLU B 693 4.80 63.25 -0.15
N GLY B 694 5.97 63.60 -0.69
CA GLY B 694 7.08 64.04 0.13
C GLY B 694 7.88 62.95 0.77
N LEU B 695 7.70 61.70 0.36
CA LEU B 695 8.49 60.60 0.86
C LEU B 695 9.88 60.51 0.21
N GLY B 696 10.09 61.23 -0.88
CA GLY B 696 11.32 61.09 -1.64
C GLY B 696 11.24 59.99 -2.67
N ARG B 697 11.92 60.20 -3.80
CA ARG B 697 11.93 59.18 -4.85
C ARG B 697 12.65 57.92 -4.38
N ASP B 698 13.53 58.03 -3.40
CA ASP B 698 14.27 56.89 -2.87
C ASP B 698 13.48 56.08 -1.85
N PHE B 699 12.22 56.46 -1.60
CA PHE B 699 11.42 55.73 -0.62
C PHE B 699 11.28 54.27 -1.00
N ILE B 700 11.31 53.96 -2.29
CA ILE B 700 11.18 52.57 -2.73
C ILE B 700 12.31 51.73 -2.16
N ASP B 701 13.48 52.32 -1.93
CA ASP B 701 14.59 51.58 -1.36
C ASP B 701 14.38 51.25 0.11
N LYS B 702 13.51 51.98 0.79
CA LYS B 702 13.24 51.70 2.20
C LYS B 702 12.23 50.58 2.40
N ILE B 703 11.55 50.13 1.36
CA ILE B 703 10.59 49.03 1.50
C ILE B 703 11.36 47.72 1.46
N ALA B 704 11.15 46.90 2.47
CA ALA B 704 11.78 45.59 2.54
C ALA B 704 11.15 44.63 1.53
N ASP B 705 11.91 43.61 1.15
CA ASP B 705 11.41 42.56 0.27
C ASP B 705 11.98 41.23 0.75
N GLU B 706 11.72 40.16 0.00
CA GLU B 706 12.12 38.83 0.45
C GLU B 706 13.64 38.69 0.52
N THR B 707 14.39 39.46 -0.27
CA THR B 707 15.84 39.42 -0.14
C THR B 707 16.30 40.03 1.19
N VAL B 708 15.47 40.89 1.79
CA VAL B 708 15.73 41.34 3.15
C VAL B 708 15.33 40.27 4.16
N GLY B 709 14.18 39.65 3.95
CA GLY B 709 13.70 38.62 4.85
C GLY B 709 12.25 38.31 4.62
N THR B 710 11.79 37.25 5.29
CA THR B 710 10.42 36.78 5.18
C THR B 710 9.75 36.69 6.55
N THR B 711 10.39 37.18 7.61
CA THR B 711 9.85 37.18 8.95
C THR B 711 10.00 38.57 9.54
N VAL B 712 9.22 38.84 10.59
CA VAL B 712 9.26 40.17 11.20
C VAL B 712 10.65 40.45 11.78
N ASP B 713 11.29 39.43 12.35
CA ASP B 713 12.57 39.65 13.01
C ASP B 713 13.68 39.99 12.02
N GLU B 714 13.57 39.50 10.78
CA GLU B 714 14.55 39.85 9.77
C GLU B 714 14.26 41.20 9.14
N VAL B 715 12.99 41.61 9.09
CA VAL B 715 12.60 42.80 8.35
C VAL B 715 12.67 44.04 9.23
N LEU B 716 12.29 43.93 10.49
CA LEU B 716 12.23 45.11 11.35
C LEU B 716 13.59 45.81 11.47
N PRO B 717 14.70 45.11 11.70
CA PRO B 717 15.99 45.82 11.77
C PRO B 717 16.30 46.59 10.51
N PHE B 718 15.90 46.06 9.34
CA PHE B 718 16.14 46.78 8.08
C PHE B 718 15.32 48.06 8.02
N LEU B 719 14.05 48.00 8.43
CA LEU B 719 13.22 49.19 8.43
C LEU B 719 13.73 50.22 9.42
N GLU B 720 14.27 49.75 10.55
CA GLU B 720 14.80 50.70 11.53
C GLU B 720 16.06 51.38 11.02
N GLU B 721 16.96 50.64 10.37
CA GLU B 721 18.20 51.23 9.86
C GLU B 721 18.02 52.07 8.61
N LYS B 722 16.94 51.84 7.86
CA LYS B 722 16.65 52.75 6.76
C LYS B 722 15.71 53.89 7.15
N GLY B 723 15.27 53.95 8.41
CA GLY B 723 14.45 55.05 8.87
C GLY B 723 13.07 55.12 8.24
N HIS B 724 12.44 53.97 8.02
CA HIS B 724 11.17 53.95 7.33
C HIS B 724 10.14 54.76 8.10
N PRO B 725 9.44 55.71 7.44
CA PRO B 725 8.52 56.59 8.20
C PRO B 725 7.43 55.84 8.94
N ALA B 726 7.02 54.68 8.45
CA ALA B 726 5.90 53.97 9.06
C ALA B 726 6.17 53.63 10.52
N LEU B 727 7.45 53.43 10.88
CA LEU B 727 7.76 53.08 12.27
C LEU B 727 7.41 54.20 13.24
N SER B 728 7.48 55.46 12.79
CA SER B 728 7.15 56.60 13.65
C SER B 728 5.73 57.09 13.46
N MET B 729 4.94 56.45 12.58
CA MET B 729 3.55 56.82 12.42
C MET B 729 2.69 56.21 13.52
N GLU B 730 1.49 56.75 13.68
CA GLU B 730 0.59 56.23 14.69
C GLU B 730 0.27 54.77 14.36
N PRO B 731 0.28 53.87 15.33
CA PRO B 731 -0.13 52.50 15.03
C PRO B 731 -1.58 52.44 14.56
N LEU B 732 -1.82 51.60 13.56
CA LEU B 732 -3.17 51.23 13.18
C LEU B 732 -3.66 50.20 14.17
N LEU B 733 -4.98 50.10 14.33
CA LEU B 733 -5.47 49.07 15.25
C LEU B 733 -5.48 49.59 16.69
FE1 SF4 C . 10.51 -45.14 11.73
FE2 SF4 C . 12.25 -44.37 9.79
FE3 SF4 C . 12.33 -43.15 12.22
FE4 SF4 C . 10.22 -42.71 10.54
S1 SF4 C . 12.40 -42.13 10.19
S2 SF4 C . 10.11 -43.16 12.77
S3 SF4 C . 10.02 -44.75 9.55
S4 SF4 C . 12.79 -45.34 11.77
C UWE D . 8.47 -37.81 9.32
O UWE D . 7.92 -36.78 9.68
NI UWE D . 9.34 -39.28 8.87
NI NI E . 11.43 -38.22 7.42
CL CL F . -2.65 -0.68 -10.05
CL CL G . 7.01 -19.21 -12.80
FE1 SF4 H . -15.90 42.99 -11.32
FE2 SF4 H . -14.59 43.05 -8.95
FE3 SF4 H . -13.20 42.63 -11.27
FE4 SF4 H . -14.87 40.69 -10.28
S1 SF4 H . -12.98 41.48 -9.31
S2 SF4 H . -14.72 41.41 -12.45
S3 SF4 H . -16.54 41.97 -9.40
S4 SF4 H . -14.32 44.52 -10.68
C UWE I . -13.33 35.65 -9.81
O UWE I . -13.13 34.68 -10.18
NI UWE I . -13.68 37.28 -9.16
NI NI J . -11.80 37.32 -7.01
O2 UW8 K . 13.33 3.92 1.39
C10 UW8 K . 11.95 6.09 -3.24
O1 UW8 K . 12.85 1.81 0.21
C6 UW8 K . 16.12 2.69 -0.40
C4 UW8 K . 15.00 4.46 3.47
C2 UW8 K . 14.50 3.12 1.50
C1 UW8 K . 14.09 1.78 0.95
C3 UW8 K . 14.90 3.04 2.96
C5 UW8 K . 15.63 3.69 0.64
C7 UW8 K . 13.81 4.97 -1.81
C9 UW8 K . 12.55 6.99 -2.18
C12 UW8 K . 13.27 7.98 0.50
C13 UW8 K . 9.56 2.18 -0.65
C11 UW8 K . 13.97 6.78 -0.10
C8 UW8 K . 13.06 6.06 -1.10
C14 UW8 K . 9.37 2.64 0.77
C15 UW8 K . 8.02 3.32 0.98
C17 UW8 K . 9.35 1.41 1.69
C18 UW8 K . 10.52 0.50 1.39
O10 UW8 K . 14.82 5.14 -2.46
O11 UW8 K . 10.97 5.39 -2.90
O12 UW8 K . 12.46 6.04 -4.38
O13 UW8 K . 13.36 9.06 -0.10
O14 UW8 K . 12.64 7.84 1.57
O15 UW8 K . 10.79 2.64 -1.25
O16 UW8 K . 10.49 3.48 1.11
O17 UW8 K . 8.75 1.51 -1.25
O19 UW8 K . 6.54 4.66 0.53
O20 UW8 K . 11.52 0.57 2.14
O21 UW8 K . 10.44 -0.29 0.43
O3 UW8 K . 14.74 0.76 1.10
O4 UW8 K . 16.13 4.95 3.69
O5 UW8 K . 13.95 5.11 3.64
O6 UW8 K . 15.48 2.58 -1.46
O7 UW8 K . 17.15 2.01 -0.17
O8 UW8 K . 13.23 3.65 -1.63
O9 UW8 K . 11.97 5.42 -0.42
C16' UW8 K . 7.45 4.03 -0.21
O18' UW8 K . 8.68 4.63 -0.67
TI1 UW8 K . 12.05 3.65 0.06
H3A UW8 K . 14.14 2.49 3.53
H3B UW8 K . 15.85 2.52 3.07
H5B UW8 K . 16.47 3.97 1.29
H5A UW8 K . 15.28 4.59 0.13
H9A UW8 K . 13.35 7.60 -2.60
H9B UW8 K . 11.78 7.67 -1.78
H11B UW8 K . 14.88 7.10 -0.60
H11A UW8 K . 14.24 6.08 0.69
H15B UW8 K . 7.32 2.60 0.93
H15A UW8 K . 7.95 3.53 1.95
H17B UW8 K . 9.40 1.74 2.73
C1 MLI L . 18.18 39.28 -28.52
C2 MLI L . 18.92 39.78 -29.74
C3 MLI L . 17.00 40.16 -28.14
O6 MLI L . 18.73 39.17 -30.80
O7 MLI L . 19.68 40.75 -29.62
O8 MLI L . 16.32 39.82 -27.17
O9 MLI L . 16.80 41.16 -28.77
H11 MLI L . 18.79 39.24 -27.76
H12 MLI L . 17.85 38.38 -28.69
C1 MLI M . 4.98 19.52 0.16
C2 MLI M . 5.75 20.34 -0.84
C3 MLI M . 3.84 18.73 -0.47
O6 MLI M . 5.32 20.42 -1.94
O7 MLI M . 6.77 20.90 -0.48
O8 MLI M . 4.07 17.67 -1.01
O9 MLI M . 2.74 19.20 -0.40
H11 MLI M . 5.59 18.89 0.58
H12 MLI M . 4.61 20.11 0.85
C1 PEG N . 13.96 27.37 -53.14
O1 PEG N . 12.83 27.89 -53.77
C2 PEG N . 14.56 28.42 -52.20
O2 PEG N . 13.83 28.44 -51.00
C3 PEG N . 14.58 28.89 -49.90
C4 PEG N . 14.86 30.39 -50.05
O4 PEG N . 14.39 31.08 -48.93
H11 PEG N . 13.68 26.49 -52.56
H12 PEG N . 14.69 27.10 -53.88
HO1 PEG N . 13.00 28.77 -54.07
H21 PEG N . 15.60 28.16 -51.99
H22 PEG N . 14.51 29.39 -52.66
H31 PEG N . 14.01 28.73 -48.98
H32 PEG N . 15.51 28.36 -49.84
H41 PEG N . 15.92 30.55 -50.15
H42 PEG N . 14.35 30.76 -50.95
HO4 PEG N . 14.78 30.74 -48.15
C1 PEG O . -6.30 66.60 -29.90
O1 PEG O . -7.58 67.17 -29.88
C2 PEG O . -5.49 67.08 -28.70
O2 PEG O . -4.31 66.34 -28.59
C3 PEG O . -3.32 66.70 -29.51
C4 PEG O . -2.01 65.98 -29.17
O4 PEG O . -1.50 66.52 -27.98
H11 PEG O . -6.39 65.51 -29.84
H12 PEG O . -5.79 66.87 -30.82
HO1 PEG O . -7.65 67.80 -30.58
H21 PEG O . -5.24 68.13 -28.83
H22 PEG O . -6.07 66.97 -27.79
H31 PEG O . -3.64 66.40 -30.51
H32 PEG O . -3.17 67.77 -29.49
H41 PEG O . -2.20 64.93 -29.04
H42 PEG O . -1.30 66.13 -29.97
HO4 PEG O . -1.75 67.43 -27.90
C1 MLI P . -5.40 61.37 -10.30
C2 MLI P . -5.01 61.85 -11.69
C3 MLI P . -6.52 62.24 -9.76
O6 MLI P . -5.32 61.16 -12.70
O7 MLI P . -4.40 62.94 -11.83
O8 MLI P . -7.46 62.58 -10.53
O9 MLI P . -6.53 62.61 -8.56
H11 MLI P . -5.73 60.33 -10.34
H12 MLI P . -4.54 61.43 -9.64
C1 MLI Q . 5.39 25.21 -32.24
C2 MLI Q . 5.03 24.30 -33.41
C3 MLI Q . 4.64 26.53 -32.35
O6 MLI Q . 5.93 23.63 -33.99
O7 MLI Q . 3.83 24.20 -33.79
O8 MLI Q . 3.48 26.57 -32.85
O9 MLI Q . 5.18 27.60 -31.94
H11 MLI Q . 5.13 24.72 -31.31
H12 MLI Q . 6.46 25.40 -32.26
C1 MLI R . 0.43 47.89 17.30
C2 MLI R . 0.74 48.30 15.86
C3 MLI R . -0.93 47.20 17.36
O6 MLI R . 1.89 48.70 15.56
O7 MLI R . -0.15 48.24 14.97
O8 MLI R . -1.08 46.17 18.08
O9 MLI R . -1.91 47.66 16.71
H11 MLI R . 1.19 47.21 17.65
H12 MLI R . 0.41 48.77 17.92
C1 PEG S . -25.10 16.15 4.08
O1 PEG S . -25.05 15.39 2.93
C2 PEG S . -26.06 17.28 3.96
O2 PEG S . -25.44 18.41 3.37
C3 PEG S . -25.97 19.62 3.91
C4 PEG S . -24.90 20.60 3.88
O4 PEG S . -24.86 21.34 2.72
H11 PEG S . -25.36 15.58 4.83
H12 PEG S . -24.21 16.50 4.26
HO1 PEG S . -25.87 15.20 2.73
H21 PEG S . -26.83 17.00 3.41
H22 PEG S . -26.40 17.52 4.85
H31 PEG S . -26.74 19.93 3.37
H32 PEG S . -26.27 19.48 4.83
H41 PEG S . -25.00 21.20 4.64
H42 PEG S . -24.09 20.11 3.99
HO4 PEG S . -25.55 21.85 2.69
#